data_6JFL
#
_entry.id   6JFL
#
_cell.length_a   84.482
_cell.length_b   128.424
_cell.length_c   91.329
_cell.angle_alpha   90.00
_cell.angle_beta   106.27
_cell.angle_gamma   90.00
#
_symmetry.space_group_name_H-M   'P 1 21 1'
#
loop_
_entity.id
_entity.type
_entity.pdbx_description
1 polymer 'Mitofusin-2,cDNA FLJ57997, highly similar to Transmembrane GTPase MFN2'
2 non-polymer GLYCEROL
3 non-polymer 'CALCIUM ION'
4 water water
#
_entity_poly.entity_id   1
_entity_poly.type   'polypeptide(L)'
_entity_poly.pdbx_seq_one_letter_code
;GPHMGGSAEVNASPLKHFVTAKKKINGIFEQLGAYIQESATFLEDTYRNAELDPVTTEEQVLDVKGYLSKVRGISEVLAR
RHMKVAFFGRTSNGKSTVINAMLWDKVLPSGIGHTTNCFLRVEGTDGHEAFLLTEGSEEKRSAKTVNQLAHALHQDKQLH
AGSLVSVMWPNSKCPLLKDDLVLMDSPGIDVTTELDSWIDKFCLDADVFVLVANSESTLMQTEKHFFHKVSERLSRPNIF
ILNNRWDASASEPEYMEEVRRQHMERCTSFLVDELGVVDRSQAGDRIFFVSAKEVLNARIQKAQGMPEGGGALAEGFQVR
MFEFQNFERRFEECISQSAVKTKFEQHTVRAKQIAEAVRLIMDSLHMAAREQQVYCEEMREERQDRTRENLEQEIAAMNK
KIEVLDSLQSKAKLLRNKAGWLDSELNMFTHQYLQPSR
;
_entity_poly.pdbx_strand_id   A,B,C,D
#
loop_
_chem_comp.id
_chem_comp.type
_chem_comp.name
_chem_comp.formula
CA non-polymer 'CALCIUM ION' 'Ca 2'
GOL non-polymer GLYCEROL 'C3 H8 O3'
#
# COMPACT_ATOMS: atom_id res chain seq x y z
N ASN A 11 23.26 -19.73 7.59
CA ASN A 11 21.85 -19.47 7.88
C ASN A 11 20.94 -20.49 7.16
N ALA A 12 19.69 -20.59 7.64
CA ALA A 12 18.80 -21.70 7.37
C ALA A 12 17.75 -21.35 6.32
N SER A 13 17.23 -22.39 5.66
CA SER A 13 16.28 -22.23 4.58
C SER A 13 15.07 -21.44 5.05
N PRO A 14 14.52 -20.55 4.21
CA PRO A 14 13.34 -19.77 4.62
C PRO A 14 12.10 -20.60 4.87
N LEU A 15 12.05 -21.86 4.38
CA LEU A 15 10.89 -22.71 4.63
C LEU A 15 10.60 -22.96 6.10
N LYS A 16 11.62 -22.80 6.97
CA LYS A 16 11.40 -22.91 8.42
C LYS A 16 10.33 -21.95 8.89
N HIS A 17 10.15 -20.84 8.20
CA HIS A 17 9.08 -19.94 8.56
C HIS A 17 7.73 -20.64 8.47
N PHE A 18 7.53 -21.47 7.45
CA PHE A 18 6.29 -22.21 7.38
C PHE A 18 6.32 -23.38 8.35
N VAL A 19 7.48 -24.05 8.46
CA VAL A 19 7.57 -25.23 9.30
C VAL A 19 7.29 -24.88 10.76
N THR A 20 7.79 -23.74 11.19
CA THR A 20 7.58 -23.33 12.57
C THR A 20 6.13 -22.93 12.81
N ALA A 21 5.61 -22.00 12.00
CA ALA A 21 4.25 -21.49 12.18
C ALA A 21 3.22 -22.61 12.23
N LYS A 22 3.40 -23.63 11.39
CA LYS A 22 2.51 -24.79 11.46
C LYS A 22 2.63 -25.48 12.81
N LYS A 23 3.84 -25.50 13.37
CA LYS A 23 4.06 -26.15 14.65
C LYS A 23 3.33 -25.39 15.75
N LYS A 24 3.42 -24.06 15.71
CA LYS A 24 2.70 -23.24 16.69
C LYS A 24 1.18 -23.37 16.52
N ILE A 25 0.66 -23.15 15.32
CA ILE A 25 -0.79 -23.26 15.10
C ILE A 25 -1.29 -24.68 15.41
N ASN A 26 -0.49 -25.71 15.12
CA ASN A 26 -0.87 -27.03 15.59
C ASN A 26 -0.87 -27.07 17.10
N GLY A 27 0.12 -26.40 17.71
CA GLY A 27 0.21 -26.39 19.17
C GLY A 27 -0.97 -25.73 19.84
N ILE A 28 -1.34 -24.54 19.38
CA ILE A 28 -2.49 -23.81 19.93
C ILE A 28 -3.74 -24.68 19.91
N PHE A 29 -3.98 -25.38 18.80
CA PHE A 29 -5.18 -26.20 18.66
C PHE A 29 -5.16 -27.42 19.58
N GLU A 30 -3.98 -27.94 19.96
CA GLU A 30 -3.95 -28.97 20.99
C GLU A 30 -4.35 -28.38 22.34
N GLN A 31 -3.78 -27.21 22.67
CA GLN A 31 -4.16 -26.51 23.88
C GLN A 31 -5.67 -26.25 23.88
N LEU A 32 -6.19 -25.75 22.76
CA LEU A 32 -7.62 -25.45 22.65
C LEU A 32 -8.48 -26.70 22.75
N GLY A 33 -8.01 -27.82 22.19
CA GLY A 33 -8.78 -29.05 22.31
C GLY A 33 -8.87 -29.54 23.73
N ALA A 34 -7.76 -29.49 24.46
CA ALA A 34 -7.75 -29.86 25.87
C ALA A 34 -8.59 -28.90 26.70
N TYR A 35 -8.57 -27.61 26.37
CA TYR A 35 -9.42 -26.67 27.08
C TYR A 35 -10.91 -27.01 26.90
N ILE A 36 -11.34 -27.29 25.68
CA ILE A 36 -12.77 -27.60 25.49
C ILE A 36 -13.11 -28.96 26.12
N GLN A 37 -12.21 -29.94 26.01
CA GLN A 37 -12.45 -31.24 26.63
C GLN A 37 -12.70 -31.07 28.12
N GLU A 38 -11.85 -30.29 28.79
CA GLU A 38 -12.01 -30.03 30.21
C GLU A 38 -13.29 -29.23 30.50
N SER A 39 -13.55 -28.18 29.71
CA SER A 39 -14.77 -27.40 29.85
C SER A 39 -16.02 -28.27 29.69
N ALA A 40 -16.03 -29.12 28.65
CA ALA A 40 -17.17 -30.01 28.43
C ALA A 40 -17.37 -30.97 29.59
N THR A 41 -16.27 -31.50 30.13
CA THR A 41 -16.35 -32.33 31.32
C THR A 41 -16.95 -31.56 32.49
N PHE A 42 -16.45 -30.35 32.74
CA PHE A 42 -16.93 -29.58 33.88
C PHE A 42 -18.40 -29.21 33.71
N LEU A 43 -18.80 -28.80 32.50
CA LEU A 43 -20.19 -28.40 32.28
C LEU A 43 -21.15 -29.59 32.40
N GLU A 44 -20.82 -30.70 31.74
CA GLU A 44 -21.78 -31.79 31.73
C GLU A 44 -21.97 -32.37 33.12
N ASP A 45 -20.91 -32.42 33.93
CA ASP A 45 -21.06 -32.94 35.28
C ASP A 45 -21.78 -31.95 36.19
N THR A 46 -21.64 -30.64 35.93
CA THR A 46 -22.42 -29.65 36.66
C THR A 46 -23.92 -29.76 36.34
N TYR A 47 -24.25 -29.89 35.06
CA TYR A 47 -25.64 -30.06 34.62
C TYR A 47 -26.27 -31.34 35.14
N ARG A 48 -25.46 -32.40 35.31
CA ARG A 48 -25.95 -33.70 35.76
C ARG A 48 -26.25 -33.72 37.26
N ASN A 49 -25.54 -32.91 38.04
CA ASN A 49 -25.79 -32.84 39.47
C ASN A 49 -27.19 -32.29 39.70
N ALA A 50 -28.07 -33.13 40.25
CA ALA A 50 -29.47 -32.77 40.44
C ALA A 50 -29.73 -32.27 41.86
N GLU A 51 -28.69 -31.96 42.62
CA GLU A 51 -28.83 -31.31 43.91
C GLU A 51 -28.55 -29.81 43.84
N LEU A 52 -28.69 -29.22 42.65
CA LEU A 52 -28.61 -27.78 42.47
C LEU A 52 -29.64 -27.33 41.44
N ASP A 53 -30.20 -26.14 41.68
CA ASP A 53 -31.03 -25.52 40.68
C ASP A 53 -30.19 -25.23 39.45
N PRO A 54 -30.75 -25.42 38.25
CA PRO A 54 -29.92 -25.37 37.05
C PRO A 54 -29.13 -24.08 36.93
N VAL A 55 -27.81 -24.24 36.74
CA VAL A 55 -26.91 -23.14 36.40
C VAL A 55 -26.47 -23.23 34.96
N THR A 56 -26.78 -24.32 34.28
CA THR A 56 -26.46 -24.50 32.89
C THR A 56 -27.59 -25.28 32.23
N THR A 57 -27.68 -25.15 30.91
CA THR A 57 -28.73 -25.78 30.10
C THR A 57 -28.06 -26.83 29.22
N GLU A 58 -28.89 -27.69 28.59
CA GLU A 58 -28.24 -28.68 27.76
C GLU A 58 -27.81 -28.14 26.40
N GLU A 59 -28.31 -26.97 25.96
CA GLU A 59 -27.76 -26.40 24.73
C GLU A 59 -26.29 -26.03 24.92
N GLN A 60 -25.95 -25.47 26.09
CA GLN A 60 -24.56 -25.09 26.32
C GLN A 60 -23.66 -26.31 26.33
N VAL A 61 -24.11 -27.38 26.99
CA VAL A 61 -23.29 -28.59 27.06
C VAL A 61 -23.08 -29.16 25.66
N LEU A 62 -24.15 -29.22 24.87
CA LEU A 62 -24.07 -29.77 23.53
C LEU A 62 -23.28 -28.85 22.60
N ASP A 63 -23.48 -27.53 22.72
CA ASP A 63 -22.71 -26.58 21.93
C ASP A 63 -21.23 -26.83 22.12
N VAL A 64 -20.82 -27.04 23.37
CA VAL A 64 -19.42 -27.28 23.73
C VAL A 64 -18.95 -28.63 23.23
N LYS A 65 -19.79 -29.67 23.35
CA LYS A 65 -19.43 -30.97 22.78
C LYS A 65 -19.30 -30.90 21.26
N GLY A 66 -20.11 -30.04 20.63
CA GLY A 66 -19.93 -29.80 19.22
C GLY A 66 -18.62 -29.10 18.91
N TYR A 67 -18.28 -28.08 19.70
CA TYR A 67 -16.99 -27.41 19.57
C TYR A 67 -15.84 -28.38 19.78
N LEU A 68 -16.00 -29.36 20.65
CA LEU A 68 -14.93 -30.33 20.84
C LEU A 68 -14.71 -31.14 19.57
N SER A 69 -15.80 -31.58 18.94
CA SER A 69 -15.70 -32.36 17.70
C SER A 69 -15.13 -31.52 16.56
N LYS A 70 -15.65 -30.31 16.38
CA LYS A 70 -15.14 -29.41 15.34
C LYS A 70 -13.65 -29.13 15.51
N VAL A 71 -13.23 -28.82 16.73
CA VAL A 71 -11.80 -28.53 16.97
C VAL A 71 -10.96 -29.75 16.67
N ARG A 72 -11.44 -30.95 17.03
CA ARG A 72 -10.68 -32.13 16.65
C ARG A 72 -10.69 -32.33 15.13
N GLY A 73 -11.74 -31.87 14.44
CA GLY A 73 -11.76 -31.96 12.99
C GLY A 73 -10.71 -31.07 12.36
N ILE A 74 -10.61 -29.83 12.83
CA ILE A 74 -9.64 -28.90 12.30
C ILE A 74 -8.22 -29.38 12.61
N SER A 75 -8.03 -30.07 13.73
CA SER A 75 -6.71 -30.62 14.03
C SER A 75 -6.21 -31.50 12.90
N GLU A 76 -7.07 -32.36 12.36
CA GLU A 76 -6.65 -33.27 11.29
C GLU A 76 -6.21 -32.48 10.04
N VAL A 77 -6.98 -31.49 9.63
CA VAL A 77 -6.66 -30.75 8.41
C VAL A 77 -5.40 -29.89 8.61
N LEU A 78 -5.29 -29.18 9.75
CA LEU A 78 -4.12 -28.31 9.98
C LEU A 78 -2.82 -29.09 9.93
N ALA A 79 -2.75 -30.20 10.62
CA ALA A 79 -1.48 -30.93 10.69
C ALA A 79 -1.07 -31.50 9.34
N ARG A 80 -1.89 -31.31 8.30
CA ARG A 80 -1.59 -31.73 6.94
C ARG A 80 -1.32 -30.57 5.99
N ARG A 81 -1.59 -29.33 6.41
CA ARG A 81 -1.26 -28.20 5.55
C ARG A 81 0.18 -28.28 5.08
N HIS A 82 0.38 -27.85 3.84
CA HIS A 82 1.67 -27.94 3.17
C HIS A 82 1.70 -26.81 2.16
N MET A 83 2.91 -26.46 1.71
CA MET A 83 3.07 -25.41 0.72
C MET A 83 3.07 -26.04 -0.66
N LYS A 84 2.50 -25.33 -1.64
CA LYS A 84 2.41 -25.86 -3.01
C LYS A 84 2.94 -24.86 -4.07
N VAL A 85 3.85 -25.34 -4.91
CA VAL A 85 4.36 -24.59 -6.06
C VAL A 85 4.06 -25.38 -7.33
N ALA A 86 3.44 -24.72 -8.31
CA ALA A 86 3.15 -25.31 -9.61
C ALA A 86 3.99 -24.67 -10.71
N PHE A 87 4.49 -25.51 -11.60
CA PHE A 87 5.30 -25.10 -12.74
C PHE A 87 4.48 -25.28 -14.03
N PHE A 88 4.55 -24.30 -14.92
CA PHE A 88 3.82 -24.33 -16.17
C PHE A 88 4.75 -24.00 -17.33
N GLY A 89 4.31 -24.34 -18.52
CA GLY A 89 5.04 -23.86 -19.68
C GLY A 89 5.12 -24.92 -20.74
N ARG A 90 5.98 -24.64 -21.71
CA ARG A 90 6.29 -25.58 -22.78
C ARG A 90 7.24 -26.66 -22.27
N THR A 91 7.01 -27.90 -22.67
CA THR A 91 7.85 -29.01 -22.22
C THR A 91 9.31 -28.82 -22.62
N SER A 92 9.53 -28.34 -23.84
CA SER A 92 10.89 -28.18 -24.36
C SER A 92 11.73 -27.14 -23.61
N ASN A 93 11.11 -26.19 -22.92
CA ASN A 93 11.82 -25.16 -22.17
C ASN A 93 12.40 -25.62 -20.82
N GLY A 94 12.25 -26.87 -20.44
CA GLY A 94 12.94 -27.37 -19.28
C GLY A 94 12.17 -27.23 -18.00
N LYS A 95 10.83 -27.21 -18.09
CA LYS A 95 9.99 -27.23 -16.92
C LYS A 95 10.34 -28.40 -16.01
N SER A 96 10.69 -29.54 -16.60
CA SER A 96 10.95 -30.74 -15.80
C SER A 96 12.35 -30.74 -15.17
N THR A 97 13.36 -30.27 -15.89
CA THR A 97 14.70 -30.21 -15.29
C THR A 97 14.74 -29.26 -14.10
N VAL A 98 13.97 -28.18 -14.16
CA VAL A 98 13.97 -27.20 -13.08
C VAL A 98 13.63 -27.86 -11.76
N ILE A 99 12.54 -28.64 -11.75
CA ILE A 99 12.11 -29.40 -10.58
C ILE A 99 13.21 -30.37 -10.15
N ASN A 100 13.80 -31.04 -11.13
CA ASN A 100 14.88 -31.99 -10.83
C ASN A 100 16.03 -31.28 -10.14
N ALA A 101 16.38 -30.07 -10.62
CA ALA A 101 17.43 -29.24 -10.04
C ALA A 101 17.15 -28.88 -8.58
N MET A 102 15.89 -28.59 -8.25
CA MET A 102 15.50 -28.22 -6.87
C MET A 102 15.46 -29.44 -5.94
N LEU A 103 15.21 -30.63 -6.46
CA LEU A 103 15.26 -31.86 -5.69
C LEU A 103 16.63 -32.53 -5.74
N TRP A 104 17.58 -31.96 -6.50
CA TRP A 104 18.94 -32.53 -6.62
C TRP A 104 18.91 -33.94 -7.18
N ASP A 105 18.02 -34.21 -8.12
CA ASP A 105 17.94 -35.56 -8.65
C ASP A 105 17.09 -35.57 -9.90
N LYS A 106 17.33 -36.57 -10.75
CA LYS A 106 16.39 -36.85 -11.84
C LYS A 106 15.21 -37.57 -11.20
N VAL A 107 14.14 -36.81 -10.96
CA VAL A 107 13.00 -37.27 -10.18
C VAL A 107 11.82 -37.43 -11.15
N LEU A 108 11.78 -36.62 -12.20
CA LEU A 108 10.68 -36.67 -13.15
C LEU A 108 11.20 -37.08 -14.51
N PRO A 109 10.45 -37.89 -15.25
CA PRO A 109 10.94 -38.38 -16.53
C PRO A 109 11.19 -37.21 -17.46
N SER A 110 12.40 -37.12 -17.98
CA SER A 110 12.73 -36.02 -18.87
C SER A 110 13.52 -36.58 -20.06
N GLY A 111 13.95 -35.66 -20.92
CA GLY A 111 14.49 -36.06 -22.19
C GLY A 111 13.35 -36.45 -23.10
N ILE A 112 13.37 -37.68 -23.61
CA ILE A 112 12.32 -38.15 -24.50
C ILE A 112 12.48 -39.64 -24.79
N THR A 115 8.61 -38.31 -20.79
CA THR A 115 7.61 -37.31 -20.46
C THR A 115 6.20 -37.78 -20.87
N THR A 116 5.23 -37.56 -19.96
CA THR A 116 3.85 -37.97 -20.15
C THR A 116 2.95 -36.75 -19.99
N ASN A 117 1.81 -36.75 -20.68
CA ASN A 117 0.91 -35.60 -20.64
C ASN A 117 -0.13 -35.81 -19.55
N CYS A 118 0.21 -35.38 -18.34
CA CYS A 118 -0.71 -35.32 -17.21
C CYS A 118 -0.09 -34.42 -16.15
N PHE A 119 -0.81 -34.22 -15.06
CA PHE A 119 -0.27 -33.48 -13.90
C PHE A 119 0.52 -34.39 -12.97
N LEU A 120 1.72 -33.96 -12.62
CA LEU A 120 2.56 -34.65 -11.65
C LEU A 120 2.66 -33.84 -10.38
N ARG A 121 2.78 -34.55 -9.26
CA ARG A 121 2.72 -33.99 -7.92
C ARG A 121 3.85 -34.62 -7.14
N VAL A 122 4.80 -33.82 -6.68
CA VAL A 122 5.94 -34.36 -5.95
C VAL A 122 5.81 -33.97 -4.49
N GLU A 123 5.68 -34.98 -3.64
CA GLU A 123 5.56 -34.86 -2.20
C GLU A 123 6.48 -35.88 -1.55
N GLY A 124 6.90 -35.58 -0.32
CA GLY A 124 7.83 -36.42 0.39
C GLY A 124 7.14 -37.47 1.25
N THR A 125 7.89 -38.53 1.53
CA THR A 125 7.48 -39.57 2.47
C THR A 125 8.62 -39.87 3.44
N ASP A 126 8.26 -40.44 4.60
CA ASP A 126 9.27 -40.89 5.56
C ASP A 126 9.90 -42.23 5.16
N GLY A 127 9.21 -43.03 4.34
CA GLY A 127 9.83 -44.24 3.83
C GLY A 127 10.97 -43.90 2.90
N HIS A 128 11.91 -44.83 2.79
CA HIS A 128 13.18 -44.54 2.12
C HIS A 128 13.27 -45.02 0.68
N GLU A 129 12.15 -45.40 0.05
CA GLU A 129 12.13 -45.54 -1.39
C GLU A 129 10.78 -45.10 -1.93
N ALA A 130 10.70 -44.99 -3.26
CA ALA A 130 9.71 -44.18 -3.95
C ALA A 130 8.55 -44.99 -4.48
N PHE A 131 7.38 -44.34 -4.59
CA PHE A 131 6.21 -45.00 -5.16
C PHE A 131 5.28 -43.99 -5.81
N LEU A 132 4.39 -44.52 -6.68
CA LEU A 132 3.36 -43.81 -7.44
C LEU A 132 1.98 -43.96 -6.81
N LEU A 133 1.10 -43.02 -7.17
CA LEU A 133 -0.26 -43.01 -6.67
C LEU A 133 -1.16 -42.40 -7.75
N THR A 134 -2.38 -42.90 -7.84
CA THR A 134 -3.34 -42.37 -8.80
C THR A 134 -4.72 -42.20 -8.16
N GLU A 139 -3.71 -48.07 -3.72
CA GLU A 139 -2.67 -48.64 -4.58
C GLU A 139 -1.30 -48.03 -4.20
N LYS A 140 -0.19 -48.60 -4.70
CA LYS A 140 1.15 -48.13 -4.36
C LYS A 140 2.24 -48.61 -5.33
N ARG A 141 2.15 -48.19 -6.60
CA ARG A 141 3.09 -48.66 -7.63
C ARG A 141 4.53 -48.21 -7.33
N SER A 142 5.49 -49.13 -7.51
CA SER A 142 6.91 -48.86 -7.30
C SER A 142 7.54 -48.08 -8.46
N ALA A 143 8.58 -47.31 -8.14
CA ALA A 143 9.32 -46.53 -9.13
C ALA A 143 10.77 -46.27 -8.69
N LYS A 144 11.57 -47.34 -8.54
CA LYS A 144 12.93 -47.22 -7.99
C LYS A 144 13.85 -46.32 -8.84
N THR A 145 13.79 -46.42 -10.16
CA THR A 145 14.63 -45.60 -11.03
C THR A 145 13.77 -44.72 -11.94
N VAL A 146 14.40 -43.68 -12.49
CA VAL A 146 13.64 -42.75 -13.36
C VAL A 146 13.18 -43.45 -14.63
N ASN A 147 13.96 -44.41 -15.14
CA ASN A 147 13.49 -45.20 -16.29
C ASN A 147 12.29 -46.06 -15.89
N GLN A 148 12.30 -46.57 -14.66
CA GLN A 148 11.12 -47.29 -14.18
C GLN A 148 9.90 -46.38 -14.14
N LEU A 149 10.08 -45.13 -13.67
CA LEU A 149 8.98 -44.19 -13.56
C LEU A 149 8.39 -43.86 -14.93
N ALA A 150 9.25 -43.69 -15.94
CA ALA A 150 8.75 -43.36 -17.28
C ALA A 150 7.86 -44.45 -17.85
N HIS A 151 8.19 -45.72 -17.57
CA HIS A 151 7.45 -46.86 -18.09
C HIS A 151 6.13 -47.12 -17.38
N ALA A 152 6.10 -47.04 -16.04
CA ALA A 152 4.83 -47.19 -15.32
C ALA A 152 3.80 -46.22 -15.88
N LEU A 153 4.24 -45.00 -16.17
CA LEU A 153 3.42 -44.03 -16.88
C LEU A 153 3.19 -44.45 -18.33
N HIS A 154 4.17 -45.10 -18.95
CA HIS A 154 4.03 -45.50 -20.35
C HIS A 154 3.03 -46.64 -20.50
N GLN A 155 3.05 -47.63 -19.60
CA GLN A 155 2.16 -48.78 -19.75
C GLN A 155 0.70 -48.39 -19.56
N ASP A 156 0.41 -47.57 -18.55
CA ASP A 156 -0.96 -47.25 -18.14
C ASP A 156 -1.70 -46.39 -19.16
N LYS A 157 -2.35 -47.06 -20.12
CA LYS A 157 -3.16 -46.37 -21.13
C LYS A 157 -4.26 -45.53 -20.51
N GLN A 158 -4.70 -45.87 -19.29
CA GLN A 158 -5.93 -45.27 -18.75
C GLN A 158 -5.73 -43.82 -18.30
N LEU A 159 -4.49 -43.43 -17.94
CA LEU A 159 -4.24 -42.07 -17.47
C LEU A 159 -4.39 -41.05 -18.61
N HIS A 160 -4.58 -39.80 -18.21
CA HIS A 160 -4.80 -38.73 -19.18
C HIS A 160 -4.43 -37.38 -18.56
N ALA A 161 -4.43 -36.35 -19.41
CA ALA A 161 -3.97 -35.03 -18.99
C ALA A 161 -4.78 -34.49 -17.81
N GLY A 162 -6.04 -34.89 -17.69
CA GLY A 162 -6.79 -34.43 -16.55
C GLY A 162 -6.62 -35.27 -15.31
N SER A 163 -5.90 -36.37 -15.40
CA SER A 163 -5.63 -37.17 -14.22
C SER A 163 -4.45 -36.57 -13.45
N LEU A 164 -4.33 -36.96 -12.19
CA LEU A 164 -3.28 -36.45 -11.33
C LEU A 164 -2.53 -37.62 -10.70
N VAL A 165 -1.23 -37.70 -10.98
CA VAL A 165 -0.33 -38.72 -10.43
C VAL A 165 0.62 -38.06 -9.43
N SER A 166 0.83 -38.74 -8.30
CA SER A 166 1.67 -38.26 -7.21
C SER A 166 2.94 -39.10 -7.12
N VAL A 167 4.10 -38.45 -7.22
CA VAL A 167 5.36 -39.12 -6.94
C VAL A 167 5.64 -38.92 -5.45
N MET A 168 5.60 -40.00 -4.67
CA MET A 168 5.88 -39.91 -3.24
C MET A 168 7.34 -40.30 -3.06
N TRP A 169 8.20 -39.28 -2.85
CA TRP A 169 9.67 -39.26 -2.86
C TRP A 169 10.23 -39.23 -1.45
N PRO A 170 11.36 -39.92 -1.23
CA PRO A 170 11.94 -39.95 0.12
C PRO A 170 12.41 -38.57 0.53
N ASN A 171 11.91 -38.09 1.67
CA ASN A 171 12.28 -36.75 2.12
C ASN A 171 13.64 -36.70 2.79
N SER A 172 14.22 -37.83 3.20
CA SER A 172 15.58 -37.78 3.69
C SER A 172 16.55 -37.39 2.59
N LYS A 173 16.13 -37.55 1.33
CA LYS A 173 16.96 -37.16 0.19
C LYS A 173 16.96 -35.65 0.00
N CYS A 174 15.80 -35.00 0.13
CA CYS A 174 15.64 -33.60 -0.23
CA CYS A 174 15.65 -33.60 -0.22
C CYS A 174 15.07 -32.81 0.93
N PRO A 175 15.76 -31.79 1.44
CA PRO A 175 15.23 -30.98 2.54
C PRO A 175 13.96 -30.21 2.20
N LEU A 176 13.77 -29.82 0.92
CA LEU A 176 12.53 -29.15 0.53
C LEU A 176 11.32 -29.98 0.94
N LEU A 177 11.36 -31.29 0.71
CA LEU A 177 10.21 -32.14 1.01
C LEU A 177 9.96 -32.22 2.51
N LYS A 178 11.04 -32.45 3.29
CA LYS A 178 10.94 -32.51 4.74
C LYS A 178 10.26 -31.27 5.31
N ASP A 179 10.44 -30.11 4.67
CA ASP A 179 9.84 -28.90 5.16
C ASP A 179 8.41 -28.67 4.64
N ASP A 180 7.72 -29.74 4.21
CA ASP A 180 6.31 -29.69 3.78
C ASP A 180 6.12 -28.87 2.51
N LEU A 181 6.97 -29.07 1.53
CA LEU A 181 6.80 -28.49 0.21
C LEU A 181 6.36 -29.55 -0.77
N VAL A 182 5.35 -29.21 -1.57
CA VAL A 182 4.85 -30.02 -2.65
C VAL A 182 5.16 -29.33 -3.97
N LEU A 183 5.71 -30.10 -4.91
CA LEU A 183 6.01 -29.64 -6.28
C LEU A 183 5.04 -30.28 -7.26
N MET A 184 4.47 -29.47 -8.15
CA MET A 184 3.48 -29.99 -9.08
C MET A 184 3.89 -29.60 -10.47
N ASP A 185 4.04 -30.60 -11.34
CA ASP A 185 4.41 -30.42 -12.74
C ASP A 185 3.15 -30.43 -13.60
N SER A 186 2.93 -29.36 -14.36
CA SER A 186 1.74 -29.38 -15.21
C SER A 186 2.09 -29.94 -16.57
N PRO A 187 1.10 -30.36 -17.35
CA PRO A 187 1.39 -30.84 -18.70
C PRO A 187 1.88 -29.71 -19.57
N GLY A 188 2.75 -30.06 -20.52
CA GLY A 188 3.37 -29.12 -21.43
C GLY A 188 2.33 -28.33 -22.19
N ILE A 189 2.45 -27.00 -22.14
CA ILE A 189 1.52 -26.15 -22.84
C ILE A 189 1.82 -26.19 -24.34
N ASP A 190 0.75 -26.20 -25.15
CA ASP A 190 0.82 -26.09 -26.59
C ASP A 190 -0.18 -25.02 -26.99
N VAL A 191 -0.39 -24.84 -28.30
CA VAL A 191 -1.15 -23.68 -28.74
C VAL A 191 -2.66 -23.86 -28.47
N THR A 192 -3.21 -25.05 -28.76
CA THR A 192 -4.63 -25.28 -28.51
C THR A 192 -4.89 -26.03 -27.21
N THR A 193 -3.87 -26.22 -26.37
CA THR A 193 -4.09 -26.96 -25.14
C THR A 193 -5.12 -26.21 -24.32
N GLU A 194 -6.07 -26.94 -23.76
CA GLU A 194 -7.15 -26.30 -23.00
C GLU A 194 -6.72 -26.26 -21.53
N LEU A 195 -6.23 -25.08 -21.11
CA LEU A 195 -5.82 -24.76 -19.76
C LEU A 195 -6.99 -24.36 -18.88
N ASP A 196 -8.19 -24.40 -19.44
CA ASP A 196 -9.32 -23.74 -18.80
C ASP A 196 -9.75 -24.46 -17.54
N SER A 197 -9.70 -25.79 -17.56
CA SER A 197 -10.02 -26.60 -16.39
C SER A 197 -8.88 -26.67 -15.38
N TRP A 198 -7.68 -26.19 -15.74
CA TRP A 198 -6.49 -26.45 -14.93
C TRP A 198 -6.57 -25.79 -13.56
N ILE A 199 -6.95 -24.51 -13.51
CA ILE A 199 -6.85 -23.78 -12.25
C ILE A 199 -7.86 -24.33 -11.23
N ASP A 200 -9.11 -24.55 -11.63
CA ASP A 200 -10.11 -24.97 -10.65
C ASP A 200 -9.85 -26.40 -10.16
N LYS A 201 -9.44 -27.29 -11.06
CA LYS A 201 -9.19 -28.69 -10.68
C LYS A 201 -7.91 -28.86 -9.84
N PHE A 202 -6.84 -28.12 -10.12
CA PHE A 202 -5.57 -28.43 -9.44
C PHE A 202 -4.84 -27.28 -8.75
N CYS A 203 -4.98 -26.04 -9.19
CA CYS A 203 -4.09 -24.97 -8.74
C CYS A 203 -4.73 -24.03 -7.74
N LEU A 204 -5.95 -24.31 -7.30
CA LEU A 204 -6.63 -23.38 -6.40
C LEU A 204 -5.89 -23.26 -5.08
N ASP A 205 -5.24 -24.34 -4.63
CA ASP A 205 -4.49 -24.34 -3.38
C ASP A 205 -3.01 -24.02 -3.56
N ALA A 206 -2.59 -23.60 -4.75
CA ALA A 206 -1.18 -23.32 -5.03
C ALA A 206 -0.78 -21.91 -4.61
N ASP A 207 0.35 -21.80 -3.93
CA ASP A 207 0.86 -20.56 -3.36
C ASP A 207 1.76 -19.75 -4.30
N VAL A 208 2.50 -20.41 -5.18
CA VAL A 208 3.36 -19.73 -6.14
C VAL A 208 3.25 -20.45 -7.45
N PHE A 209 3.19 -19.69 -8.54
CA PHE A 209 3.17 -20.21 -9.91
C PHE A 209 4.48 -19.89 -10.63
N VAL A 210 5.10 -20.90 -11.24
CA VAL A 210 6.34 -20.73 -11.98
C VAL A 210 6.10 -20.99 -13.46
N LEU A 211 6.29 -19.93 -14.26
CA LEU A 211 6.33 -20.01 -15.72
C LEU A 211 7.77 -20.28 -16.11
N VAL A 212 8.05 -21.45 -16.67
CA VAL A 212 9.38 -21.76 -17.19
C VAL A 212 9.37 -21.55 -18.69
N ALA A 213 10.10 -20.53 -19.17
CA ALA A 213 10.09 -20.18 -20.57
C ALA A 213 11.49 -20.27 -21.17
N ASN A 214 11.70 -19.63 -22.32
CA ASN A 214 13.00 -19.56 -22.96
C ASN A 214 13.33 -18.08 -23.13
N SER A 215 14.57 -17.73 -22.82
CA SER A 215 14.97 -16.32 -22.75
C SER A 215 14.81 -15.62 -24.09
N GLU A 216 15.17 -16.28 -25.19
CA GLU A 216 15.25 -15.57 -26.45
C GLU A 216 13.97 -15.56 -27.28
N SER A 217 12.96 -16.32 -26.90
CA SER A 217 11.67 -16.27 -27.58
C SER A 217 10.64 -15.56 -26.70
N THR A 218 9.66 -14.96 -27.36
CA THR A 218 8.56 -14.30 -26.67
C THR A 218 7.54 -15.33 -26.17
N LEU A 219 6.93 -15.01 -25.02
CA LEU A 219 5.99 -15.93 -24.39
C LEU A 219 4.83 -16.23 -25.33
N MET A 220 4.39 -17.48 -25.30
CA MET A 220 3.22 -17.92 -26.03
C MET A 220 1.98 -17.18 -25.51
N GLN A 221 1.02 -16.92 -26.40
CA GLN A 221 -0.20 -16.26 -25.92
C GLN A 221 -0.95 -17.15 -24.96
N THR A 222 -0.95 -18.47 -25.21
CA THR A 222 -1.61 -19.42 -24.33
C THR A 222 -0.98 -19.41 -22.95
N GLU A 223 0.35 -19.25 -22.90
CA GLU A 223 1.00 -19.09 -21.61
C GLU A 223 0.43 -17.87 -20.90
N LYS A 224 0.44 -16.73 -21.59
CA LYS A 224 -0.05 -15.47 -21.03
C LYS A 224 -1.51 -15.55 -20.58
N HIS A 225 -2.35 -16.27 -21.33
CA HIS A 225 -3.75 -16.34 -20.93
C HIS A 225 -3.91 -17.14 -19.64
N PHE A 226 -3.16 -18.22 -19.49
CA PHE A 226 -3.28 -19.01 -18.28
C PHE A 226 -2.91 -18.19 -17.06
N PHE A 227 -1.84 -17.39 -17.15
CA PHE A 227 -1.39 -16.61 -16.00
C PHE A 227 -2.23 -15.35 -15.79
N HIS A 228 -3.00 -14.91 -16.79
CA HIS A 228 -3.95 -13.85 -16.51
C HIS A 228 -5.17 -14.38 -15.78
N LYS A 229 -5.63 -15.59 -16.15
CA LYS A 229 -6.72 -16.25 -15.45
C LYS A 229 -6.37 -16.48 -13.98
N VAL A 230 -5.11 -16.84 -13.71
CA VAL A 230 -4.64 -16.97 -12.34
C VAL A 230 -4.64 -15.61 -11.65
N SER A 231 -4.31 -14.54 -12.38
CA SER A 231 -4.27 -13.21 -11.77
C SER A 231 -5.65 -12.74 -11.36
N GLU A 232 -6.66 -13.03 -12.19
CA GLU A 232 -8.05 -12.64 -11.92
C GLU A 232 -8.67 -13.48 -10.81
N ARG A 233 -8.47 -14.79 -10.87
CA ARG A 233 -9.17 -15.71 -9.98
C ARG A 233 -8.58 -15.73 -8.58
N LEU A 234 -7.25 -15.74 -8.48
CA LEU A 234 -6.59 -15.87 -7.18
C LEU A 234 -6.29 -14.53 -6.51
N SER A 235 -6.05 -14.62 -5.20
CA SER A 235 -5.78 -13.48 -4.34
C SER A 235 -4.28 -13.35 -4.22
N ARG A 236 -3.71 -12.36 -4.93
CA ARG A 236 -2.28 -12.11 -5.09
C ARG A 236 -1.51 -13.40 -5.31
N PRO A 237 -1.61 -13.98 -6.50
CA PRO A 237 -0.73 -15.10 -6.81
C PRO A 237 0.70 -14.59 -6.92
N ASN A 238 1.63 -15.41 -6.44
CA ASN A 238 3.04 -15.07 -6.55
C ASN A 238 3.57 -15.76 -7.81
N ILE A 239 3.93 -14.94 -8.79
CA ILE A 239 4.29 -15.41 -10.10
C ILE A 239 5.76 -15.13 -10.31
N PHE A 240 6.51 -16.20 -10.56
CA PHE A 240 7.90 -16.15 -10.93
C PHE A 240 8.00 -16.45 -12.41
N ILE A 241 8.94 -15.78 -13.08
CA ILE A 241 9.25 -16.10 -14.47
C ILE A 241 10.67 -16.66 -14.53
N LEU A 242 10.79 -17.92 -14.94
CA LEU A 242 12.09 -18.57 -15.13
C LEU A 242 12.42 -18.60 -16.61
N ASN A 243 13.49 -17.93 -16.98
CA ASN A 243 13.96 -17.99 -18.35
C ASN A 243 15.11 -18.98 -18.36
N ASN A 244 14.82 -20.17 -18.86
CA ASN A 244 15.74 -21.29 -18.94
C ASN A 244 16.54 -21.21 -20.25
N ARG A 245 17.16 -22.32 -20.67
CA ARG A 245 18.13 -22.36 -21.78
C ARG A 245 18.92 -21.07 -21.89
N TRP A 246 19.83 -20.84 -20.94
CA TRP A 246 20.61 -19.62 -20.89
C TRP A 246 22.11 -19.86 -20.94
N ASP A 247 22.53 -21.12 -21.08
CA ASP A 247 23.92 -21.51 -21.28
C ASP A 247 24.42 -21.24 -22.71
N ALA A 248 23.55 -20.80 -23.63
CA ALA A 248 24.01 -20.34 -24.94
C ALA A 248 24.94 -19.13 -24.81
N SER A 249 24.73 -18.31 -23.77
CA SER A 249 25.50 -17.10 -23.45
C SER A 249 26.93 -17.38 -23.03
N ALA A 250 27.32 -18.65 -22.93
CA ALA A 250 28.72 -18.97 -22.67
C ALA A 250 29.59 -18.50 -23.84
N SER A 251 29.12 -18.71 -25.07
CA SER A 251 29.88 -18.44 -26.29
C SER A 251 29.53 -17.12 -26.96
N GLU A 252 28.39 -16.50 -26.65
CA GLU A 252 28.04 -15.18 -27.18
C GLU A 252 27.70 -14.26 -26.01
N PRO A 253 28.66 -14.02 -25.12
CA PRO A 253 28.33 -13.24 -23.92
C PRO A 253 27.88 -11.82 -24.24
N GLU A 254 28.47 -11.23 -25.29
CA GLU A 254 28.18 -9.85 -25.64
C GLU A 254 26.74 -9.70 -26.11
N TYR A 255 26.28 -10.61 -26.97
CA TYR A 255 24.91 -10.56 -27.48
C TYR A 255 23.90 -10.79 -26.37
N MET A 256 24.09 -11.86 -25.59
CA MET A 256 23.15 -12.25 -24.54
C MET A 256 22.98 -11.19 -23.46
N GLU A 257 23.98 -10.31 -23.27
CA GLU A 257 23.83 -9.17 -22.38
C GLU A 257 22.77 -8.21 -22.91
N GLU A 258 22.80 -7.95 -24.23
CA GLU A 258 21.75 -7.15 -24.87
C GLU A 258 20.40 -7.83 -24.76
N VAL A 259 20.37 -9.16 -24.91
CA VAL A 259 19.11 -9.89 -24.96
C VAL A 259 18.50 -10.01 -23.57
N ARG A 260 19.34 -10.20 -22.56
CA ARG A 260 18.84 -10.27 -21.20
C ARG A 260 18.09 -9.01 -20.84
N ARG A 261 18.72 -7.85 -21.06
CA ARG A 261 18.08 -6.60 -20.69
C ARG A 261 16.81 -6.36 -21.47
N GLN A 262 16.72 -6.88 -22.70
CA GLN A 262 15.47 -6.71 -23.45
C GLN A 262 14.37 -7.59 -22.87
N HIS A 263 14.68 -8.87 -22.63
CA HIS A 263 13.66 -9.76 -22.09
C HIS A 263 13.30 -9.40 -20.65
N MET A 264 14.27 -8.94 -19.88
CA MET A 264 13.96 -8.47 -18.54
C MET A 264 12.94 -7.34 -18.60
N GLU A 265 13.06 -6.47 -19.60
CA GLU A 265 12.07 -5.41 -19.74
C GLU A 265 10.73 -5.96 -20.20
N ARG A 266 10.73 -7.08 -20.93
CA ARG A 266 9.47 -7.67 -21.36
C ARG A 266 8.72 -8.28 -20.19
N CYS A 267 9.39 -9.17 -19.45
CA CYS A 267 8.73 -9.89 -18.37
C CYS A 267 8.25 -8.93 -17.28
N THR A 268 9.03 -7.89 -16.98
CA THR A 268 8.61 -6.91 -15.99
C THR A 268 7.33 -6.21 -16.41
N SER A 269 7.24 -5.79 -17.68
CA SER A 269 6.04 -5.11 -18.13
C SER A 269 4.86 -6.05 -18.05
N PHE A 270 5.11 -7.34 -18.28
CA PHE A 270 4.05 -8.33 -18.17
C PHE A 270 3.62 -8.49 -16.72
N LEU A 271 4.58 -8.56 -15.81
CA LEU A 271 4.29 -8.76 -14.40
C LEU A 271 3.74 -7.50 -13.74
N VAL A 272 4.28 -6.34 -14.10
CA VAL A 272 3.92 -5.12 -13.38
C VAL A 272 2.73 -4.43 -14.01
N ASP A 273 2.67 -4.40 -15.34
CA ASP A 273 1.63 -3.68 -16.06
C ASP A 273 0.54 -4.61 -16.58
N GLU A 274 0.91 -5.60 -17.39
CA GLU A 274 -0.09 -6.51 -17.94
C GLU A 274 -0.85 -7.25 -16.84
N LEU A 275 -0.15 -7.78 -15.83
CA LEU A 275 -0.78 -8.58 -14.78
C LEU A 275 -0.97 -7.84 -13.45
N GLY A 276 -0.06 -6.94 -13.09
CA GLY A 276 -0.21 -6.25 -11.82
C GLY A 276 0.12 -7.03 -10.56
N VAL A 277 0.92 -8.10 -10.66
CA VAL A 277 1.18 -8.92 -9.48
C VAL A 277 2.41 -8.49 -8.67
N VAL A 278 3.27 -7.62 -9.20
CA VAL A 278 4.41 -7.06 -8.50
C VAL A 278 4.69 -5.67 -9.05
N ASP A 279 5.00 -4.71 -8.19
CA ASP A 279 5.43 -3.43 -8.74
C ASP A 279 6.90 -3.50 -9.12
N ARG A 280 7.36 -2.45 -9.83
CA ARG A 280 8.67 -2.50 -10.51
C ARG A 280 9.79 -2.84 -9.55
N SER A 281 9.70 -2.37 -8.31
CA SER A 281 10.77 -2.58 -7.33
C SER A 281 11.02 -4.06 -7.07
N GLN A 282 9.97 -4.87 -6.89
CA GLN A 282 10.20 -6.29 -6.62
C GLN A 282 10.45 -7.10 -7.90
N ALA A 283 10.23 -6.53 -9.09
CA ALA A 283 10.23 -7.35 -10.30
C ALA A 283 11.51 -8.18 -10.47
N GLY A 284 12.64 -7.66 -10.02
CA GLY A 284 13.87 -8.41 -10.15
C GLY A 284 13.94 -9.65 -9.27
N ASP A 285 13.17 -9.68 -8.20
CA ASP A 285 13.12 -10.86 -7.35
C ASP A 285 12.15 -11.90 -7.89
N ARG A 286 11.58 -11.65 -9.06
CA ARG A 286 10.62 -12.56 -9.63
C ARG A 286 11.00 -13.06 -11.02
N ILE A 287 12.03 -12.50 -11.65
CA ILE A 287 12.44 -12.86 -13.01
C ILE A 287 13.90 -13.29 -12.99
N PHE A 288 14.17 -14.49 -13.51
CA PHE A 288 15.50 -15.08 -13.42
C PHE A 288 15.88 -15.73 -14.73
N PHE A 289 17.17 -15.65 -15.04
CA PHE A 289 17.80 -16.26 -16.21
C PHE A 289 18.76 -17.34 -15.76
N VAL A 290 18.44 -18.60 -16.03
CA VAL A 290 19.29 -19.71 -15.60
C VAL A 290 19.26 -20.85 -16.62
N SER A 291 20.14 -21.84 -16.38
CA SER A 291 20.26 -23.11 -17.10
C SER A 291 20.04 -24.29 -16.15
N ALA A 292 18.82 -24.84 -16.12
CA ALA A 292 18.56 -25.95 -15.21
C ALA A 292 19.38 -27.18 -15.56
N LYS A 293 19.66 -27.40 -16.84
CA LYS A 293 20.51 -28.52 -17.25
C LYS A 293 21.86 -28.48 -16.54
N GLU A 294 22.51 -27.33 -16.58
CA GLU A 294 23.77 -27.15 -15.88
C GLU A 294 23.61 -27.36 -14.37
N VAL A 295 22.63 -26.69 -13.78
CA VAL A 295 22.44 -26.82 -12.32
C VAL A 295 22.19 -28.28 -11.96
N LEU A 296 21.39 -28.98 -12.78
CA LEU A 296 21.08 -30.38 -12.51
C LEU A 296 22.32 -31.26 -12.53
N ASN A 297 23.08 -31.18 -13.62
CA ASN A 297 24.29 -31.98 -13.78
C ASN A 297 25.24 -31.74 -12.62
N ALA A 298 25.49 -30.47 -12.31
CA ALA A 298 26.42 -30.12 -11.24
C ALA A 298 26.00 -30.76 -9.91
N ARG A 299 24.71 -30.66 -9.55
CA ARG A 299 24.28 -31.20 -8.26
C ARG A 299 24.24 -32.72 -8.25
N ILE A 300 24.02 -33.34 -9.41
CA ILE A 300 24.20 -34.78 -9.53
C ILE A 300 25.66 -35.14 -9.21
N GLN A 301 26.58 -34.44 -9.85
CA GLN A 301 28.01 -34.65 -9.67
C GLN A 301 28.41 -34.49 -8.22
N LYS A 302 27.86 -33.48 -7.54
CA LYS A 302 28.33 -33.12 -6.20
C LYS A 302 28.03 -34.23 -5.19
N ALA A 303 26.78 -34.70 -5.14
CA ALA A 303 26.42 -35.77 -4.24
C ALA A 303 27.37 -36.96 -4.39
N GLN A 304 27.46 -37.52 -5.61
CA GLN A 304 28.34 -38.66 -5.87
C GLN A 304 29.80 -38.28 -5.65
N GLY A 305 30.27 -37.26 -6.35
CA GLY A 305 31.68 -36.89 -6.34
C GLY A 305 32.34 -37.15 -7.68
N ALA A 314 32.36 -24.83 -18.43
CA ALA A 314 32.07 -23.76 -19.39
C ALA A 314 32.30 -22.38 -18.75
N GLU A 315 32.15 -21.31 -19.54
CA GLU A 315 32.47 -19.96 -19.09
C GLU A 315 31.19 -19.25 -18.66
N GLY A 316 31.32 -18.39 -17.64
CA GLY A 316 30.13 -17.82 -17.02
C GLY A 316 29.41 -18.80 -16.11
N PHE A 317 30.09 -19.86 -15.70
CA PHE A 317 29.44 -20.95 -15.01
C PHE A 317 28.95 -20.54 -13.62
N GLN A 318 29.86 -19.96 -12.83
CA GLN A 318 29.54 -19.62 -11.44
C GLN A 318 28.47 -18.54 -11.36
N VAL A 319 28.50 -17.58 -12.29
CA VAL A 319 27.51 -16.52 -12.30
C VAL A 319 26.12 -17.09 -12.57
N ARG A 320 26.01 -18.00 -13.54
CA ARG A 320 24.72 -18.66 -13.76
C ARG A 320 24.37 -19.62 -12.64
N MET A 321 25.35 -20.36 -12.13
CA MET A 321 25.12 -21.23 -10.97
C MET A 321 24.63 -20.43 -9.76
N PHE A 322 25.17 -19.24 -9.54
CA PHE A 322 24.70 -18.41 -8.45
C PHE A 322 23.30 -17.86 -8.67
N GLU A 323 22.91 -17.56 -9.90
CA GLU A 323 21.56 -17.06 -10.10
C GLU A 323 20.51 -18.11 -9.74
N PHE A 324 20.78 -19.39 -10.01
CA PHE A 324 19.81 -20.40 -9.67
C PHE A 324 19.66 -20.54 -8.15
N GLN A 325 20.79 -20.53 -7.43
CA GLN A 325 20.71 -20.60 -5.98
C GLN A 325 19.99 -19.37 -5.43
N ASN A 326 20.27 -18.20 -6.00
CA ASN A 326 19.54 -16.99 -5.61
C ASN A 326 18.05 -17.11 -5.91
N PHE A 327 17.68 -17.61 -7.09
CA PHE A 327 16.26 -17.80 -7.37
C PHE A 327 15.63 -18.78 -6.39
N GLU A 328 16.34 -19.87 -6.06
CA GLU A 328 15.82 -20.84 -5.11
C GLU A 328 15.50 -20.16 -3.79
N ARG A 329 16.41 -19.32 -3.31
CA ARG A 329 16.22 -18.56 -2.08
C ARG A 329 15.08 -17.57 -2.21
N ARG A 330 15.04 -16.82 -3.31
CA ARG A 330 13.98 -15.83 -3.42
C ARG A 330 12.61 -16.50 -3.48
N PHE A 331 12.56 -17.73 -3.99
CA PHE A 331 11.30 -18.45 -4.06
C PHE A 331 10.90 -19.00 -2.70
N GLU A 332 11.85 -19.54 -1.93
CA GLU A 332 11.51 -20.09 -0.60
C GLU A 332 11.09 -19.01 0.39
N GLU A 333 11.61 -17.80 0.27
CA GLU A 333 11.11 -16.70 1.09
C GLU A 333 9.66 -16.41 0.76
N CYS A 334 9.37 -16.26 -0.53
CA CYS A 334 8.02 -15.92 -0.99
C CYS A 334 7.00 -16.98 -0.59
N ILE A 335 7.30 -18.26 -0.87
CA ILE A 335 6.31 -19.31 -0.63
C ILE A 335 6.03 -19.47 0.86
N SER A 336 7.08 -19.41 1.69
CA SER A 336 6.89 -19.59 3.13
C SER A 336 6.05 -18.48 3.74
N GLN A 337 6.33 -17.23 3.37
CA GLN A 337 5.55 -16.11 3.88
C GLN A 337 4.10 -16.23 3.45
N SER A 338 3.88 -16.46 2.16
CA SER A 338 2.55 -16.41 1.57
C SER A 338 1.71 -17.62 1.98
N ALA A 339 2.34 -18.80 2.04
CA ALA A 339 1.60 -19.99 2.40
C ALA A 339 1.04 -19.91 3.83
N VAL A 340 1.83 -19.41 4.77
CA VAL A 340 1.36 -19.32 6.15
C VAL A 340 0.10 -18.47 6.21
N LYS A 341 0.14 -17.29 5.57
CA LYS A 341 -0.98 -16.36 5.58
C LYS A 341 -2.22 -16.95 4.90
N THR A 342 -2.05 -17.87 3.97
CA THR A 342 -3.18 -18.38 3.19
C THR A 342 -3.78 -19.65 3.76
N LYS A 343 -2.96 -20.57 4.29
CA LYS A 343 -3.46 -21.84 4.84
C LYS A 343 -3.99 -21.73 6.27
N PHE A 344 -3.60 -20.70 7.03
CA PHE A 344 -3.97 -20.67 8.44
C PHE A 344 -4.87 -19.50 8.83
N GLU A 345 -5.04 -18.49 7.95
CA GLU A 345 -5.84 -17.32 8.32
C GLU A 345 -7.22 -17.68 8.85
N GLN A 346 -7.97 -18.48 8.08
CA GLN A 346 -9.34 -18.83 8.46
C GLN A 346 -9.38 -19.72 9.70
N HIS A 347 -8.46 -20.69 9.80
CA HIS A 347 -8.40 -21.52 11.00
C HIS A 347 -8.04 -20.74 12.26
N THR A 348 -7.27 -19.67 12.17
CA THR A 348 -7.02 -18.88 13.37
C THR A 348 -8.28 -18.14 13.78
N VAL A 349 -8.98 -17.54 12.81
CA VAL A 349 -10.22 -16.81 13.07
C VAL A 349 -11.28 -17.75 13.64
N ARG A 350 -11.33 -18.99 13.16
CA ARG A 350 -12.28 -19.94 13.72
C ARG A 350 -11.97 -20.22 15.19
N ALA A 351 -10.72 -20.54 15.50
CA ALA A 351 -10.32 -20.80 16.88
C ALA A 351 -10.65 -19.64 17.80
N LYS A 352 -10.38 -18.41 17.36
CA LYS A 352 -10.69 -17.24 18.17
C LYS A 352 -12.19 -17.16 18.44
N GLN A 353 -13.00 -17.44 17.44
CA GLN A 353 -14.44 -17.35 17.69
C GLN A 353 -15.00 -18.57 18.44
N ILE A 354 -14.35 -19.73 18.40
CA ILE A 354 -14.74 -20.82 19.28
C ILE A 354 -14.38 -20.49 20.73
N ALA A 355 -13.18 -19.96 20.94
CA ALA A 355 -12.76 -19.63 22.30
C ALA A 355 -13.66 -18.57 22.91
N GLU A 356 -14.19 -17.67 22.08
CA GLU A 356 -15.14 -16.67 22.57
C GLU A 356 -16.44 -17.31 23.05
N ALA A 357 -16.98 -18.24 22.27
CA ALA A 357 -18.22 -18.91 22.67
C ALA A 357 -18.06 -19.65 24.00
N VAL A 358 -16.98 -20.44 24.13
CA VAL A 358 -16.80 -21.20 25.37
C VAL A 358 -16.56 -20.23 26.53
N ARG A 359 -15.96 -19.09 26.24
CA ARG A 359 -15.70 -18.11 27.29
C ARG A 359 -16.98 -17.47 27.81
N LEU A 360 -17.97 -17.23 26.93
CA LEU A 360 -19.26 -16.68 27.35
C LEU A 360 -20.11 -17.72 28.10
N ILE A 361 -19.98 -19.00 27.77
CA ILE A 361 -20.75 -20.01 28.47
C ILE A 361 -20.27 -20.13 29.93
N MET A 362 -18.95 -20.13 30.13
CA MET A 362 -18.43 -20.11 31.49
C MET A 362 -18.80 -18.82 32.19
N ASP A 363 -18.75 -17.72 31.46
CA ASP A 363 -19.09 -16.45 32.06
C ASP A 363 -20.55 -16.44 32.48
N SER A 364 -21.43 -17.01 31.65
CA SER A 364 -22.84 -17.09 32.03
C SER A 364 -23.04 -18.01 33.23
N LEU A 365 -22.29 -19.11 33.27
CA LEU A 365 -22.38 -20.03 34.39
C LEU A 365 -21.82 -19.42 35.67
N HIS A 366 -20.70 -18.70 35.58
CA HIS A 366 -20.14 -18.07 36.77
C HIS A 366 -21.12 -17.09 37.41
N MET A 367 -21.91 -16.38 36.59
CA MET A 367 -22.85 -15.39 37.13
C MET A 367 -24.16 -16.01 37.60
N ALA A 368 -24.56 -17.15 37.04
CA ALA A 368 -25.75 -17.84 37.53
C ALA A 368 -25.45 -18.54 38.85
N ALA A 369 -24.27 -19.13 38.99
CA ALA A 369 -23.91 -19.76 40.25
C ALA A 369 -23.80 -18.71 41.35
N ARG A 370 -23.34 -17.51 41.01
CA ARG A 370 -23.34 -16.41 41.96
C ARG A 370 -24.75 -16.04 42.37
N GLU A 371 -25.65 -15.91 41.40
CA GLU A 371 -27.00 -15.44 41.67
C GLU A 371 -27.79 -16.44 42.51
N GLN A 372 -27.51 -17.74 42.34
CA GLN A 372 -28.13 -18.74 43.19
C GLN A 372 -27.51 -18.79 44.59
N GLN A 373 -26.22 -18.47 44.72
CA GLN A 373 -25.62 -18.48 46.04
C GLN A 373 -26.21 -17.39 46.90
N VAL A 374 -26.55 -16.27 46.29
CA VAL A 374 -27.25 -15.20 46.99
C VAL A 374 -28.61 -15.69 47.47
N TYR A 375 -29.34 -16.41 46.60
CA TYR A 375 -30.65 -16.92 46.99
C TYR A 375 -30.55 -17.83 48.21
N CYS A 376 -29.57 -18.75 48.20
CA CYS A 376 -29.43 -19.69 49.31
C CYS A 376 -29.03 -18.99 50.60
N GLU A 377 -28.24 -17.94 50.51
CA GLU A 377 -27.84 -17.23 51.71
C GLU A 377 -29.04 -16.60 52.40
N GLU A 378 -29.94 -15.98 51.62
CA GLU A 378 -31.16 -15.43 52.23
C GLU A 378 -31.98 -16.55 52.88
N MET A 379 -32.12 -17.68 52.19
CA MET A 379 -32.87 -18.81 52.74
C MET A 379 -32.21 -19.36 53.98
N ARG A 380 -30.89 -19.16 54.13
CA ARG A 380 -30.23 -19.50 55.38
C ARG A 380 -30.52 -18.45 56.46
N GLU A 381 -30.52 -17.16 56.07
CA GLU A 381 -30.98 -16.13 56.99
C GLU A 381 -32.41 -16.38 57.46
N GLU A 382 -33.29 -16.78 56.53
CA GLU A 382 -34.68 -17.00 56.89
C GLU A 382 -34.84 -18.23 57.77
N ARG A 383 -34.06 -19.28 57.53
CA ARG A 383 -34.19 -20.48 58.35
C ARG A 383 -33.90 -20.17 59.81
N GLN A 384 -32.87 -19.36 60.06
CA GLN A 384 -32.48 -18.96 61.41
C GLN A 384 -33.52 -18.08 62.11
N ASP A 385 -34.57 -17.63 61.41
CA ASP A 385 -35.72 -16.94 62.00
C ASP A 385 -36.83 -17.88 62.47
N ARG A 386 -36.73 -19.16 62.16
CA ARG A 386 -37.79 -20.13 62.42
C ARG A 386 -37.41 -21.02 63.59
N THR A 387 -38.16 -22.11 63.71
CA THR A 387 -38.10 -23.06 64.81
C THR A 387 -36.72 -23.63 65.06
N ARG A 388 -36.50 -24.17 66.26
CA ARG A 388 -35.16 -24.57 66.65
C ARG A 388 -34.86 -26.04 66.40
N GLU A 389 -35.89 -26.90 66.36
CA GLU A 389 -35.67 -28.31 66.10
C GLU A 389 -35.09 -28.51 64.70
N ASN A 390 -33.94 -29.20 64.63
CA ASN A 390 -33.17 -29.47 63.42
C ASN A 390 -32.57 -28.23 62.81
N LEU A 391 -32.38 -27.14 63.55
CA LEU A 391 -31.80 -25.95 62.93
C LEU A 391 -30.43 -26.25 62.33
N GLU A 392 -29.57 -26.94 63.07
CA GLU A 392 -28.20 -27.11 62.61
C GLU A 392 -28.07 -28.24 61.60
N GLN A 393 -28.87 -29.30 61.74
CA GLN A 393 -29.10 -30.23 60.63
C GLN A 393 -29.42 -29.46 59.35
N GLU A 394 -30.42 -28.58 59.45
CA GLU A 394 -30.93 -27.88 58.28
C GLU A 394 -29.92 -26.84 57.77
N ILE A 395 -29.20 -26.17 58.68
CA ILE A 395 -28.22 -25.17 58.26
C ILE A 395 -26.93 -25.81 57.73
N ALA A 396 -26.65 -27.07 58.09
CA ALA A 396 -25.54 -27.79 57.47
C ALA A 396 -25.84 -28.05 55.99
N ALA A 397 -27.05 -28.53 55.69
CA ALA A 397 -27.41 -28.81 54.31
C ALA A 397 -27.29 -27.56 53.46
N MET A 398 -27.77 -26.42 53.97
CA MET A 398 -27.69 -25.18 53.20
C MET A 398 -26.24 -24.67 53.12
N ASN A 399 -25.46 -24.88 54.17
CA ASN A 399 -24.05 -24.50 54.14
C ASN A 399 -23.25 -25.42 53.23
N LYS A 400 -23.66 -26.69 53.09
CA LYS A 400 -23.04 -27.58 52.11
C LYS A 400 -23.31 -27.10 50.69
N LYS A 401 -24.57 -26.79 50.40
CA LYS A 401 -24.99 -26.32 49.08
C LYS A 401 -24.30 -25.01 48.72
N ILE A 402 -24.18 -24.09 49.68
CA ILE A 402 -23.55 -22.81 49.40
C ILE A 402 -22.09 -23.01 49.02
N GLU A 403 -21.44 -24.02 49.62
CA GLU A 403 -20.04 -24.27 49.31
C GLU A 403 -19.85 -24.77 47.89
N VAL A 404 -20.73 -25.68 47.43
CA VAL A 404 -20.67 -26.15 46.05
C VAL A 404 -20.78 -24.99 45.08
N LEU A 405 -21.78 -24.13 45.28
CA LEU A 405 -21.97 -23.01 44.35
C LEU A 405 -20.75 -22.10 44.33
N ASP A 406 -20.16 -21.86 45.51
CA ASP A 406 -18.96 -21.05 45.62
C ASP A 406 -17.79 -21.70 44.88
N SER A 407 -17.66 -23.01 45.04
CA SER A 407 -16.63 -23.76 44.31
C SER A 407 -16.89 -23.76 42.81
N LEU A 408 -18.16 -23.80 42.39
CA LEU A 408 -18.50 -23.69 40.96
C LEU A 408 -18.11 -22.35 40.39
N GLN A 409 -18.30 -21.27 41.16
CA GLN A 409 -17.86 -19.97 40.68
C GLN A 409 -16.36 -19.98 40.48
N SER A 410 -15.64 -20.72 41.32
CA SER A 410 -14.19 -20.78 41.21
C SER A 410 -13.79 -21.43 39.90
N LYS A 411 -14.26 -22.64 39.66
CA LYS A 411 -13.82 -23.35 38.48
C LYS A 411 -14.30 -22.66 37.21
N ALA A 412 -15.47 -22.03 37.25
CA ALA A 412 -15.96 -21.34 36.06
C ALA A 412 -15.14 -20.10 35.75
N LYS A 413 -14.76 -19.35 36.78
CA LYS A 413 -13.94 -18.16 36.63
C LYS A 413 -12.54 -18.54 36.12
N LEU A 414 -12.01 -19.67 36.59
CA LEU A 414 -10.76 -20.19 36.05
C LEU A 414 -10.92 -20.54 34.58
N LEU A 415 -12.00 -21.25 34.23
CA LEU A 415 -12.22 -21.63 32.84
C LEU A 415 -12.39 -20.40 31.95
N ARG A 416 -13.05 -19.35 32.46
CA ARG A 416 -13.16 -18.11 31.71
C ARG A 416 -11.81 -17.49 31.42
N ASN A 417 -10.93 -17.44 32.43
CA ASN A 417 -9.70 -16.67 32.28
C ASN A 417 -8.72 -17.34 31.34
N LYS A 418 -8.64 -18.68 31.33
CA LYS A 418 -7.76 -19.34 30.37
C LYS A 418 -8.29 -19.29 28.93
N ALA A 419 -9.58 -19.11 28.73
CA ALA A 419 -10.02 -18.86 27.37
C ALA A 419 -9.44 -17.55 26.87
N GLY A 420 -9.21 -16.60 27.77
CA GLY A 420 -8.56 -15.36 27.40
C GLY A 420 -7.10 -15.57 27.05
N TRP A 421 -6.46 -16.56 27.68
CA TRP A 421 -5.10 -16.90 27.33
C TRP A 421 -5.03 -17.40 25.89
N LEU A 422 -5.90 -18.33 25.53
CA LEU A 422 -6.02 -18.78 24.15
C LEU A 422 -6.24 -17.61 23.22
N ASP A 423 -7.16 -16.71 23.60
CA ASP A 423 -7.36 -15.49 22.83
C ASP A 423 -6.06 -14.68 22.73
N SER A 424 -5.36 -14.51 23.85
CA SER A 424 -4.10 -13.78 23.79
C SER A 424 -3.08 -14.52 22.93
N GLU A 425 -3.05 -15.85 23.02
CA GLU A 425 -2.10 -16.64 22.24
C GLU A 425 -2.37 -16.61 20.74
N LEU A 426 -3.65 -16.71 20.32
CA LEU A 426 -3.96 -16.66 18.89
C LEU A 426 -3.75 -15.26 18.32
N ASN A 427 -4.01 -14.21 19.11
CA ASN A 427 -3.76 -12.86 18.60
C ASN A 427 -2.28 -12.63 18.36
N MET A 428 -1.44 -13.23 19.19
CA MET A 428 0.00 -13.15 18.96
C MET A 428 0.34 -13.79 17.61
N PHE A 429 -0.24 -14.94 17.31
CA PHE A 429 -0.02 -15.59 16.02
C PHE A 429 -0.43 -14.71 14.84
N THR A 430 -1.59 -14.07 14.91
CA THR A 430 -2.02 -13.20 13.82
C THR A 430 -1.03 -12.07 13.58
N HIS A 431 -0.48 -11.51 14.66
CA HIS A 431 0.48 -10.41 14.59
C HIS A 431 1.81 -10.86 13.95
N GLN A 432 2.31 -12.03 14.31
CA GLN A 432 3.57 -12.56 13.80
C GLN A 432 3.48 -13.17 12.39
N TYR A 433 2.42 -13.92 12.06
CA TYR A 433 2.39 -14.64 10.79
C TYR A 433 1.28 -14.25 9.82
N LEU A 434 0.36 -13.37 10.21
CA LEU A 434 -0.78 -13.04 9.37
C LEU A 434 -0.89 -11.55 9.16
N GLN A 435 0.23 -10.85 9.15
CA GLN A 435 0.20 -9.43 8.84
C GLN A 435 0.27 -9.29 7.33
N PRO A 436 -0.41 -8.28 6.74
CA PRO A 436 -0.59 -8.26 5.28
C PRO A 436 0.64 -8.07 4.38
N SER A 437 1.83 -7.87 4.93
CA SER A 437 3.08 -7.78 4.14
C SER A 437 2.98 -6.80 2.96
N ASN B 11 3.69 12.38 -20.32
CA ASN B 11 3.05 11.42 -21.22
C ASN B 11 2.25 10.34 -20.48
N ALA B 12 1.28 10.75 -19.67
CA ALA B 12 0.19 9.86 -19.31
C ALA B 12 -0.98 10.18 -20.22
N SER B 13 -1.70 9.14 -20.63
CA SER B 13 -2.75 9.32 -21.64
C SER B 13 -3.85 10.24 -21.16
N PRO B 14 -4.36 11.13 -22.02
CA PRO B 14 -5.55 11.92 -21.63
C PRO B 14 -6.78 11.05 -21.49
N LEU B 15 -6.79 9.85 -22.08
CA LEU B 15 -7.93 8.94 -21.95
C LEU B 15 -8.21 8.63 -20.50
N LYS B 16 -7.20 8.76 -19.63
CA LYS B 16 -7.33 8.50 -18.20
C LYS B 16 -8.33 9.46 -17.55
N HIS B 17 -8.42 10.71 -18.03
CA HIS B 17 -9.46 11.62 -17.56
C HIS B 17 -10.82 10.96 -17.61
N PHE B 18 -11.08 10.19 -18.67
CA PHE B 18 -12.35 9.50 -18.77
C PHE B 18 -12.42 8.33 -17.80
N VAL B 19 -11.32 7.60 -17.60
CA VAL B 19 -11.39 6.44 -16.72
C VAL B 19 -11.68 6.86 -15.29
N THR B 20 -11.10 7.97 -14.83
CA THR B 20 -11.36 8.36 -13.44
C THR B 20 -12.80 8.81 -13.30
N ALA B 21 -13.26 9.69 -14.20
CA ALA B 21 -14.63 10.17 -14.13
C ALA B 21 -15.64 9.02 -14.09
N LYS B 22 -15.40 7.97 -14.89
CA LYS B 22 -16.27 6.80 -14.87
C LYS B 22 -16.20 6.12 -13.51
N LYS B 23 -14.98 5.89 -13.02
CA LYS B 23 -14.79 5.26 -11.72
C LYS B 23 -15.46 6.08 -10.62
N LYS B 24 -15.23 7.39 -10.60
CA LYS B 24 -15.83 8.26 -9.59
C LYS B 24 -17.37 8.24 -9.68
N ILE B 25 -17.96 8.45 -10.87
CA ILE B 25 -19.41 8.37 -11.03
C ILE B 25 -19.94 6.97 -10.74
N ASN B 26 -19.20 5.93 -11.11
CA ASN B 26 -19.67 4.60 -10.72
C ASN B 26 -19.64 4.48 -9.20
N GLY B 27 -18.61 5.07 -8.57
CA GLY B 27 -18.51 5.01 -7.12
C GLY B 27 -19.67 5.69 -6.41
N ILE B 28 -19.96 6.94 -6.78
CA ILE B 28 -21.09 7.67 -6.19
C ILE B 28 -22.41 6.91 -6.34
N PHE B 29 -22.66 6.33 -7.53
CA PHE B 29 -23.91 5.57 -7.68
C PHE B 29 -23.95 4.35 -6.79
N GLU B 30 -22.79 3.82 -6.39
CA GLU B 30 -22.74 2.78 -5.38
C GLU B 30 -23.22 3.31 -4.03
N GLN B 31 -22.84 4.55 -3.71
CA GLN B 31 -23.24 5.14 -2.45
C GLN B 31 -24.72 5.48 -2.45
N LEU B 32 -25.22 6.06 -3.53
CA LEU B 32 -26.63 6.40 -3.59
C LEU B 32 -27.51 5.15 -3.56
N GLY B 33 -27.04 4.05 -4.17
CA GLY B 33 -27.77 2.81 -4.09
C GLY B 33 -27.80 2.27 -2.67
N ALA B 34 -26.67 2.37 -1.96
CA ALA B 34 -26.63 1.95 -0.57
C ALA B 34 -27.49 2.84 0.31
N TYR B 35 -27.46 4.15 0.09
CA TYR B 35 -28.29 5.07 0.86
C TYR B 35 -29.77 4.78 0.64
N ILE B 36 -30.17 4.50 -0.60
CA ILE B 36 -31.59 4.21 -0.82
C ILE B 36 -31.97 2.88 -0.17
N GLN B 37 -31.03 1.93 -0.12
CA GLN B 37 -31.27 0.67 0.58
C GLN B 37 -31.58 0.91 2.06
N GLU B 38 -30.68 1.60 2.77
CA GLU B 38 -30.92 1.83 4.20
C GLU B 38 -32.12 2.75 4.39
N SER B 39 -32.33 3.71 3.48
CA SER B 39 -33.55 4.49 3.51
C SER B 39 -34.79 3.58 3.37
N ALA B 40 -34.79 2.68 2.38
CA ALA B 40 -35.95 1.82 2.16
C ALA B 40 -36.21 0.87 3.32
N THR B 41 -35.16 0.27 3.88
CA THR B 41 -35.31 -0.58 5.05
C THR B 41 -35.92 0.19 6.22
N PHE B 42 -35.39 1.37 6.54
CA PHE B 42 -35.87 2.17 7.67
C PHE B 42 -37.30 2.63 7.48
N LEU B 43 -37.67 3.05 6.26
CA LEU B 43 -39.06 3.44 6.03
C LEU B 43 -39.97 2.24 6.13
N GLU B 44 -39.53 1.11 5.57
CA GLU B 44 -40.35 -0.09 5.55
C GLU B 44 -40.59 -0.59 6.96
N ASP B 45 -39.52 -0.67 7.78
CA ASP B 45 -39.68 -1.11 9.17
C ASP B 45 -40.55 -0.15 9.99
N THR B 46 -40.34 1.15 9.82
CA THR B 46 -41.15 2.15 10.51
C THR B 46 -42.63 2.02 10.16
N TYR B 47 -42.95 1.84 8.86
CA TYR B 47 -44.35 1.72 8.44
C TYR B 47 -45.01 0.46 8.99
N ARG B 48 -44.29 -0.68 9.01
CA ARG B 48 -44.83 -1.92 9.53
C ARG B 48 -45.15 -1.85 11.01
N ASN B 49 -44.54 -0.91 11.71
CA ASN B 49 -44.78 -0.71 13.13
C ASN B 49 -46.19 -0.19 13.39
N ALA B 50 -46.94 -0.89 14.24
CA ALA B 50 -48.30 -0.53 14.60
C ALA B 50 -48.41 0.16 15.97
N GLU B 51 -47.29 0.47 16.63
CA GLU B 51 -47.31 1.12 17.95
C GLU B 51 -47.50 2.63 17.88
N LEU B 52 -47.69 3.22 16.69
CA LEU B 52 -47.74 4.67 16.52
C LEU B 52 -48.68 5.05 15.39
N ASP B 53 -49.26 6.24 15.50
CA ASP B 53 -49.97 6.81 14.37
C ASP B 53 -48.97 7.03 13.24
N PRO B 54 -49.35 6.78 11.99
CA PRO B 54 -48.36 6.77 10.89
C PRO B 54 -47.55 8.06 10.79
N VAL B 55 -46.25 7.90 10.71
CA VAL B 55 -45.37 9.01 10.37
C VAL B 55 -44.98 8.93 8.92
N THR B 56 -45.35 7.84 8.24
CA THR B 56 -45.06 7.63 6.83
C THR B 56 -46.26 6.95 6.19
N THR B 57 -46.34 7.07 4.88
CA THR B 57 -47.42 6.51 4.08
C THR B 57 -46.86 5.42 3.16
N GLU B 58 -47.73 4.52 2.70
CA GLU B 58 -47.20 3.43 1.86
C GLU B 58 -46.85 3.91 0.46
N GLU B 59 -47.41 5.05 0.03
CA GLU B 59 -46.90 5.72 -1.16
C GLU B 59 -45.41 5.98 -1.04
N GLN B 60 -44.98 6.52 0.12
CA GLN B 60 -43.58 6.84 0.38
C GLN B 60 -42.70 5.61 0.40
N VAL B 61 -43.15 4.53 1.04
CA VAL B 61 -42.35 3.31 1.08
C VAL B 61 -42.16 2.75 -0.32
N LEU B 62 -43.23 2.73 -1.12
CA LEU B 62 -43.12 2.25 -2.49
C LEU B 62 -42.23 3.14 -3.33
N ASP B 63 -42.33 4.46 -3.16
CA ASP B 63 -41.48 5.38 -3.93
C ASP B 63 -40.00 5.12 -3.68
N VAL B 64 -39.60 4.97 -2.42
CA VAL B 64 -38.18 4.74 -2.14
C VAL B 64 -37.77 3.34 -2.63
N LYS B 65 -38.65 2.35 -2.47
CA LYS B 65 -38.34 1.01 -2.96
C LYS B 65 -38.20 0.97 -4.48
N GLY B 66 -38.97 1.78 -5.20
CA GLY B 66 -38.79 1.92 -6.64
C GLY B 66 -37.51 2.61 -7.06
N TYR B 67 -37.12 3.69 -6.38
CA TYR B 67 -35.86 4.37 -6.69
C TYR B 67 -34.68 3.42 -6.53
N LEU B 68 -34.74 2.49 -5.58
CA LEU B 68 -33.62 1.56 -5.40
C LEU B 68 -33.41 0.73 -6.65
N SER B 69 -34.50 0.21 -7.22
CA SER B 69 -34.38 -0.57 -8.44
C SER B 69 -33.89 0.30 -9.60
N LYS B 70 -34.43 1.51 -9.73
CA LYS B 70 -33.98 2.40 -10.81
C LYS B 70 -32.48 2.70 -10.70
N VAL B 71 -32.02 3.04 -9.50
CA VAL B 71 -30.62 3.39 -9.35
C VAL B 71 -29.72 2.19 -9.67
N ARG B 72 -30.16 0.99 -9.30
CA ARG B 72 -29.37 -0.19 -9.68
C ARG B 72 -29.38 -0.38 -11.19
N GLY B 73 -30.46 0.05 -11.84
CA GLY B 73 -30.49 -0.02 -13.30
C GLY B 73 -29.48 0.91 -13.94
N ILE B 74 -29.46 2.19 -13.51
CA ILE B 74 -28.52 3.13 -14.12
C ILE B 74 -27.09 2.67 -13.88
N SER B 75 -26.84 2.09 -12.69
CA SER B 75 -25.51 1.62 -12.33
C SER B 75 -24.94 0.62 -13.34
N GLU B 76 -25.79 -0.21 -13.94
CA GLU B 76 -25.27 -1.14 -14.94
C GLU B 76 -25.07 -0.47 -16.28
N VAL B 77 -25.94 0.48 -16.65
CA VAL B 77 -25.67 1.33 -17.81
C VAL B 77 -24.35 2.06 -17.62
N LEU B 78 -24.13 2.62 -16.42
CA LEU B 78 -22.92 3.36 -16.11
C LEU B 78 -21.66 2.51 -16.28
N ALA B 79 -21.71 1.25 -15.85
CA ALA B 79 -20.50 0.41 -15.91
C ALA B 79 -20.09 0.04 -17.33
N ARG B 80 -21.01 0.05 -18.30
CA ARG B 80 -20.69 -0.35 -19.67
C ARG B 80 -20.22 0.81 -20.55
N ARG B 81 -20.21 2.03 -20.05
CA ARG B 81 -20.00 3.16 -20.96
C ARG B 81 -18.53 3.33 -21.33
N HIS B 82 -18.33 3.78 -22.57
CA HIS B 82 -17.04 3.76 -23.24
C HIS B 82 -16.99 4.93 -24.22
N MET B 83 -15.81 5.15 -24.77
CA MET B 83 -15.62 6.18 -25.80
C MET B 83 -15.68 5.54 -27.18
N LYS B 84 -16.36 6.18 -28.10
CA LYS B 84 -16.52 5.63 -29.44
C LYS B 84 -16.02 6.64 -30.45
N VAL B 85 -15.13 6.18 -31.34
CA VAL B 85 -14.57 6.99 -32.42
C VAL B 85 -14.86 6.29 -33.76
N ALA B 86 -15.39 7.04 -34.71
CA ALA B 86 -15.69 6.51 -36.02
C ALA B 86 -14.79 7.11 -37.10
N PHE B 87 -14.36 6.27 -38.03
CA PHE B 87 -13.50 6.68 -39.15
C PHE B 87 -14.25 6.62 -40.48
N PHE B 88 -14.10 7.66 -41.29
CA PHE B 88 -14.79 7.73 -42.57
C PHE B 88 -13.85 8.09 -43.70
N GLY B 89 -14.25 7.69 -44.89
CA GLY B 89 -13.56 8.09 -46.10
C GLY B 89 -13.51 6.95 -47.11
N ARG B 90 -12.70 7.16 -48.12
CA ARG B 90 -12.39 6.16 -49.11
C ARG B 90 -11.37 5.16 -48.59
N THR B 91 -11.54 3.89 -48.96
CA THR B 91 -10.51 2.91 -48.66
C THR B 91 -9.18 3.28 -49.32
N SER B 92 -9.21 3.88 -50.51
CA SER B 92 -7.95 4.22 -51.17
C SER B 92 -7.17 5.24 -50.33
N ASN B 93 -7.86 6.08 -49.57
CA ASN B 93 -7.16 7.03 -48.72
C ASN B 93 -6.61 6.42 -47.44
N GLY B 94 -6.78 5.14 -47.20
CA GLY B 94 -6.04 4.48 -46.13
C GLY B 94 -6.68 4.57 -44.78
N LYS B 95 -8.02 4.62 -44.72
CA LYS B 95 -8.73 4.70 -43.45
C LYS B 95 -8.36 3.60 -42.47
N SER B 96 -8.23 2.35 -42.94
CA SER B 96 -8.01 1.24 -42.03
C SER B 96 -6.58 1.22 -41.47
N THR B 97 -5.60 1.63 -42.27
CA THR B 97 -4.24 1.70 -41.74
C THR B 97 -4.13 2.65 -40.56
N VAL B 98 -4.91 3.74 -40.57
CA VAL B 98 -4.83 4.72 -39.48
C VAL B 98 -5.14 4.06 -38.14
N ILE B 99 -6.25 3.32 -38.09
CA ILE B 99 -6.59 2.56 -36.90
C ILE B 99 -5.46 1.60 -36.52
N ASN B 100 -4.86 0.95 -37.52
CA ASN B 100 -3.79 -0.01 -37.26
C ASN B 100 -2.58 0.65 -36.59
N ALA B 101 -2.16 1.80 -37.09
CA ALA B 101 -1.07 2.54 -36.46
C ALA B 101 -1.43 2.89 -35.02
N MET B 102 -2.71 3.17 -34.77
CA MET B 102 -3.13 3.50 -33.42
C MET B 102 -3.13 2.27 -32.54
N LEU B 103 -3.29 1.09 -33.12
CA LEU B 103 -3.25 -0.16 -32.38
C LEU B 103 -1.89 -0.82 -32.39
N TRP B 104 -0.93 -0.25 -33.12
CA TRP B 104 0.41 -0.82 -33.22
C TRP B 104 0.37 -2.22 -33.81
N ASP B 105 -0.56 -2.47 -34.73
CA ASP B 105 -0.68 -3.80 -35.29
C ASP B 105 -1.60 -3.75 -36.50
N LYS B 106 -1.39 -4.67 -37.45
CA LYS B 106 -2.41 -4.89 -38.46
C LYS B 106 -3.53 -5.63 -37.74
N VAL B 107 -4.53 -4.87 -37.28
CA VAL B 107 -5.66 -5.46 -36.57
C VAL B 107 -6.81 -5.72 -37.52
N LEU B 108 -6.95 -4.87 -38.52
CA LEU B 108 -7.97 -4.87 -39.52
C LEU B 108 -7.35 -5.14 -40.88
N PRO B 109 -8.01 -5.90 -41.74
CA PRO B 109 -7.47 -6.09 -43.09
C PRO B 109 -7.37 -4.75 -43.78
N SER B 110 -6.31 -4.58 -44.55
CA SER B 110 -6.10 -3.35 -45.29
C SER B 110 -5.78 -3.69 -46.74
N GLY B 111 -6.38 -2.93 -47.66
CA GLY B 111 -6.23 -3.20 -49.06
C GLY B 111 -6.97 -4.46 -49.47
N ILE B 112 -6.65 -4.93 -50.68
CA ILE B 112 -7.23 -6.15 -51.21
C ILE B 112 -6.11 -7.08 -51.66
N ASN B 117 -15.90 -4.18 -46.18
CA ASN B 117 -17.18 -3.95 -46.85
C ASN B 117 -18.28 -3.98 -45.78
N CYS B 118 -17.85 -3.71 -44.56
CA CYS B 118 -18.62 -3.94 -43.36
C CYS B 118 -18.58 -2.71 -42.46
N PHE B 119 -19.40 -2.73 -41.41
CA PHE B 119 -19.07 -1.95 -40.22
C PHE B 119 -18.23 -2.86 -39.35
N LEU B 120 -17.02 -2.41 -39.02
CA LEU B 120 -16.11 -3.14 -38.15
C LEU B 120 -16.01 -2.35 -36.86
N ARG B 121 -15.97 -3.05 -35.73
CA ARG B 121 -15.97 -2.44 -34.41
C ARG B 121 -14.83 -3.08 -33.63
N VAL B 122 -13.92 -2.26 -33.13
CA VAL B 122 -12.76 -2.78 -32.41
C VAL B 122 -12.88 -2.38 -30.95
N GLU B 123 -12.96 -3.38 -30.08
CA GLU B 123 -13.09 -3.19 -28.64
C GLU B 123 -12.07 -4.10 -27.96
N GLY B 124 -11.72 -3.79 -26.71
CA GLY B 124 -10.76 -4.58 -25.99
C GLY B 124 -11.41 -5.72 -25.23
N THR B 125 -10.63 -6.79 -25.04
CA THR B 125 -11.01 -7.96 -24.25
C THR B 125 -9.88 -8.31 -23.29
N ASP B 126 -10.22 -9.02 -22.21
CA ASP B 126 -9.18 -9.45 -21.28
C ASP B 126 -8.45 -10.69 -21.79
N GLY B 127 -9.10 -11.49 -22.62
CA GLY B 127 -8.43 -12.65 -23.17
C GLY B 127 -7.34 -12.27 -24.15
N HIS B 128 -6.39 -13.19 -24.31
CA HIS B 128 -5.23 -13.00 -25.17
C HIS B 128 -5.45 -13.65 -26.52
N GLU B 129 -6.67 -14.12 -26.79
CA GLU B 129 -7.06 -14.73 -28.07
C GLU B 129 -8.08 -13.84 -28.76
N ALA B 130 -7.72 -13.34 -29.93
CA ALA B 130 -8.60 -12.44 -30.69
C ALA B 130 -9.60 -13.25 -31.52
N PHE B 131 -10.78 -12.67 -31.70
CA PHE B 131 -11.86 -13.33 -32.43
C PHE B 131 -12.80 -12.29 -33.02
N LEU B 132 -13.62 -12.74 -33.97
CA LEU B 132 -14.63 -11.91 -34.61
C LEU B 132 -15.99 -12.13 -33.94
N LEU B 133 -16.92 -11.18 -34.15
CA LEU B 133 -18.21 -11.28 -33.50
C LEU B 133 -19.32 -10.69 -34.35
N THR B 134 -20.52 -11.27 -34.24
CA THR B 134 -21.71 -10.72 -34.86
C THR B 134 -22.90 -10.89 -33.92
N GLU B 135 -23.64 -9.79 -33.70
CA GLU B 135 -24.82 -9.84 -32.83
C GLU B 135 -26.09 -9.69 -33.65
N GLU B 138 -23.76 -14.11 -32.20
CA GLU B 138 -23.69 -14.38 -30.77
C GLU B 138 -22.68 -15.52 -30.52
N GLU B 139 -22.25 -16.16 -31.60
CA GLU B 139 -21.16 -17.12 -31.59
C GLU B 139 -19.81 -16.42 -31.81
N LYS B 140 -18.73 -17.09 -31.41
CA LYS B 140 -17.37 -16.55 -31.55
C LYS B 140 -16.63 -17.21 -32.71
N ARG B 141 -15.93 -16.40 -33.50
CA ARG B 141 -15.07 -16.90 -34.58
C ARG B 141 -13.66 -16.34 -34.42
N SER B 142 -12.65 -17.20 -34.54
CA SER B 142 -11.26 -16.79 -34.36
C SER B 142 -10.74 -15.95 -35.52
N ALA B 143 -9.79 -15.07 -35.19
CA ALA B 143 -9.12 -14.18 -36.11
C ALA B 143 -7.70 -13.96 -35.60
N LYS B 144 -6.96 -15.07 -35.47
CA LYS B 144 -5.61 -15.06 -34.92
C LYS B 144 -4.73 -14.14 -35.75
N THR B 145 -4.85 -14.23 -37.07
CA THR B 145 -4.13 -13.42 -38.03
C THR B 145 -5.12 -12.66 -38.90
N VAL B 146 -4.67 -11.55 -39.48
CA VAL B 146 -5.53 -10.76 -40.35
C VAL B 146 -5.86 -11.52 -41.62
N ASN B 147 -4.97 -12.41 -42.07
CA ASN B 147 -5.30 -13.23 -43.24
C ASN B 147 -6.46 -14.16 -42.91
N GLN B 148 -6.49 -14.72 -41.70
CA GLN B 148 -7.66 -15.47 -41.26
C GLN B 148 -8.87 -14.57 -41.15
N LEU B 149 -8.67 -13.36 -40.61
CA LEU B 149 -9.77 -12.43 -40.40
C LEU B 149 -10.42 -12.03 -41.72
N ALA B 150 -9.61 -11.78 -42.75
CA ALA B 150 -10.14 -11.47 -44.07
C ALA B 150 -10.93 -12.64 -44.64
N HIS B 151 -10.55 -13.86 -44.29
CA HIS B 151 -11.24 -15.05 -44.78
C HIS B 151 -12.62 -15.22 -44.12
N ALA B 152 -12.68 -15.16 -42.78
CA ALA B 152 -13.96 -15.28 -42.10
C ALA B 152 -14.94 -14.23 -42.61
N LEU B 153 -14.44 -13.02 -42.83
CA LEU B 153 -15.27 -11.96 -43.42
C LEU B 153 -15.64 -12.32 -44.85
N HIS B 154 -14.69 -12.88 -45.61
CA HIS B 154 -14.95 -13.30 -46.99
C HIS B 154 -15.81 -14.54 -47.01
N GLN B 155 -15.61 -15.45 -46.06
CA GLN B 155 -16.34 -16.71 -46.04
C GLN B 155 -17.79 -16.56 -45.62
N ASP B 156 -18.24 -15.35 -45.31
CA ASP B 156 -19.57 -15.14 -44.77
C ASP B 156 -20.43 -14.46 -45.84
N LYS B 157 -21.29 -15.25 -46.49
CA LYS B 157 -22.24 -14.68 -47.44
C LYS B 157 -23.19 -13.71 -46.75
N GLN B 158 -23.56 -14.00 -45.50
CA GLN B 158 -24.60 -13.24 -44.84
C GLN B 158 -24.20 -11.78 -44.64
N LEU B 159 -22.89 -11.49 -44.54
CA LEU B 159 -22.46 -10.13 -44.24
C LEU B 159 -22.85 -9.15 -45.32
N HIS B 160 -23.05 -7.91 -44.89
CA HIS B 160 -23.50 -6.85 -45.77
C HIS B 160 -23.04 -5.51 -45.19
N ALA B 161 -23.02 -4.50 -46.08
CA ALA B 161 -22.55 -3.16 -45.71
C ALA B 161 -23.27 -2.57 -44.51
N GLY B 162 -24.52 -2.98 -44.24
CA GLY B 162 -25.23 -2.53 -43.06
C GLY B 162 -25.04 -3.36 -41.80
N SER B 163 -24.33 -4.49 -41.86
CA SER B 163 -24.08 -5.35 -40.71
C SER B 163 -22.90 -4.84 -39.88
N LEU B 164 -22.81 -5.33 -38.63
CA LEU B 164 -21.78 -4.87 -37.72
C LEU B 164 -20.99 -6.07 -37.20
N VAL B 165 -19.69 -6.10 -37.51
CA VAL B 165 -18.76 -7.11 -36.99
C VAL B 165 -17.91 -6.44 -35.94
N SER B 166 -17.74 -7.11 -34.81
CA SER B 166 -16.98 -6.56 -33.70
C SER B 166 -15.69 -7.34 -33.57
N VAL B 167 -14.56 -6.67 -33.76
CA VAL B 167 -13.26 -7.29 -33.59
C VAL B 167 -12.89 -7.09 -32.12
N MET B 168 -12.81 -8.18 -31.38
CA MET B 168 -12.48 -8.15 -29.95
C MET B 168 -10.99 -8.43 -29.82
N TRP B 169 -10.25 -7.41 -29.50
CA TRP B 169 -8.82 -7.41 -29.42
C TRP B 169 -8.34 -7.38 -27.97
N PRO B 170 -7.24 -8.08 -27.64
CA PRO B 170 -6.77 -8.12 -26.25
C PRO B 170 -6.32 -6.75 -25.73
N ASN B 171 -6.74 -6.40 -24.50
CA ASN B 171 -6.27 -5.11 -23.97
C ASN B 171 -4.80 -5.12 -23.64
N SER B 172 -4.19 -6.30 -23.53
CA SER B 172 -2.76 -6.36 -23.27
C SER B 172 -1.98 -5.76 -24.43
N LYS B 173 -2.55 -5.81 -25.64
CA LYS B 173 -1.82 -5.43 -26.84
C LYS B 173 -1.89 -3.92 -27.11
N CYS B 174 -3.01 -3.27 -26.81
CA CYS B 174 -3.11 -1.82 -26.96
C CYS B 174 -3.85 -1.17 -25.80
N PRO B 175 -3.17 -0.36 -24.99
CA PRO B 175 -3.82 0.26 -23.82
C PRO B 175 -4.97 1.20 -24.13
N LEU B 176 -5.02 1.82 -25.32
CA LEU B 176 -6.19 2.61 -25.68
C LEU B 176 -7.45 1.81 -25.39
N LEU B 177 -7.42 0.51 -25.69
CA LEU B 177 -8.57 -0.35 -25.43
C LEU B 177 -8.76 -0.51 -23.92
N LYS B 178 -7.68 -0.83 -23.20
CA LYS B 178 -7.66 -0.87 -21.73
C LYS B 178 -8.33 0.35 -21.10
N ASP B 179 -8.10 1.53 -21.68
CA ASP B 179 -8.72 2.73 -21.15
C ASP B 179 -10.16 2.96 -21.68
N ASP B 180 -10.84 1.91 -22.14
CA ASP B 180 -12.25 1.98 -22.58
C ASP B 180 -12.45 2.79 -23.86
N LEU B 181 -11.60 2.60 -24.87
CA LEU B 181 -11.84 3.23 -26.16
C LEU B 181 -12.31 2.18 -27.17
N VAL B 182 -13.31 2.54 -27.95
CA VAL B 182 -13.82 1.69 -29.02
C VAL B 182 -13.54 2.35 -30.36
N LEU B 183 -12.96 1.60 -31.29
CA LEU B 183 -12.64 2.05 -32.64
C LEU B 183 -13.59 1.41 -33.65
N MET B 184 -14.11 2.19 -34.60
CA MET B 184 -15.10 1.69 -35.56
C MET B 184 -14.73 2.07 -36.99
N ASP B 185 -14.57 1.08 -37.85
CA ASP B 185 -14.27 1.32 -39.26
C ASP B 185 -15.56 1.22 -40.09
N SER B 186 -15.82 2.23 -40.89
CA SER B 186 -16.99 2.29 -41.74
C SER B 186 -16.69 1.65 -43.09
N PRO B 187 -17.70 1.42 -43.92
CA PRO B 187 -17.41 0.97 -45.29
C PRO B 187 -16.77 2.09 -46.09
N GLY B 188 -15.89 1.72 -47.02
CA GLY B 188 -15.31 2.71 -47.90
C GLY B 188 -16.41 3.44 -48.67
N ILE B 189 -16.41 4.75 -48.60
CA ILE B 189 -17.41 5.52 -49.33
C ILE B 189 -17.07 5.52 -50.82
N ASP B 190 -18.11 5.34 -51.64
CA ASP B 190 -18.07 5.41 -53.10
C ASP B 190 -19.19 6.36 -53.47
N VAL B 191 -19.52 6.53 -54.75
CA VAL B 191 -20.42 7.63 -55.10
C VAL B 191 -21.88 7.30 -54.77
N THR B 192 -22.35 6.09 -55.04
CA THR B 192 -23.77 5.81 -54.85
C THR B 192 -24.07 5.26 -53.47
N THR B 193 -23.11 5.29 -52.55
CA THR B 193 -23.33 4.78 -51.20
C THR B 193 -24.44 5.56 -50.51
N GLU B 194 -25.19 4.84 -49.67
CA GLU B 194 -26.30 5.39 -48.89
C GLU B 194 -25.87 5.42 -47.43
N LEU B 195 -25.57 6.63 -46.93
CA LEU B 195 -25.05 6.82 -45.57
C LEU B 195 -26.03 7.49 -44.62
N ASP B 196 -27.26 7.78 -45.07
CA ASP B 196 -28.23 8.41 -44.18
C ASP B 196 -28.74 7.44 -43.13
N SER B 197 -28.71 6.14 -43.43
CA SER B 197 -29.02 5.12 -42.43
C SER B 197 -27.89 4.92 -41.44
N TRP B 198 -26.70 5.46 -41.73
CA TRP B 198 -25.50 5.17 -40.96
C TRP B 198 -25.53 5.80 -39.58
N ILE B 199 -25.92 7.07 -39.50
CA ILE B 199 -25.81 7.78 -38.25
C ILE B 199 -26.78 7.22 -37.22
N ASP B 200 -28.03 6.95 -37.63
CA ASP B 200 -29.06 6.44 -36.71
C ASP B 200 -28.78 5.01 -36.29
N LYS B 201 -28.30 4.19 -37.23
CA LYS B 201 -27.99 2.79 -36.94
C LYS B 201 -26.68 2.62 -36.16
N PHE B 202 -25.66 3.46 -36.39
CA PHE B 202 -24.32 3.25 -35.83
C PHE B 202 -23.63 4.41 -35.10
N CYS B 203 -23.91 5.68 -35.40
CA CYS B 203 -23.02 6.75 -34.94
C CYS B 203 -23.57 7.68 -33.85
N LEU B 204 -24.75 7.41 -33.28
CA LEU B 204 -25.26 8.35 -32.29
C LEU B 204 -24.38 8.41 -31.04
N ASP B 205 -23.74 7.30 -30.66
CA ASP B 205 -22.84 7.28 -29.52
C ASP B 205 -21.37 7.51 -29.91
N ALA B 206 -21.11 8.01 -31.11
CA ALA B 206 -19.73 8.32 -31.47
C ALA B 206 -19.35 9.69 -30.92
N ASP B 207 -18.24 9.75 -30.18
CA ASP B 207 -17.82 11.01 -29.58
C ASP B 207 -16.95 11.84 -30.51
N VAL B 208 -16.25 11.20 -31.42
CA VAL B 208 -15.43 11.87 -32.43
C VAL B 208 -15.65 11.20 -33.79
N PHE B 209 -15.77 12.01 -34.83
CA PHE B 209 -15.77 11.56 -36.22
C PHE B 209 -14.45 11.99 -36.86
N VAL B 210 -13.77 11.04 -37.49
CA VAL B 210 -12.50 11.28 -38.20
C VAL B 210 -12.72 10.99 -39.67
N LEU B 211 -12.53 12.00 -40.52
CA LEU B 211 -12.47 11.80 -41.97
C LEU B 211 -11.02 11.61 -42.41
N VAL B 212 -10.69 10.42 -42.90
CA VAL B 212 -9.38 10.20 -43.51
C VAL B 212 -9.51 10.43 -45.01
N ALA B 213 -8.89 11.51 -45.49
CA ALA B 213 -8.96 11.99 -46.87
C ALA B 213 -7.58 12.04 -47.52
N ASN B 214 -7.47 12.81 -48.60
CA ASN B 214 -6.21 13.04 -49.30
C ASN B 214 -5.97 14.54 -49.53
N SER B 215 -4.73 14.99 -49.29
CA SER B 215 -4.42 16.42 -49.36
C SER B 215 -4.59 16.98 -50.77
N GLU B 216 -4.11 16.26 -51.79
CA GLU B 216 -4.18 16.71 -53.17
C GLU B 216 -5.44 16.25 -53.89
N SER B 217 -6.27 15.47 -53.24
CA SER B 217 -7.56 15.14 -53.83
C SER B 217 -8.58 16.04 -53.17
N THR B 218 -9.55 16.48 -53.96
CA THR B 218 -10.64 17.25 -53.39
C THR B 218 -11.65 16.28 -52.83
N LEU B 219 -12.28 16.68 -51.73
CA LEU B 219 -13.19 15.77 -51.03
C LEU B 219 -14.31 15.34 -51.98
N MET B 220 -14.71 14.08 -51.88
CA MET B 220 -15.82 13.55 -52.65
C MET B 220 -17.11 14.30 -52.30
N GLN B 221 -18.13 14.14 -53.14
CA GLN B 221 -19.45 14.66 -52.79
C GLN B 221 -20.02 13.86 -51.62
N THR B 222 -20.08 12.55 -51.79
CA THR B 222 -20.64 11.67 -50.77
C THR B 222 -19.91 11.84 -49.43
N GLU B 223 -18.58 12.03 -49.46
CA GLU B 223 -17.87 12.24 -48.20
C GLU B 223 -18.38 13.50 -47.50
N LYS B 224 -18.34 14.62 -48.21
CA LYS B 224 -18.74 15.92 -47.66
C LYS B 224 -20.17 15.89 -47.15
N HIS B 225 -21.04 15.14 -47.84
CA HIS B 225 -22.45 15.05 -47.46
C HIS B 225 -22.64 14.37 -46.12
N PHE B 226 -21.89 13.29 -45.86
CA PHE B 226 -22.06 12.60 -44.60
C PHE B 226 -21.70 13.52 -43.42
N PHE B 227 -20.65 14.33 -43.56
CA PHE B 227 -20.24 15.19 -42.45
C PHE B 227 -21.12 16.41 -42.34
N HIS B 228 -21.71 16.85 -43.46
CA HIS B 228 -22.84 17.76 -43.40
C HIS B 228 -23.89 17.26 -42.41
N LYS B 229 -24.17 15.96 -42.46
CA LYS B 229 -25.27 15.38 -41.68
C LYS B 229 -24.89 15.19 -40.22
N VAL B 230 -23.66 14.73 -39.94
CA VAL B 230 -23.26 14.57 -38.55
C VAL B 230 -23.45 15.87 -37.81
N SER B 231 -23.03 16.97 -38.45
CA SER B 231 -23.13 18.28 -37.81
C SER B 231 -24.58 18.70 -37.65
N GLU B 232 -25.42 18.35 -38.62
CA GLU B 232 -26.84 18.65 -38.54
C GLU B 232 -27.58 17.75 -37.55
N ARG B 233 -27.14 16.51 -37.39
CA ARG B 233 -27.89 15.59 -36.53
C ARG B 233 -27.49 15.66 -35.06
N LEU B 234 -26.34 16.24 -34.73
CA LEU B 234 -25.81 16.18 -33.38
C LEU B 234 -25.39 17.58 -32.97
N SER B 235 -25.32 17.81 -31.67
CA SER B 235 -24.92 19.13 -31.16
C SER B 235 -23.46 19.03 -30.75
N ARG B 236 -22.70 20.09 -31.04
CA ARG B 236 -21.27 20.19 -30.72
C ARG B 236 -20.47 18.95 -31.10
N PRO B 237 -20.62 18.38 -32.30
CA PRO B 237 -19.88 17.16 -32.63
C PRO B 237 -18.42 17.44 -32.97
N ASN B 238 -17.55 16.49 -32.61
CA ASN B 238 -16.10 16.61 -32.80
C ASN B 238 -15.61 15.89 -34.06
N ILE B 239 -15.11 16.69 -35.02
CA ILE B 239 -14.64 16.21 -36.31
C ILE B 239 -13.15 16.52 -36.47
N PHE B 240 -12.36 15.49 -36.75
CA PHE B 240 -10.96 15.59 -37.12
C PHE B 240 -10.80 15.31 -38.60
N ILE B 241 -9.95 16.08 -39.28
CA ILE B 241 -9.60 15.80 -40.68
C ILE B 241 -8.16 15.31 -40.68
N LEU B 242 -7.97 14.05 -41.04
CA LEU B 242 -6.66 13.43 -41.19
C LEU B 242 -6.37 13.31 -42.67
N ASN B 243 -5.27 13.89 -43.11
CA ASN B 243 -4.81 13.78 -44.48
C ASN B 243 -3.66 12.76 -44.58
N ASN B 244 -3.94 11.57 -45.13
CA ASN B 244 -2.97 10.50 -45.30
C ASN B 244 -2.17 10.70 -46.61
N ARG B 245 -1.33 9.73 -46.96
CA ARG B 245 -0.42 9.85 -48.12
C ARG B 245 0.30 11.20 -48.09
N TRP B 246 1.18 11.34 -47.09
CA TRP B 246 2.03 12.53 -46.98
C TRP B 246 3.50 12.15 -47.07
N ASP B 247 3.82 10.91 -47.46
CA ASP B 247 5.17 10.51 -47.80
C ASP B 247 5.64 11.08 -49.14
N ALA B 248 4.75 11.65 -49.95
CA ALA B 248 5.13 12.36 -51.17
C ALA B 248 5.97 13.58 -50.88
N SER B 249 5.84 14.15 -49.67
CA SER B 249 6.63 15.29 -49.25
C SER B 249 8.09 14.93 -49.03
N ALA B 250 8.43 13.63 -49.02
CA ALA B 250 9.83 13.20 -48.91
C ALA B 250 10.66 13.60 -50.12
N SER B 251 10.10 13.41 -51.33
CA SER B 251 10.84 13.69 -52.55
C SER B 251 10.47 15.02 -53.19
N GLU B 252 9.32 15.60 -52.83
CA GLU B 252 8.92 16.91 -53.36
C GLU B 252 8.60 17.86 -52.21
N PRO B 253 9.55 18.09 -51.30
CA PRO B 253 9.22 18.83 -50.07
C PRO B 253 8.72 20.24 -50.32
N GLU B 254 9.23 20.92 -51.34
CA GLU B 254 8.84 22.31 -51.56
C GLU B 254 7.39 22.45 -52.07
N TYR B 255 7.01 21.70 -53.10
CA TYR B 255 5.62 21.82 -53.57
C TYR B 255 4.65 21.39 -52.47
N MET B 256 4.98 20.28 -51.77
CA MET B 256 4.12 19.84 -50.67
C MET B 256 3.94 20.91 -49.62
N GLU B 257 4.90 21.81 -49.47
CA GLU B 257 4.68 22.93 -48.57
C GLU B 257 3.58 23.83 -49.11
N GLU B 258 3.62 24.11 -50.42
CA GLU B 258 2.57 24.89 -51.07
C GLU B 258 1.25 24.14 -51.19
N VAL B 259 1.20 22.84 -50.93
CA VAL B 259 -0.08 22.14 -50.86
C VAL B 259 -0.65 22.19 -49.44
N ARG B 260 0.21 22.02 -48.43
CA ARG B 260 -0.22 22.13 -47.04
C ARG B 260 -0.80 23.52 -46.76
N ARG B 261 -0.16 24.56 -47.28
CA ARG B 261 -0.73 25.89 -47.10
C ARG B 261 -2.16 25.92 -47.59
N GLN B 262 -2.43 25.26 -48.71
CA GLN B 262 -3.72 25.41 -49.39
C GLN B 262 -4.79 24.49 -48.81
N HIS B 263 -4.47 23.20 -48.59
CA HIS B 263 -5.49 22.31 -48.05
C HIS B 263 -5.82 22.67 -46.62
N MET B 264 -4.85 23.21 -45.88
CA MET B 264 -5.10 23.65 -44.52
C MET B 264 -6.17 24.72 -44.51
N GLU B 265 -6.16 25.60 -45.52
CA GLU B 265 -7.21 26.60 -45.60
C GLU B 265 -8.53 25.99 -46.06
N ARG B 266 -8.47 24.98 -46.94
CA ARG B 266 -9.68 24.28 -47.40
C ARG B 266 -10.34 23.53 -46.26
N CYS B 267 -9.56 22.78 -45.48
CA CYS B 267 -10.11 22.01 -44.37
C CYS B 267 -10.59 22.95 -43.27
N THR B 268 -9.84 24.02 -43.00
CA THR B 268 -10.27 24.98 -42.00
C THR B 268 -11.57 25.64 -42.43
N SER B 269 -11.67 26.01 -43.70
CA SER B 269 -12.88 26.64 -44.20
C SER B 269 -14.06 25.68 -44.10
N PHE B 270 -13.82 24.40 -44.34
CA PHE B 270 -14.86 23.38 -44.25
C PHE B 270 -15.31 23.14 -42.81
N LEU B 271 -14.39 23.04 -41.86
CA LEU B 271 -14.78 22.75 -40.49
C LEU B 271 -15.42 23.97 -39.84
N VAL B 272 -14.91 25.15 -40.15
CA VAL B 272 -15.26 26.36 -39.45
C VAL B 272 -16.43 27.08 -40.09
N ASP B 273 -16.52 27.10 -41.42
CA ASP B 273 -17.54 27.86 -42.14
C ASP B 273 -18.65 26.98 -42.71
N GLU B 274 -18.30 25.97 -43.49
CA GLU B 274 -19.32 25.07 -44.02
C GLU B 274 -19.98 24.28 -42.90
N LEU B 275 -19.18 23.66 -42.02
CA LEU B 275 -19.72 22.83 -40.95
C LEU B 275 -20.05 23.62 -39.69
N GLY B 276 -19.25 24.63 -39.36
CA GLY B 276 -19.49 25.39 -38.15
C GLY B 276 -19.17 24.66 -36.86
N VAL B 277 -18.35 23.61 -36.91
CA VAL B 277 -18.10 22.79 -35.73
C VAL B 277 -16.90 23.20 -34.90
N VAL B 278 -16.06 24.13 -35.37
CA VAL B 278 -14.93 24.60 -34.58
C VAL B 278 -14.70 26.08 -34.83
N ASP B 279 -13.84 26.68 -34.01
CA ASP B 279 -13.47 28.10 -34.11
C ASP B 279 -12.10 28.20 -34.75
N ARG B 280 -11.92 29.18 -35.65
CA ARG B 280 -10.75 29.13 -36.52
C ARG B 280 -9.44 29.01 -35.77
N SER B 281 -9.34 29.62 -34.58
CA SER B 281 -8.11 29.46 -33.80
C SER B 281 -7.90 27.99 -33.46
N GLN B 282 -8.90 27.39 -32.82
CA GLN B 282 -9.04 26.01 -32.46
C GLN B 282 -8.80 25.01 -33.59
N ALA B 283 -8.71 25.48 -34.83
CA ALA B 283 -8.78 24.59 -35.98
C ALA B 283 -7.47 23.86 -36.25
N GLY B 284 -6.33 24.45 -35.90
CA GLY B 284 -5.05 23.79 -36.12
C GLY B 284 -4.87 22.51 -35.32
N ASP B 285 -5.66 22.32 -34.27
CA ASP B 285 -5.63 21.09 -33.48
C ASP B 285 -6.54 20.01 -34.05
N ARG B 286 -7.18 20.24 -35.19
CA ARG B 286 -8.12 19.30 -35.80
C ARG B 286 -7.72 18.80 -37.18
N ILE B 287 -6.68 19.36 -37.80
CA ILE B 287 -6.30 19.01 -39.15
C ILE B 287 -4.85 18.56 -39.11
N PHE B 288 -4.60 17.36 -39.61
CA PHE B 288 -3.27 16.76 -39.55
C PHE B 288 -2.91 16.13 -40.88
N PHE B 289 -1.64 16.28 -41.25
CA PHE B 289 -1.08 15.72 -42.47
C PHE B 289 -0.13 14.63 -42.05
N VAL B 290 -0.45 13.39 -42.39
CA VAL B 290 0.36 12.24 -41.98
C VAL B 290 0.52 11.25 -43.13
N SER B 291 1.46 10.33 -42.95
CA SER B 291 1.61 9.14 -43.78
C SER B 291 1.43 7.96 -42.83
N ALA B 292 0.20 7.46 -42.74
CA ALA B 292 -0.10 6.42 -41.75
C ALA B 292 0.67 5.15 -42.02
N LYS B 293 0.76 4.72 -43.30
CA LYS B 293 1.52 3.52 -43.63
C LYS B 293 2.86 3.55 -42.94
N GLU B 294 3.53 4.70 -43.03
CA GLU B 294 4.87 4.84 -42.48
C GLU B 294 4.86 4.59 -41.00
N VAL B 295 3.94 5.24 -40.28
CA VAL B 295 3.87 5.08 -38.84
C VAL B 295 3.65 3.62 -38.49
N LEU B 296 2.83 2.92 -39.29
CA LEU B 296 2.54 1.51 -39.02
C LEU B 296 3.79 0.65 -39.10
N ASN B 297 4.57 0.79 -40.19
CA ASN B 297 5.80 0.01 -40.32
C ASN B 297 6.74 0.22 -39.12
N ALA B 298 7.01 1.49 -38.80
CA ALA B 298 7.93 1.80 -37.71
C ALA B 298 7.46 1.20 -36.39
N ARG B 299 6.19 1.34 -36.05
CA ARG B 299 5.72 0.80 -34.77
C ARG B 299 5.60 -0.71 -34.80
N ILE B 300 5.32 -1.30 -35.96
CA ILE B 300 5.40 -2.75 -36.08
C ILE B 300 6.82 -3.20 -35.83
N GLN B 301 7.78 -2.60 -36.54
CA GLN B 301 9.18 -2.92 -36.33
C GLN B 301 9.64 -2.58 -34.91
N LYS B 302 8.95 -1.68 -34.21
CA LYS B 302 9.36 -1.38 -32.84
C LYS B 302 9.09 -2.56 -31.91
N ALA B 303 8.16 -3.45 -32.26
CA ALA B 303 7.97 -4.68 -31.50
C ALA B 303 9.25 -5.51 -31.52
N GLN B 304 9.62 -6.00 -32.70
CA GLN B 304 10.81 -6.86 -32.83
C GLN B 304 12.11 -6.11 -32.53
N GLY B 305 12.07 -4.78 -32.49
CA GLY B 305 13.21 -3.98 -32.08
C GLY B 305 14.29 -3.80 -33.13
N LEU B 313 13.69 5.91 -41.72
CA LEU B 313 13.93 5.39 -43.08
C LEU B 313 13.91 6.52 -44.14
N ALA B 314 12.71 7.03 -44.44
CA ALA B 314 12.50 8.09 -45.42
C ALA B 314 13.15 9.42 -45.04
N GLU B 315 12.99 10.45 -45.88
CA GLU B 315 13.55 11.77 -45.58
C GLU B 315 12.43 12.69 -45.13
N GLY B 316 12.59 13.30 -43.95
CA GLY B 316 11.50 13.95 -43.27
C GLY B 316 10.72 13.02 -42.38
N PHE B 317 11.27 11.86 -42.06
CA PHE B 317 10.55 10.81 -41.35
C PHE B 317 10.17 11.26 -39.94
N GLN B 318 11.13 11.80 -39.19
CA GLN B 318 10.85 12.16 -37.79
C GLN B 318 9.79 13.25 -37.71
N VAL B 319 9.80 14.19 -38.65
CA VAL B 319 8.77 15.23 -38.67
C VAL B 319 7.39 14.64 -38.86
N ARG B 320 7.24 13.69 -39.77
CA ARG B 320 5.93 13.03 -39.94
C ARG B 320 5.58 12.12 -38.76
N MET B 321 6.56 11.43 -38.18
CA MET B 321 6.29 10.63 -36.99
C MET B 321 5.80 11.49 -35.83
N PHE B 322 6.37 12.69 -35.67
CA PHE B 322 5.91 13.53 -34.58
C PHE B 322 4.50 14.02 -34.85
N GLU B 323 4.13 14.21 -36.12
CA GLU B 323 2.78 14.65 -36.44
C GLU B 323 1.73 13.60 -36.10
N PHE B 324 2.02 12.32 -36.27
CA PHE B 324 1.01 11.33 -35.93
C PHE B 324 0.80 11.30 -34.42
N GLN B 325 1.91 11.32 -33.68
CA GLN B 325 1.84 11.33 -32.22
C GLN B 325 1.12 12.58 -31.73
N ASN B 326 1.35 13.71 -32.39
CA ASN B 326 0.61 14.91 -32.01
C ASN B 326 -0.87 14.75 -32.32
N PHE B 327 -1.22 14.22 -33.49
CA PHE B 327 -2.62 13.96 -33.75
C PHE B 327 -3.20 12.94 -32.78
N GLU B 328 -2.45 11.86 -32.51
CA GLU B 328 -2.96 10.88 -31.55
C GLU B 328 -3.22 11.54 -30.21
N ARG B 329 -2.32 12.40 -29.75
CA ARG B 329 -2.50 13.08 -28.47
C ARG B 329 -3.66 14.05 -28.48
N ARG B 330 -3.74 14.88 -29.52
CA ARG B 330 -4.79 15.89 -29.53
C ARG B 330 -6.16 15.25 -29.60
N PHE B 331 -6.22 14.06 -30.18
CA PHE B 331 -7.47 13.31 -30.27
C PHE B 331 -7.83 12.72 -28.92
N GLU B 332 -6.84 12.20 -28.19
CA GLU B 332 -7.14 11.64 -26.88
C GLU B 332 -7.63 12.71 -25.92
N GLU B 333 -7.13 13.94 -26.04
CA GLU B 333 -7.67 15.03 -25.23
C GLU B 333 -9.10 15.32 -25.61
N CYS B 334 -9.38 15.44 -26.90
CA CYS B 334 -10.73 15.78 -27.33
C CYS B 334 -11.74 14.74 -26.89
N ILE B 335 -11.47 13.46 -27.16
CA ILE B 335 -12.47 12.42 -26.91
C ILE B 335 -12.74 12.22 -25.42
N SER B 336 -11.70 12.25 -24.58
CA SER B 336 -11.92 12.02 -23.16
C SER B 336 -12.76 13.14 -22.56
N GLN B 337 -12.44 14.37 -22.89
CA GLN B 337 -13.19 15.50 -22.35
C GLN B 337 -14.65 15.37 -22.73
N SER B 338 -14.89 15.07 -24.02
CA SER B 338 -16.21 15.11 -24.63
C SER B 338 -17.11 13.93 -24.23
N ALA B 339 -16.55 12.72 -24.16
CA ALA B 339 -17.35 11.56 -23.78
C ALA B 339 -17.89 11.68 -22.35
N VAL B 340 -17.06 12.14 -21.42
CA VAL B 340 -17.47 12.26 -20.03
C VAL B 340 -18.69 13.15 -19.92
N LYS B 341 -18.68 14.28 -20.61
CA LYS B 341 -19.80 15.20 -20.48
C LYS B 341 -21.06 14.70 -21.19
N THR B 342 -20.92 13.98 -22.30
CA THR B 342 -22.13 13.56 -22.99
C THR B 342 -22.67 12.25 -22.44
N LYS B 343 -21.79 11.33 -22.00
CA LYS B 343 -22.29 10.06 -21.50
C LYS B 343 -22.72 10.08 -20.04
N PHE B 344 -22.31 11.07 -19.23
CA PHE B 344 -22.65 11.04 -17.81
C PHE B 344 -23.53 12.18 -17.34
N GLU B 345 -23.72 13.24 -18.11
CA GLU B 345 -24.49 14.39 -17.62
C GLU B 345 -25.92 14.00 -17.16
N GLN B 346 -26.69 13.27 -17.99
CA GLN B 346 -28.08 12.97 -17.63
C GLN B 346 -28.17 12.14 -16.34
N HIS B 347 -27.28 11.17 -16.18
CA HIS B 347 -27.27 10.41 -14.93
C HIS B 347 -26.90 11.26 -13.72
N THR B 348 -26.03 12.26 -13.87
CA THR B 348 -25.80 13.12 -12.72
C THR B 348 -27.06 13.93 -12.40
N VAL B 349 -27.76 14.42 -13.42
CA VAL B 349 -29.00 15.14 -13.17
C VAL B 349 -30.01 14.20 -12.51
N ARG B 350 -30.07 12.95 -12.99
CA ARG B 350 -31.01 11.98 -12.42
C ARG B 350 -30.70 11.68 -10.95
N ALA B 351 -29.44 11.37 -10.62
CA ALA B 351 -29.07 11.13 -9.24
C ALA B 351 -29.38 12.33 -8.34
N LYS B 352 -29.12 13.54 -8.84
CA LYS B 352 -29.39 14.73 -8.05
C LYS B 352 -30.87 14.82 -7.69
N GLN B 353 -31.75 14.51 -8.64
CA GLN B 353 -33.17 14.56 -8.35
C GLN B 353 -33.67 13.33 -7.59
N ILE B 354 -33.04 12.17 -7.76
CA ILE B 354 -33.40 11.01 -6.95
C ILE B 354 -33.02 11.22 -5.50
N ALA B 355 -31.86 11.83 -5.25
CA ALA B 355 -31.43 12.13 -3.88
C ALA B 355 -32.35 13.15 -3.19
N GLU B 356 -32.80 14.18 -3.90
CA GLU B 356 -33.67 15.16 -3.26
CA GLU B 356 -33.68 15.17 -3.30
C GLU B 356 -35.04 14.55 -2.95
N ALA B 357 -35.53 13.66 -3.81
CA ALA B 357 -36.79 13.01 -3.51
C ALA B 357 -36.70 12.25 -2.20
N VAL B 358 -35.67 11.43 -2.05
CA VAL B 358 -35.56 10.59 -0.86
C VAL B 358 -35.38 11.47 0.37
N ARG B 359 -34.71 12.61 0.21
CA ARG B 359 -34.53 13.54 1.32
C ARG B 359 -35.85 14.20 1.73
N LEU B 360 -36.65 14.64 0.75
CA LEU B 360 -37.94 15.24 1.10
C LEU B 360 -38.81 14.26 1.89
N ILE B 361 -38.68 12.96 1.62
CA ILE B 361 -39.45 11.96 2.36
C ILE B 361 -38.95 11.87 3.80
N MET B 362 -37.64 11.85 4.00
CA MET B 362 -37.09 11.85 5.35
C MET B 362 -37.44 13.13 6.09
N ASP B 363 -37.46 14.27 5.40
CA ASP B 363 -37.84 15.50 6.06
C ASP B 363 -39.28 15.42 6.53
N SER B 364 -40.18 14.93 5.69
CA SER B 364 -41.57 14.81 6.08
C SER B 364 -41.74 13.79 7.20
N LEU B 365 -40.93 12.73 7.20
CA LEU B 365 -40.98 11.75 8.26
C LEU B 365 -40.55 12.38 9.60
N HIS B 366 -39.48 13.19 9.56
CA HIS B 366 -39.02 13.89 10.76
C HIS B 366 -40.09 14.83 11.30
N MET B 367 -40.69 15.64 10.42
CA MET B 367 -41.72 16.58 10.86
C MET B 367 -42.93 15.86 11.44
N ALA B 368 -43.29 14.70 10.86
CA ALA B 368 -44.51 14.00 11.31
C ALA B 368 -44.31 13.39 12.70
N ALA B 369 -43.16 12.77 12.95
CA ALA B 369 -42.86 12.21 14.27
C ALA B 369 -42.63 13.29 15.32
N ARG B 370 -42.21 14.50 14.94
CA ARG B 370 -42.15 15.58 15.92
C ARG B 370 -43.55 15.90 16.45
N GLU B 371 -44.46 16.25 15.54
CA GLU B 371 -45.83 16.61 15.90
C GLU B 371 -46.53 15.49 16.68
N GLN B 372 -46.16 14.24 16.46
CA GLN B 372 -46.77 13.15 17.21
C GLN B 372 -46.16 13.01 18.62
N GLN B 373 -44.88 13.35 18.81
CA GLN B 373 -44.34 13.35 20.15
C GLN B 373 -44.94 14.46 20.99
N VAL B 374 -45.22 15.60 20.35
CA VAL B 374 -45.93 16.66 21.04
C VAL B 374 -47.30 16.16 21.48
N TYR B 375 -48.01 15.49 20.57
CA TYR B 375 -49.32 14.95 20.91
C TYR B 375 -49.25 13.93 22.04
N CYS B 376 -48.27 13.03 21.99
CA CYS B 376 -48.14 12.02 23.04
C CYS B 376 -47.74 12.68 24.37
N GLU B 377 -46.91 13.72 24.31
CA GLU B 377 -46.51 14.42 25.52
C GLU B 377 -47.72 15.07 26.20
N GLU B 378 -48.61 15.67 25.43
CA GLU B 378 -49.81 16.25 26.02
C GLU B 378 -50.66 15.19 26.70
N MET B 379 -50.81 14.03 26.06
CA MET B 379 -51.66 13.00 26.67
C MET B 379 -51.05 12.50 27.98
N ARG B 380 -49.72 12.62 28.11
CA ARG B 380 -49.05 12.29 29.36
C ARG B 380 -49.30 13.36 30.42
N GLU B 381 -49.29 14.64 30.02
CA GLU B 381 -49.70 15.69 30.92
C GLU B 381 -51.15 15.46 31.36
N GLU B 382 -52.00 15.05 30.41
CA GLU B 382 -53.40 14.80 30.73
C GLU B 382 -53.57 13.60 31.65
N ARG B 383 -52.82 12.53 31.40
CA ARG B 383 -53.00 11.33 32.21
C ARG B 383 -52.70 11.60 33.68
N GLN B 384 -51.72 12.47 33.96
CA GLN B 384 -51.38 12.90 35.31
C GLN B 384 -52.42 13.82 35.95
N ASP B 385 -53.46 14.24 35.21
CA ASP B 385 -54.59 14.93 35.80
C ASP B 385 -55.66 13.95 36.31
N ARG B 386 -55.52 12.67 35.99
CA ARG B 386 -56.53 11.66 36.20
C ARG B 386 -56.20 10.75 37.38
N THR B 387 -56.96 9.65 37.48
CA THR B 387 -56.86 8.71 38.58
C THR B 387 -55.46 8.13 38.69
N ARG B 388 -55.15 7.61 39.88
CA ARG B 388 -53.85 7.02 40.13
C ARG B 388 -53.88 5.50 40.15
N GLU B 389 -55.03 4.86 39.99
CA GLU B 389 -54.98 3.42 39.74
C GLU B 389 -54.20 3.20 38.45
N ASN B 390 -53.06 2.52 38.58
CA ASN B 390 -52.12 2.21 37.50
C ASN B 390 -51.45 3.45 36.90
N LEU B 391 -51.37 4.57 37.61
CA LEU B 391 -50.69 5.73 37.04
C LEU B 391 -49.26 5.42 36.68
N GLU B 392 -48.59 4.65 37.53
CA GLU B 392 -47.16 4.39 37.33
C GLU B 392 -46.90 3.65 36.01
N GLN B 393 -47.61 2.54 35.78
CA GLN B 393 -47.33 1.74 34.60
C GLN B 393 -47.99 2.31 33.34
N GLU B 394 -49.00 3.16 33.48
CA GLU B 394 -49.54 3.87 32.33
C GLU B 394 -48.71 5.09 31.93
N ILE B 395 -47.80 5.57 32.78
CA ILE B 395 -46.88 6.59 32.31
C ILE B 395 -45.68 5.94 31.61
N ALA B 396 -45.21 4.81 32.13
CA ALA B 396 -44.15 4.06 31.47
C ALA B 396 -44.51 3.75 30.02
N ALA B 397 -45.74 3.27 29.79
CA ALA B 397 -46.16 2.96 28.42
C ALA B 397 -46.07 4.20 27.54
N MET B 398 -46.56 5.35 28.04
CA MET B 398 -46.49 6.58 27.25
C MET B 398 -45.05 7.04 27.10
N ASN B 399 -44.20 6.75 28.08
CA ASN B 399 -42.80 7.11 27.94
C ASN B 399 -42.10 6.25 26.89
N LYS B 400 -42.55 5.01 26.68
CA LYS B 400 -41.99 4.16 25.63
C LYS B 400 -42.31 4.70 24.23
N LYS B 401 -43.57 5.09 24.00
CA LYS B 401 -43.92 5.68 22.72
C LYS B 401 -43.11 6.94 22.46
N ILE B 402 -42.98 7.80 23.48
CA ILE B 402 -42.31 9.09 23.33
C ILE B 402 -40.81 8.92 23.05
N GLU B 403 -40.17 7.91 23.66
CA GLU B 403 -38.76 7.69 23.34
C GLU B 403 -38.57 7.17 21.92
N VAL B 404 -39.45 6.25 21.48
CA VAL B 404 -39.39 5.74 20.12
C VAL B 404 -39.47 6.87 19.10
N LEU B 405 -40.41 7.80 19.29
CA LEU B 405 -40.55 8.91 18.34
C LEU B 405 -39.29 9.77 18.28
N ASP B 406 -38.57 9.92 19.40
CA ASP B 406 -37.31 10.67 19.42
C ASP B 406 -36.25 9.99 18.58
N SER B 407 -36.08 8.67 18.74
CA SER B 407 -35.11 7.94 17.92
C SER B 407 -35.51 7.97 16.45
N LEU B 408 -36.81 7.87 16.18
CA LEU B 408 -37.29 8.00 14.82
C LEU B 408 -36.92 9.38 14.27
N GLN B 409 -37.04 10.41 15.10
CA GLN B 409 -36.64 11.74 14.68
C GLN B 409 -35.13 11.80 14.40
N SER B 410 -34.34 11.11 15.22
CA SER B 410 -32.89 11.16 15.05
C SER B 410 -32.44 10.46 13.79
N LYS B 411 -32.99 9.27 13.50
CA LYS B 411 -32.51 8.55 12.33
C LYS B 411 -32.99 9.22 11.06
N ALA B 412 -34.15 9.86 11.11
CA ALA B 412 -34.65 10.57 9.95
C ALA B 412 -33.78 11.78 9.63
N LYS B 413 -33.34 12.49 10.66
CA LYS B 413 -32.45 13.64 10.49
C LYS B 413 -31.10 13.22 9.93
N LEU B 414 -30.56 12.09 10.38
CA LEU B 414 -29.33 11.56 9.81
C LEU B 414 -29.53 11.17 8.33
N LEU B 415 -30.57 10.41 8.02
CA LEU B 415 -30.79 10.02 6.63
C LEU B 415 -31.02 11.23 5.73
N ARG B 416 -31.70 12.27 6.25
CA ARG B 416 -31.81 13.51 5.50
C ARG B 416 -30.45 14.14 5.23
N ASN B 417 -29.57 14.15 6.23
CA ASN B 417 -28.29 14.84 6.06
C ASN B 417 -27.36 14.07 5.11
N LYS B 418 -27.43 12.74 5.10
CA LYS B 418 -26.65 11.96 4.14
C LYS B 418 -27.10 12.25 2.70
N ALA B 419 -28.35 12.62 2.49
CA ALA B 419 -28.72 13.03 1.15
C ALA B 419 -28.02 14.31 0.73
N GLY B 420 -27.73 15.20 1.69
CA GLY B 420 -27.01 16.42 1.35
C GLY B 420 -25.57 16.14 0.96
N TRP B 421 -24.94 15.22 1.66
CA TRP B 421 -23.59 14.78 1.31
C TRP B 421 -23.54 14.32 -0.15
N LEU B 422 -24.52 13.51 -0.56
CA LEU B 422 -24.58 12.98 -1.91
C LEU B 422 -24.79 14.07 -2.94
N ASP B 423 -25.71 15.00 -2.66
CA ASP B 423 -25.92 16.13 -3.55
C ASP B 423 -24.62 16.92 -3.74
N SER B 424 -23.88 17.14 -2.66
CA SER B 424 -22.61 17.85 -2.76
C SER B 424 -21.61 17.08 -3.61
N GLU B 425 -21.56 15.76 -3.47
CA GLU B 425 -20.70 14.91 -4.31
C GLU B 425 -21.09 15.00 -5.79
N LEU B 426 -22.37 15.04 -6.09
CA LEU B 426 -22.75 15.22 -7.46
C LEU B 426 -22.38 16.61 -7.94
N ASN B 427 -22.51 17.59 -7.05
CA ASN B 427 -22.18 18.95 -7.44
C ASN B 427 -20.71 19.07 -7.77
N MET B 428 -19.87 18.39 -6.97
CA MET B 428 -18.45 18.40 -7.25
C MET B 428 -18.14 17.76 -8.58
N PHE B 429 -18.76 16.59 -8.85
CA PHE B 429 -18.58 15.93 -10.14
C PHE B 429 -19.02 16.83 -11.29
N THR B 430 -20.16 17.49 -11.16
CA THR B 430 -20.57 18.42 -12.20
C THR B 430 -19.52 19.50 -12.41
N HIS B 431 -18.95 20.02 -11.33
CA HIS B 431 -17.97 21.09 -11.44
C HIS B 431 -16.69 20.63 -12.15
N GLN B 432 -16.20 19.42 -11.84
CA GLN B 432 -14.99 18.91 -12.47
C GLN B 432 -15.18 18.38 -13.88
N TYR B 433 -16.24 17.62 -14.12
CA TYR B 433 -16.30 16.91 -15.38
C TYR B 433 -17.40 17.33 -16.36
N LEU B 434 -18.32 18.23 -15.98
CA LEU B 434 -19.46 18.48 -16.86
C LEU B 434 -19.64 19.95 -17.21
N GLN B 435 -18.66 20.65 -17.16
CA GLN B 435 -18.82 22.03 -17.61
C GLN B 435 -18.35 22.20 -19.06
N PRO B 436 -18.91 23.17 -19.82
CA PRO B 436 -18.62 23.35 -21.26
C PRO B 436 -17.13 23.46 -21.59
N ASN C 11 5.36 -26.94 22.40
CA ASN C 11 5.98 -26.20 23.49
C ASN C 11 6.40 -24.78 23.08
N ALA C 12 7.69 -24.53 23.28
CA ALA C 12 8.41 -23.38 22.73
C ALA C 12 8.02 -22.05 23.36
N SER C 13 8.90 -21.54 24.22
CA SER C 13 8.72 -20.23 24.84
C SER C 13 8.69 -19.14 23.76
N PRO C 14 7.94 -18.07 23.99
CA PRO C 14 7.96 -16.97 23.00
C PRO C 14 9.35 -16.36 22.85
N LEU C 15 10.21 -16.50 23.87
CA LEU C 15 11.59 -16.00 23.81
C LEU C 15 12.37 -16.61 22.67
N LYS C 16 11.84 -17.66 22.01
CA LYS C 16 12.55 -18.30 20.90
C LYS C 16 12.62 -17.41 19.67
N HIS C 17 11.67 -16.49 19.54
CA HIS C 17 11.69 -15.46 18.50
C HIS C 17 12.98 -14.65 18.58
N PHE C 18 13.41 -14.30 19.80
CA PHE C 18 14.65 -13.55 19.96
C PHE C 18 15.86 -14.45 19.72
N VAL C 19 15.82 -15.69 20.21
CA VAL C 19 16.97 -16.56 20.00
C VAL C 19 17.12 -16.83 18.53
N THR C 20 16.01 -16.92 17.82
CA THR C 20 16.08 -17.21 16.40
C THR C 20 16.59 -16.01 15.62
N ALA C 21 16.01 -14.83 15.84
CA ALA C 21 16.49 -13.64 15.14
C ALA C 21 18.00 -13.42 15.37
N LYS C 22 18.46 -13.61 16.61
CA LYS C 22 19.87 -13.44 16.88
C LYS C 22 20.71 -14.55 16.27
N LYS C 23 20.14 -15.72 16.05
CA LYS C 23 20.91 -16.78 15.41
C LYS C 23 21.07 -16.52 13.91
N LYS C 24 20.04 -15.93 13.29
CA LYS C 24 20.04 -15.61 11.87
C LYS C 24 20.95 -14.42 11.56
N ILE C 25 20.73 -13.28 12.23
CA ILE C 25 21.52 -12.08 12.02
C ILE C 25 23.00 -12.32 12.27
N ASN C 26 23.37 -13.17 13.22
CA ASN C 26 24.78 -13.53 13.28
C ASN C 26 25.17 -14.35 12.07
N GLY C 27 24.26 -15.19 11.59
CA GLY C 27 24.57 -16.01 10.43
C GLY C 27 24.88 -15.14 9.22
N ILE C 28 24.03 -14.16 8.96
CA ILE C 28 24.27 -13.19 7.90
C ILE C 28 25.60 -12.49 8.12
N PHE C 29 25.85 -12.01 9.34
CA PHE C 29 27.08 -11.26 9.58
C PHE C 29 28.33 -12.10 9.44
N GLU C 30 28.24 -13.41 9.68
CA GLU C 30 29.37 -14.25 9.34
C GLU C 30 29.54 -14.33 7.83
N GLN C 31 28.42 -14.38 7.09
CA GLN C 31 28.49 -14.44 5.62
C GLN C 31 28.92 -13.10 5.03
N LEU C 32 28.34 -11.99 5.53
CA LEU C 32 28.79 -10.70 5.04
C LEU C 32 30.27 -10.50 5.34
N GLY C 33 30.73 -11.03 6.46
CA GLY C 33 32.15 -10.96 6.77
C GLY C 33 32.99 -11.83 5.85
N ALA C 34 32.51 -13.02 5.52
CA ALA C 34 33.25 -13.88 4.60
C ALA C 34 33.34 -13.24 3.22
N TYR C 35 32.26 -12.59 2.80
CA TYR C 35 32.25 -11.91 1.51
C TYR C 35 33.30 -10.80 1.42
N ILE C 36 33.40 -9.95 2.46
CA ILE C 36 34.30 -8.80 2.38
C ILE C 36 35.76 -9.26 2.34
N GLN C 37 36.08 -10.30 3.11
CA GLN C 37 37.43 -10.84 3.05
C GLN C 37 37.77 -11.25 1.63
N GLU C 38 36.84 -11.93 0.96
CA GLU C 38 37.08 -12.39 -0.40
C GLU C 38 37.29 -11.20 -1.34
N SER C 39 36.43 -10.18 -1.23
CA SER C 39 36.62 -8.92 -1.94
C SER C 39 37.93 -8.26 -1.60
N ALA C 40 38.30 -8.22 -0.31
CA ALA C 40 39.56 -7.60 0.07
C ALA C 40 40.75 -8.31 -0.57
N THR C 41 40.73 -9.64 -0.55
CA THR C 41 41.77 -10.42 -1.21
C THR C 41 41.82 -10.12 -2.71
N PHE C 42 40.66 -10.16 -3.36
CA PHE C 42 40.61 -9.94 -4.81
C PHE C 42 41.04 -8.53 -5.19
N LEU C 43 40.61 -7.52 -4.43
CA LEU C 43 41.05 -6.16 -4.71
C LEU C 43 42.54 -5.98 -4.41
N GLU C 44 43.00 -6.50 -3.28
CA GLU C 44 44.39 -6.27 -2.91
C GLU C 44 45.31 -6.83 -3.96
N ASP C 45 44.96 -7.97 -4.55
CA ASP C 45 45.92 -8.50 -5.49
C ASP C 45 45.76 -7.92 -6.88
N THR C 46 44.55 -7.54 -7.27
CA THR C 46 44.40 -6.87 -8.56
C THR C 46 45.23 -5.60 -8.61
N TYR C 47 45.23 -4.83 -7.52
CA TYR C 47 46.00 -3.59 -7.46
C TYR C 47 47.48 -3.87 -7.67
N ARG C 48 47.99 -4.89 -6.96
CA ARG C 48 49.40 -5.28 -7.05
C ARG C 48 49.73 -5.93 -8.41
N ASN C 49 48.74 -6.31 -9.19
CA ASN C 49 49.10 -6.67 -10.55
C ASN C 49 49.67 -5.41 -11.19
N ALA C 50 50.96 -5.42 -11.49
CA ALA C 50 51.67 -4.28 -12.05
C ALA C 50 51.84 -4.42 -13.55
N GLU C 51 51.21 -5.45 -14.14
CA GLU C 51 51.20 -5.71 -15.56
C GLU C 51 50.03 -5.06 -16.28
N LEU C 52 49.08 -4.46 -15.53
CA LEU C 52 47.93 -3.74 -16.09
C LEU C 52 47.85 -2.31 -15.59
N ASP C 53 47.35 -1.44 -16.46
CA ASP C 53 47.01 -0.09 -16.04
C ASP C 53 45.89 -0.16 -15.00
N PRO C 54 45.95 0.69 -13.98
CA PRO C 54 45.10 0.49 -12.80
C PRO C 54 43.63 0.35 -13.16
N VAL C 55 43.03 -0.70 -12.59
CA VAL C 55 41.60 -0.94 -12.65
C VAL C 55 40.96 -0.59 -11.30
N THR C 56 41.78 -0.39 -10.27
CA THR C 56 41.29 -0.01 -8.96
C THR C 56 42.31 0.94 -8.35
N THR C 57 41.86 1.69 -7.34
CA THR C 57 42.70 2.65 -6.63
C THR C 57 42.94 2.17 -5.21
N GLU C 58 43.89 2.83 -4.54
CA GLU C 58 44.31 2.43 -3.20
C GLU C 58 43.25 2.76 -2.16
N GLU C 59 42.48 3.82 -2.39
CA GLU C 59 41.35 4.14 -1.53
C GLU C 59 40.36 2.99 -1.45
N GLN C 60 40.04 2.40 -2.60
CA GLN C 60 39.08 1.30 -2.63
C GLN C 60 39.61 0.08 -1.91
N VAL C 61 40.88 -0.26 -2.11
CA VAL C 61 41.40 -1.43 -1.40
C VAL C 61 41.35 -1.18 0.11
N LEU C 62 41.75 0.01 0.54
CA LEU C 62 41.74 0.34 1.96
C LEU C 62 40.32 0.43 2.51
N ASP C 63 39.39 1.00 1.72
CA ASP C 63 37.98 1.02 2.14
C ASP C 63 37.47 -0.40 2.38
N VAL C 64 37.83 -1.34 1.53
CA VAL C 64 37.35 -2.70 1.72
C VAL C 64 37.95 -3.31 2.97
N LYS C 65 39.24 -3.05 3.23
CA LYS C 65 39.85 -3.56 4.45
C LYS C 65 39.26 -2.90 5.71
N GLY C 66 38.88 -1.62 5.62
CA GLY C 66 38.20 -0.99 6.73
C GLY C 66 36.81 -1.54 6.97
N TYR C 67 36.05 -1.76 5.89
CA TYR C 67 34.76 -2.42 6.04
C TYR C 67 34.90 -3.80 6.67
N LEU C 68 36.01 -4.51 6.41
CA LEU C 68 36.22 -5.82 7.03
C LEU C 68 36.38 -5.68 8.54
N SER C 69 37.21 -4.72 8.97
CA SER C 69 37.43 -4.52 10.41
C SER C 69 36.16 -4.11 11.13
N LYS C 70 35.37 -3.22 10.53
CA LYS C 70 34.09 -2.86 11.11
C LYS C 70 33.18 -4.07 11.25
N VAL C 71 33.04 -4.87 10.18
CA VAL C 71 32.13 -6.02 10.23
C VAL C 71 32.61 -7.03 11.27
N ARG C 72 33.92 -7.23 11.37
CA ARG C 72 34.39 -8.15 12.40
C ARG C 72 34.06 -7.61 13.79
N GLY C 73 34.13 -6.28 13.95
CA GLY C 73 33.80 -5.67 15.23
C GLY C 73 32.32 -5.75 15.55
N ILE C 74 31.47 -5.41 14.59
CA ILE C 74 30.03 -5.49 14.84
C ILE C 74 29.65 -6.93 15.13
N SER C 75 30.34 -7.88 14.49
CA SER C 75 30.15 -9.28 14.83
C SER C 75 30.44 -9.55 16.30
N GLU C 76 31.36 -8.78 16.90
CA GLU C 76 31.63 -8.94 18.32
C GLU C 76 30.45 -8.45 19.15
N VAL C 77 30.02 -7.20 18.94
CA VAL C 77 28.88 -6.68 19.69
C VAL C 77 27.67 -7.60 19.51
N LEU C 78 27.43 -8.06 18.27
CA LEU C 78 26.26 -8.85 17.92
C LEU C 78 26.16 -10.15 18.72
N ALA C 79 27.29 -10.80 18.99
CA ALA C 79 27.22 -12.08 19.67
C ALA C 79 26.75 -11.95 21.13
N ARG C 80 27.06 -10.83 21.79
CA ARG C 80 26.80 -10.64 23.21
C ARG C 80 25.51 -9.87 23.48
N ARG C 81 24.59 -9.85 22.53
CA ARG C 81 23.35 -9.12 22.75
C ARG C 81 22.30 -10.03 23.40
N HIS C 82 21.47 -9.43 24.25
CA HIS C 82 20.53 -10.21 25.04
C HIS C 82 19.34 -9.35 25.42
N MET C 83 18.28 -10.02 25.91
CA MET C 83 17.10 -9.32 26.41
C MET C 83 17.29 -9.00 27.90
N LYS C 84 16.84 -7.82 28.30
CA LYS C 84 17.02 -7.36 29.67
C LYS C 84 15.73 -6.78 30.21
N VAL C 85 15.32 -7.20 31.41
CA VAL C 85 14.17 -6.62 32.11
C VAL C 85 14.59 -6.09 33.47
N ALA C 86 14.16 -4.88 33.81
CA ALA C 86 14.41 -4.24 35.10
C ALA C 86 13.13 -4.10 35.92
N PHE C 87 13.22 -4.36 37.22
CA PHE C 87 12.10 -4.25 38.16
C PHE C 87 12.34 -3.11 39.16
N PHE C 88 11.29 -2.34 39.46
CA PHE C 88 11.39 -1.19 40.37
C PHE C 88 10.26 -1.22 41.40
N GLY C 89 10.44 -0.46 42.47
CA GLY C 89 9.37 -0.24 43.43
C GLY C 89 9.87 -0.19 44.86
N ARG C 90 8.95 -0.24 45.82
CA ARG C 90 9.33 -0.39 47.21
C ARG C 90 9.83 -1.81 47.46
N THR C 91 10.85 -1.93 48.32
CA THR C 91 11.36 -3.25 48.67
C THR C 91 10.25 -4.13 49.26
N SER C 92 9.34 -3.53 50.04
CA SER C 92 8.30 -4.25 50.75
C SER C 92 7.28 -4.90 49.83
N ASN C 93 7.04 -4.33 48.65
CA ASN C 93 6.10 -4.96 47.76
C ASN C 93 6.67 -6.19 47.09
N GLY C 94 7.92 -6.50 47.33
CA GLY C 94 8.41 -7.80 46.95
C GLY C 94 8.90 -7.95 45.54
N LYS C 95 9.49 -6.91 44.95
CA LYS C 95 10.04 -7.07 43.59
C LYS C 95 10.93 -8.29 43.53
N SER C 96 11.66 -8.57 44.61
CA SER C 96 12.65 -9.65 44.59
C SER C 96 11.98 -11.02 44.49
N THR C 97 10.85 -11.21 45.18
CA THR C 97 10.10 -12.46 45.11
C THR C 97 9.62 -12.74 43.69
N VAL C 98 9.18 -11.70 42.96
CA VAL C 98 8.69 -11.87 41.60
C VAL C 98 9.79 -12.47 40.71
N ILE C 99 10.99 -11.91 40.76
CA ILE C 99 12.12 -12.49 40.02
C ILE C 99 12.32 -13.94 40.44
N ASN C 100 12.33 -14.17 41.74
CA ASN C 100 12.59 -15.51 42.25
C ASN C 100 11.56 -16.49 41.72
N ALA C 101 10.30 -16.10 41.78
CA ALA C 101 9.23 -16.91 41.19
C ALA C 101 9.46 -17.16 39.70
N MET C 102 9.93 -16.16 38.96
CA MET C 102 10.13 -16.34 37.54
C MET C 102 11.30 -17.26 37.25
N LEU C 103 12.27 -17.32 38.15
CA LEU C 103 13.39 -18.23 38.00
C LEU C 103 13.16 -19.58 38.68
N TRP C 104 12.01 -19.75 39.33
CA TRP C 104 11.65 -21.00 39.98
C TRP C 104 12.65 -21.40 41.06
N ASP C 105 13.18 -20.40 41.77
CA ASP C 105 14.11 -20.66 42.87
C ASP C 105 14.30 -19.38 43.67
N LYS C 106 14.98 -19.51 44.81
CA LYS C 106 15.37 -18.35 45.59
C LYS C 106 16.75 -17.92 45.10
N VAL C 107 16.76 -16.90 44.24
CA VAL C 107 17.99 -16.33 43.70
C VAL C 107 18.39 -15.05 44.42
N LEU C 108 17.43 -14.25 44.84
CA LEU C 108 17.78 -12.99 45.44
C LEU C 108 17.29 -12.94 46.87
N PRO C 109 18.03 -12.28 47.75
CA PRO C 109 17.57 -12.11 49.13
C PRO C 109 16.23 -11.40 49.18
N SER C 110 15.42 -11.78 50.16
CA SER C 110 14.08 -11.22 50.32
C SER C 110 13.84 -10.75 51.74
N ASN C 117 20.34 -2.69 48.80
CA ASN C 117 20.28 -1.36 48.22
C ASN C 117 21.41 -1.10 47.20
N CYS C 118 21.56 -2.02 46.23
CA CYS C 118 22.32 -1.79 45.00
C CYS C 118 21.55 -2.45 43.87
N PHE C 119 22.09 -2.37 42.65
CA PHE C 119 21.51 -3.01 41.47
C PHE C 119 22.06 -4.42 41.31
N LEU C 120 21.19 -5.41 41.31
CA LEU C 120 21.60 -6.79 41.09
C LEU C 120 21.02 -7.26 39.77
N ARG C 121 21.85 -7.84 38.92
CA ARG C 121 21.37 -8.40 37.67
C ARG C 121 21.64 -9.89 37.66
N VAL C 122 20.75 -10.64 37.03
CA VAL C 122 20.84 -12.11 37.02
C VAL C 122 21.05 -12.51 35.56
N GLU C 123 22.15 -13.20 35.31
CA GLU C 123 22.51 -13.68 33.98
C GLU C 123 22.89 -15.15 34.10
N GLY C 124 22.81 -15.85 32.97
CA GLY C 124 23.13 -17.26 32.95
C GLY C 124 24.58 -17.53 32.62
N THR C 125 25.07 -18.65 33.14
CA THR C 125 26.40 -19.18 32.82
C THR C 125 26.28 -20.68 32.53
N ASP C 126 27.28 -21.20 31.80
CA ASP C 126 27.32 -22.62 31.41
C ASP C 126 27.79 -23.56 32.51
N GLY C 127 28.56 -23.08 33.48
CA GLY C 127 28.93 -23.87 34.64
C GLY C 127 27.76 -24.13 35.57
N HIS C 128 27.91 -25.12 36.45
CA HIS C 128 26.85 -25.52 37.37
C HIS C 128 27.01 -24.96 38.79
N GLU C 129 28.02 -24.13 39.06
CA GLU C 129 28.12 -23.45 40.35
C GLU C 129 27.82 -21.97 40.17
N ALA C 130 27.10 -21.39 41.12
CA ALA C 130 26.74 -19.99 41.07
C ALA C 130 27.89 -19.13 41.59
N PHE C 131 28.03 -17.94 41.02
CA PHE C 131 29.08 -17.06 41.47
C PHE C 131 28.70 -15.60 41.25
N LEU C 132 29.39 -14.72 41.98
CA LEU C 132 29.21 -13.28 41.83
C LEU C 132 30.32 -12.68 40.97
N LEU C 133 30.03 -11.49 40.47
CA LEU C 133 30.89 -10.76 39.59
C LEU C 133 30.64 -9.29 39.88
N THR C 134 31.65 -8.47 39.67
CA THR C 134 31.53 -7.03 39.85
C THR C 134 32.02 -6.35 38.58
N GLU C 135 31.33 -5.30 38.18
CA GLU C 135 31.58 -4.67 36.91
C GLU C 135 32.95 -3.98 36.90
N GLU C 139 37.24 -10.46 39.37
CA GLU C 139 37.24 -11.41 40.48
C GLU C 139 35.90 -12.14 40.59
N LYS C 140 35.93 -13.42 40.96
CA LYS C 140 34.74 -14.26 41.03
C LYS C 140 34.53 -14.73 42.47
N ARG C 141 33.36 -14.41 43.02
CA ARG C 141 32.92 -14.88 44.33
C ARG C 141 31.88 -15.99 44.14
N SER C 142 32.02 -17.07 44.92
CA SER C 142 31.05 -18.16 44.89
C SER C 142 29.75 -17.76 45.59
N ALA C 143 28.66 -18.44 45.25
CA ALA C 143 27.38 -18.22 45.92
C ALA C 143 26.51 -19.49 45.95
N LYS C 144 27.03 -20.56 46.55
CA LYS C 144 26.33 -21.85 46.50
C LYS C 144 24.94 -21.79 47.15
N THR C 145 24.78 -21.08 48.26
CA THR C 145 23.48 -20.99 48.90
C THR C 145 23.03 -19.55 48.80
N VAL C 146 21.72 -19.32 48.90
CA VAL C 146 21.23 -17.95 48.78
C VAL C 146 21.75 -17.12 49.94
N ASN C 147 21.87 -17.74 51.12
CA ASN C 147 22.37 -16.98 52.25
C ASN C 147 23.85 -16.63 52.08
N GLN C 148 24.66 -17.56 51.57
CA GLN C 148 26.06 -17.22 51.32
C GLN C 148 26.18 -16.06 50.35
N LEU C 149 25.32 -16.03 49.33
CA LEU C 149 25.32 -14.88 48.43
C LEU C 149 24.94 -13.61 49.20
N ALA C 150 23.89 -13.67 50.00
CA ALA C 150 23.55 -12.53 50.84
C ALA C 150 24.68 -12.27 51.84
N HIS C 151 25.36 -13.34 52.25
CA HIS C 151 26.49 -13.16 53.16
C HIS C 151 27.54 -12.33 52.45
N ALA C 152 27.91 -12.75 51.25
CA ALA C 152 28.87 -12.05 50.41
C ALA C 152 28.45 -10.62 50.13
N LEU C 153 27.16 -10.37 49.91
CA LEU C 153 26.70 -9.01 49.67
C LEU C 153 26.87 -8.14 50.91
N HIS C 154 26.51 -8.67 52.08
CA HIS C 154 26.71 -7.93 53.31
C HIS C 154 28.18 -7.87 53.74
N GLN C 155 28.96 -8.92 53.45
CA GLN C 155 30.27 -9.05 54.07
C GLN C 155 31.19 -7.90 53.69
N ASP C 156 31.10 -7.41 52.45
CA ASP C 156 31.92 -6.28 52.01
C ASP C 156 31.05 -5.02 51.95
N LYS C 157 31.32 -4.11 52.89
CA LYS C 157 30.79 -2.76 52.96
C LYS C 157 31.34 -1.87 51.85
N GLN C 158 32.07 -2.50 50.91
CA GLN C 158 32.73 -1.81 49.80
C GLN C 158 31.71 -1.26 48.80
N LEU C 159 30.59 -1.96 48.62
CA LEU C 159 29.60 -1.65 47.60
C LEU C 159 28.83 -0.37 47.98
N HIS C 160 28.35 0.35 46.96
CA HIS C 160 27.43 1.47 47.17
C HIS C 160 26.18 1.25 46.32
N ALA C 161 25.26 2.22 46.37
CA ALA C 161 23.99 2.03 45.65
C ALA C 161 24.16 2.18 44.15
N GLY C 162 25.12 2.97 43.69
CA GLY C 162 25.30 3.09 42.26
C GLY C 162 26.17 2.03 41.64
N SER C 163 26.78 1.14 42.42
CA SER C 163 27.55 0.07 41.83
C SER C 163 26.62 -1.06 41.40
N LEU C 164 27.13 -1.92 40.52
CA LEU C 164 26.34 -3.00 39.92
C LEU C 164 27.02 -4.34 40.13
N VAL C 165 26.31 -5.27 40.76
CA VAL C 165 26.76 -6.65 40.98
C VAL C 165 25.92 -7.58 40.10
N SER C 166 26.55 -8.56 39.46
CA SER C 166 25.85 -9.53 38.60
C SER C 166 25.93 -10.95 39.13
N VAL C 167 24.76 -11.57 39.36
CA VAL C 167 24.63 -12.96 39.78
C VAL C 167 24.61 -13.86 38.55
N MET C 168 25.58 -14.78 38.45
CA MET C 168 25.71 -15.67 37.29
C MET C 168 25.01 -16.99 37.60
N TRP C 169 23.88 -17.19 37.05
CA TRP C 169 23.16 -18.38 37.49
C TRP C 169 23.29 -19.48 36.43
N PRO C 170 23.46 -20.74 36.83
CA PRO C 170 23.62 -21.81 35.84
C PRO C 170 22.35 -22.04 35.03
N ASN C 171 22.51 -22.29 33.71
CA ASN C 171 21.37 -22.43 32.82
C ASN C 171 20.57 -23.71 33.04
N SER C 172 21.13 -24.73 33.70
CA SER C 172 20.38 -25.97 33.87
C SER C 172 19.10 -25.77 34.67
N LYS C 173 19.13 -24.82 35.61
CA LYS C 173 18.00 -24.65 36.51
C LYS C 173 16.78 -24.06 35.80
N CYS C 174 16.99 -23.03 34.98
CA CYS C 174 15.83 -22.34 34.41
C CYS C 174 16.03 -21.88 32.97
N PRO C 175 14.97 -21.96 32.15
CA PRO C 175 15.10 -21.70 30.70
C PRO C 175 15.20 -20.23 30.34
N LEU C 176 14.64 -19.33 31.16
CA LEU C 176 14.79 -17.90 30.88
C LEU C 176 16.24 -17.54 30.60
N LEU C 177 17.17 -18.02 31.43
CA LEU C 177 18.56 -17.59 31.31
C LEU C 177 19.25 -18.16 30.09
N LYS C 178 18.85 -19.32 29.59
CA LYS C 178 19.46 -19.86 28.39
C LYS C 178 18.80 -19.36 27.11
N ASP C 179 17.72 -18.61 27.22
CA ASP C 179 17.16 -17.91 26.07
C ASP C 179 17.65 -16.46 26.02
N ASP C 180 18.79 -16.19 26.66
CA ASP C 180 19.50 -14.91 26.58
C ASP C 180 18.74 -13.75 27.24
N LEU C 181 18.14 -14.03 28.41
CA LEU C 181 17.42 -13.02 29.18
C LEU C 181 18.24 -12.62 30.42
N VAL C 182 18.32 -11.32 30.67
CA VAL C 182 18.96 -10.76 31.86
C VAL C 182 17.88 -10.12 32.72
N LEU C 183 17.86 -10.49 34.00
CA LEU C 183 16.95 -9.89 34.97
C LEU C 183 17.77 -8.98 35.88
N MET C 184 17.24 -7.80 36.17
CA MET C 184 17.95 -6.82 36.99
C MET C 184 17.01 -6.27 38.05
N ASP C 185 17.37 -6.44 39.31
CA ASP C 185 16.62 -5.90 40.44
C ASP C 185 17.25 -4.56 40.83
N SER C 186 16.44 -3.57 40.97
CA SER C 186 16.89 -2.23 41.32
C SER C 186 16.84 -2.04 42.83
N PRO C 187 17.52 -1.01 43.35
CA PRO C 187 17.43 -0.74 44.80
C PRO C 187 16.06 -0.22 45.21
N GLY C 188 15.70 -0.50 46.45
CA GLY C 188 14.43 -0.06 46.98
C GLY C 188 14.16 1.43 46.97
N ILE C 189 13.02 1.81 46.44
CA ILE C 189 12.59 3.20 46.38
C ILE C 189 12.05 3.63 47.74
N ASP C 190 12.40 4.84 48.17
CA ASP C 190 11.82 5.51 49.32
C ASP C 190 11.57 6.96 48.88
N VAL C 191 11.18 7.85 49.80
CA VAL C 191 10.81 9.19 49.34
C VAL C 191 12.06 9.97 48.95
N THR C 192 13.13 9.84 49.73
CA THR C 192 14.33 10.62 49.50
C THR C 192 15.26 9.93 48.50
N THR C 193 14.81 8.80 47.94
CA THR C 193 15.66 8.03 47.04
C THR C 193 16.08 8.83 45.83
N GLU C 194 17.33 8.68 45.49
CA GLU C 194 18.03 9.52 44.52
C GLU C 194 18.20 8.68 43.26
N LEU C 195 17.31 8.92 42.30
CA LEU C 195 17.10 8.10 41.11
C LEU C 195 17.74 8.68 39.87
N ASP C 196 18.44 9.81 39.99
CA ASP C 196 18.74 10.65 38.84
C ASP C 196 19.74 10.04 37.85
N SER C 197 20.70 9.22 38.31
CA SER C 197 21.59 8.54 37.37
C SER C 197 21.07 7.22 36.81
N TRP C 198 19.93 6.70 37.29
CA TRP C 198 19.61 5.28 37.08
C TRP C 198 19.46 4.94 35.59
N ILE C 199 18.68 5.71 34.85
CA ILE C 199 18.35 5.30 33.49
C ILE C 199 19.61 5.26 32.62
N ASP C 200 20.41 6.32 32.65
CA ASP C 200 21.60 6.35 31.81
C ASP C 200 22.67 5.38 32.28
N LYS C 201 22.85 5.21 33.60
CA LYS C 201 23.89 4.29 34.07
C LYS C 201 23.54 2.82 33.80
N PHE C 202 22.24 2.44 33.88
CA PHE C 202 21.88 1.02 33.80
C PHE C 202 20.76 0.67 32.84
N CYS C 203 19.80 1.56 32.63
CA CYS C 203 18.52 1.17 32.07
C CYS C 203 18.36 1.53 30.60
N LEU C 204 19.41 2.04 29.97
CA LEU C 204 19.25 2.45 28.58
C LEU C 204 19.02 1.26 27.66
N ASP C 205 19.59 0.10 27.97
CA ASP C 205 19.39 -1.10 27.18
C ASP C 205 18.35 -2.07 27.78
N ALA C 206 17.57 -1.66 28.77
CA ALA C 206 16.52 -2.54 29.27
C ALA C 206 15.29 -2.44 28.37
N ASP C 207 14.80 -3.60 27.93
CA ASP C 207 13.72 -3.67 26.98
C ASP C 207 12.34 -3.60 27.64
N VAL C 208 12.22 -4.03 28.90
CA VAL C 208 10.96 -3.98 29.63
C VAL C 208 11.19 -3.47 31.04
N PHE C 209 10.34 -2.54 31.48
CA PHE C 209 10.33 -2.03 32.85
C PHE C 209 9.09 -2.58 33.58
N VAL C 210 9.30 -3.18 34.75
CA VAL C 210 8.21 -3.67 35.58
C VAL C 210 8.17 -2.88 36.88
N LEU C 211 7.09 -2.13 37.09
CA LEU C 211 6.81 -1.52 38.39
C LEU C 211 6.03 -2.54 39.21
N VAL C 212 6.64 -3.06 40.26
CA VAL C 212 5.98 -3.97 41.16
C VAL C 212 5.43 -3.15 42.31
N ALA C 213 4.11 -3.09 42.42
CA ALA C 213 3.46 -2.22 43.41
C ALA C 213 2.63 -3.02 44.40
N ASN C 214 1.69 -2.36 45.04
CA ASN C 214 0.69 -2.99 45.91
C ASN C 214 -0.70 -2.53 45.49
N SER C 215 -1.65 -3.45 45.53
CA SER C 215 -3.00 -3.16 45.05
C SER C 215 -3.66 -2.07 45.89
N GLU C 216 -3.45 -2.12 47.21
CA GLU C 216 -4.20 -1.31 48.17
C GLU C 216 -3.61 0.07 48.46
N SER C 217 -2.42 0.37 47.94
CA SER C 217 -1.74 1.63 48.19
C SER C 217 -1.82 2.58 46.99
N THR C 218 -1.63 3.86 47.30
CA THR C 218 -1.44 4.88 46.29
C THR C 218 0.05 4.90 45.92
N LEU C 219 0.34 5.06 44.62
CA LEU C 219 1.71 5.05 44.15
C LEU C 219 2.50 6.24 44.68
N MET C 220 3.76 5.98 45.04
CA MET C 220 4.65 7.02 45.53
C MET C 220 4.87 8.08 44.47
N GLN C 221 5.09 9.31 44.91
CA GLN C 221 5.46 10.34 43.94
C GLN C 221 6.83 10.06 43.33
N THR C 222 7.68 9.37 44.06
CA THR C 222 9.03 9.15 43.55
C THR C 222 9.05 8.08 42.46
N GLU C 223 8.28 7.00 42.63
CA GLU C 223 8.23 6.04 41.53
C GLU C 223 7.55 6.66 40.31
N LYS C 224 6.38 7.27 40.51
CA LYS C 224 5.66 7.88 39.40
C LYS C 224 6.56 8.85 38.65
N HIS C 225 7.42 9.57 39.36
CA HIS C 225 8.34 10.50 38.70
C HIS C 225 9.36 9.72 37.85
N PHE C 226 9.86 8.60 38.39
CA PHE C 226 10.85 7.81 37.67
C PHE C 226 10.29 7.26 36.35
N PHE C 227 9.04 6.79 36.35
CA PHE C 227 8.50 6.21 35.14
C PHE C 227 8.06 7.29 34.15
N HIS C 228 7.83 8.51 34.63
CA HIS C 228 7.83 9.65 33.73
C HIS C 228 9.17 9.74 33.01
N LYS C 229 10.26 9.63 33.75
CA LYS C 229 11.55 9.82 33.11
C LYS C 229 11.90 8.66 32.18
N VAL C 230 11.27 7.49 32.36
CA VAL C 230 11.51 6.40 31.40
C VAL C 230 10.81 6.68 30.08
N SER C 231 9.56 7.13 30.14
CA SER C 231 8.79 7.35 28.93
C SER C 231 9.36 8.48 28.09
N GLU C 232 9.95 9.48 28.74
CA GLU C 232 10.53 10.62 28.02
C GLU C 232 11.83 10.24 27.31
N ARG C 233 12.71 9.50 27.98
CA ARG C 233 14.08 9.35 27.51
C ARG C 233 14.29 8.15 26.58
N LEU C 234 13.39 7.17 26.52
CA LEU C 234 13.69 6.09 25.58
C LEU C 234 12.46 5.61 24.82
N SER C 235 12.73 4.93 23.72
CA SER C 235 11.72 4.47 22.77
C SER C 235 11.33 3.03 23.06
N ARG C 236 10.29 2.59 22.35
CA ARG C 236 9.57 1.35 22.60
C ARG C 236 9.54 1.06 24.10
N PRO C 237 9.14 2.01 24.96
CA PRO C 237 9.18 1.72 26.39
C PRO C 237 8.03 0.79 26.72
N ASN C 238 8.36 -0.33 27.35
CA ASN C 238 7.36 -1.31 27.78
C ASN C 238 7.24 -1.24 29.30
N ILE C 239 6.06 -0.87 29.80
CA ILE C 239 5.84 -0.75 31.22
C ILE C 239 4.82 -1.80 31.62
N PHE C 240 5.19 -2.69 32.55
CA PHE C 240 4.22 -3.57 33.19
C PHE C 240 4.02 -3.10 34.62
N ILE C 241 2.78 -3.10 35.08
CA ILE C 241 2.48 -2.86 36.48
C ILE C 241 1.98 -4.18 37.06
N LEU C 242 2.77 -4.73 37.96
CA LEU C 242 2.40 -5.95 38.68
C LEU C 242 1.94 -5.49 40.06
N ASN C 243 0.67 -5.78 40.38
CA ASN C 243 0.15 -5.49 41.71
C ASN C 243 0.27 -6.79 42.49
N ASN C 244 1.27 -6.82 43.38
CA ASN C 244 1.62 -7.95 44.23
C ASN C 244 0.98 -7.84 45.62
N ARG C 245 1.27 -8.84 46.47
CA ARG C 245 0.62 -9.00 47.78
C ARG C 245 -0.90 -8.94 47.65
N TRP C 246 -1.41 -9.54 46.58
CA TRP C 246 -2.82 -9.76 46.26
C TRP C 246 -3.44 -10.91 47.09
N ASP C 247 -2.76 -11.36 48.16
CA ASP C 247 -3.25 -12.42 49.04
C ASP C 247 -4.43 -12.04 49.94
N ALA C 248 -4.76 -10.75 50.10
CA ALA C 248 -5.88 -10.39 50.97
C ALA C 248 -7.21 -10.95 50.47
N SER C 249 -7.35 -11.17 49.16
CA SER C 249 -8.56 -11.70 48.54
C SER C 249 -8.83 -13.16 48.89
N ALA C 250 -7.94 -13.85 49.60
CA ALA C 250 -8.26 -15.22 49.98
C ALA C 250 -9.50 -15.26 50.88
N SER C 251 -9.57 -14.37 51.87
CA SER C 251 -10.66 -14.39 52.82
C SER C 251 -11.71 -13.32 52.56
N GLU C 252 -11.39 -12.32 51.76
CA GLU C 252 -12.30 -11.21 51.46
C GLU C 252 -12.53 -11.08 49.95
N PRO C 253 -13.07 -12.14 49.32
CA PRO C 253 -13.13 -12.15 47.84
C PRO C 253 -13.97 -11.04 47.24
N GLU C 254 -15.05 -10.67 47.92
CA GLU C 254 -15.95 -9.67 47.38
C GLU C 254 -15.29 -8.30 47.30
N TYR C 255 -14.59 -7.89 48.35
CA TYR C 255 -13.99 -6.56 48.36
C TYR C 255 -12.89 -6.43 47.33
N MET C 256 -11.96 -7.39 47.29
CA MET C 256 -10.86 -7.31 46.34
C MET C 256 -11.34 -7.24 44.90
N GLU C 257 -12.50 -7.82 44.60
CA GLU C 257 -13.04 -7.67 43.26
C GLU C 257 -13.58 -6.26 43.00
N GLU C 258 -13.98 -5.53 44.06
CA GLU C 258 -14.25 -4.10 43.92
C GLU C 258 -12.94 -3.31 43.86
N VAL C 259 -12.04 -3.59 44.81
CA VAL C 259 -10.69 -3.04 44.83
C VAL C 259 -10.00 -3.26 43.49
N ARG C 260 -10.21 -4.42 42.90
CA ARG C 260 -9.63 -4.70 41.58
C ARG C 260 -10.15 -3.70 40.55
N ARG C 261 -11.48 -3.53 40.51
CA ARG C 261 -12.08 -2.57 39.60
C ARG C 261 -11.46 -1.18 39.78
N GLN C 262 -11.44 -0.68 41.01
CA GLN C 262 -10.97 0.68 41.23
C GLN C 262 -9.48 0.81 40.88
N HIS C 263 -8.64 -0.10 41.40
CA HIS C 263 -7.21 0.03 41.13
C HIS C 263 -6.84 -0.30 39.69
N MET C 264 -7.60 -1.17 39.03
CA MET C 264 -7.32 -1.43 37.62
C MET C 264 -7.51 -0.17 36.79
N GLU C 265 -8.60 0.58 37.03
CA GLU C 265 -8.79 1.82 36.28
C GLU C 265 -7.80 2.88 36.71
N ARG C 266 -7.30 2.81 37.94
CA ARG C 266 -6.23 3.71 38.31
C ARG C 266 -4.95 3.41 37.51
N CYS C 267 -4.59 2.13 37.39
CA CYS C 267 -3.36 1.78 36.69
C CYS C 267 -3.47 2.04 35.19
N THR C 268 -4.64 1.79 34.60
CA THR C 268 -4.83 2.07 33.18
C THR C 268 -4.65 3.55 32.84
N SER C 269 -5.23 4.44 33.65
CA SER C 269 -5.12 5.88 33.36
C SER C 269 -3.67 6.36 33.51
N PHE C 270 -2.93 5.75 34.44
CA PHE C 270 -1.52 6.11 34.59
C PHE C 270 -0.73 5.71 33.37
N LEU C 271 -1.01 4.51 32.84
CA LEU C 271 -0.27 3.95 31.72
C LEU C 271 -0.63 4.64 30.40
N VAL C 272 -1.90 4.90 30.18
CA VAL C 272 -2.39 5.36 28.89
C VAL C 272 -2.52 6.86 28.82
N ASP C 273 -2.94 7.48 29.90
CA ASP C 273 -3.21 8.93 29.87
C ASP C 273 -1.95 9.65 30.31
N GLU C 274 -1.54 9.45 31.56
CA GLU C 274 -0.47 10.26 32.12
C GLU C 274 0.89 9.95 31.48
N LEU C 275 1.17 8.68 31.16
CA LEU C 275 2.45 8.35 30.51
C LEU C 275 2.38 8.27 29.00
N GLY C 276 1.27 7.80 28.45
CA GLY C 276 1.16 7.62 27.01
C GLY C 276 1.96 6.46 26.44
N VAL C 277 2.38 5.50 27.26
CA VAL C 277 3.24 4.44 26.72
C VAL C 277 2.45 3.26 26.15
N VAL C 278 1.13 3.22 26.35
CA VAL C 278 0.27 2.20 25.75
C VAL C 278 -1.08 2.85 25.44
N ASP C 279 -1.77 2.29 24.45
CA ASP C 279 -3.11 2.77 24.20
C ASP C 279 -4.10 1.79 24.82
N ARG C 280 -5.34 2.25 24.97
CA ARG C 280 -6.25 1.64 25.92
C ARG C 280 -6.52 0.17 25.60
N SER C 281 -6.43 -0.22 24.33
CA SER C 281 -6.75 -1.59 23.91
C SER C 281 -5.88 -2.68 24.55
N GLN C 282 -4.72 -2.35 25.15
CA GLN C 282 -3.88 -3.39 25.74
C GLN C 282 -3.59 -3.11 27.22
N ALA C 283 -4.53 -2.49 27.93
CA ALA C 283 -4.31 -2.25 29.35
C ALA C 283 -4.31 -3.56 30.12
N GLY C 284 -5.10 -4.53 29.65
CA GLY C 284 -5.16 -5.85 30.25
C GLY C 284 -3.95 -6.72 30.03
N ASP C 285 -3.13 -6.42 29.03
CA ASP C 285 -1.91 -7.18 28.84
C ASP C 285 -0.72 -6.57 29.54
N ARG C 286 -0.90 -5.49 30.28
CA ARG C 286 0.19 -4.87 30.99
C ARG C 286 -0.03 -4.76 32.50
N ILE C 287 -1.25 -5.01 33.01
CA ILE C 287 -1.54 -4.81 34.43
C ILE C 287 -2.08 -6.13 35.01
N PHE C 288 -1.38 -6.67 36.01
CA PHE C 288 -1.70 -7.98 36.55
C PHE C 288 -1.73 -7.93 38.08
N PHE C 289 -2.62 -8.74 38.68
CA PHE C 289 -2.76 -8.84 40.14
C PHE C 289 -2.26 -10.22 40.54
N VAL C 290 -1.14 -10.28 41.27
CA VAL C 290 -0.46 -11.53 41.58
C VAL C 290 -0.10 -11.60 43.06
N SER C 291 0.27 -12.81 43.48
CA SER C 291 0.81 -13.10 44.79
C SER C 291 2.16 -13.79 44.60
N ALA C 292 3.24 -13.01 44.66
CA ALA C 292 4.54 -13.58 44.35
C ALA C 292 4.94 -14.65 45.36
N LYS C 293 4.68 -14.41 46.65
CA LYS C 293 5.07 -15.38 47.68
C LYS C 293 4.41 -16.72 47.42
N GLU C 294 3.08 -16.72 47.22
CA GLU C 294 2.36 -17.95 46.87
C GLU C 294 3.00 -18.66 45.70
N VAL C 295 3.15 -17.94 44.58
CA VAL C 295 3.64 -18.56 43.36
C VAL C 295 5.01 -19.20 43.59
N LEU C 296 5.91 -18.48 44.28
CA LEU C 296 7.27 -19.01 44.48
C LEU C 296 7.26 -20.31 45.26
N ASN C 297 6.59 -20.32 46.42
CA ASN C 297 6.53 -21.52 47.24
C ASN C 297 6.05 -22.71 46.41
N ALA C 298 4.95 -22.51 45.66
CA ALA C 298 4.41 -23.56 44.83
C ALA C 298 5.44 -24.10 43.85
N ARG C 299 6.21 -23.20 43.24
CA ARG C 299 7.18 -23.68 42.26
C ARG C 299 8.38 -24.34 42.94
N ILE C 300 8.76 -23.86 44.13
CA ILE C 300 9.80 -24.54 44.89
C ILE C 300 9.37 -25.97 45.20
N GLN C 301 8.13 -26.13 45.70
CA GLN C 301 7.59 -27.47 45.94
C GLN C 301 7.46 -28.29 44.65
N LYS C 302 6.97 -27.65 43.58
CA LYS C 302 6.69 -28.41 42.36
C LYS C 302 7.95 -29.04 41.81
N ALA C 303 9.01 -28.26 41.69
CA ALA C 303 10.30 -28.82 41.29
C ALA C 303 10.70 -29.98 42.20
N GLN C 304 10.52 -29.82 43.50
CA GLN C 304 11.02 -30.81 44.45
C GLN C 304 10.22 -32.11 44.49
N GLY C 305 9.18 -32.26 43.67
CA GLY C 305 8.48 -33.53 43.55
C GLY C 305 7.43 -33.80 44.58
N MET C 306 6.95 -32.77 45.29
CA MET C 306 5.99 -32.94 46.37
C MET C 306 4.57 -32.58 45.97
N LEU C 313 -3.77 -23.99 48.45
CA LEU C 313 -4.74 -24.43 49.44
C LEU C 313 -5.71 -23.31 49.80
N ALA C 314 -5.26 -22.07 49.63
CA ALA C 314 -6.06 -20.91 50.01
C ALA C 314 -7.12 -20.60 48.94
N GLU C 315 -8.26 -20.04 49.40
CA GLU C 315 -9.38 -19.73 48.51
C GLU C 315 -8.95 -18.78 47.39
N GLY C 316 -9.10 -19.21 46.14
CA GLY C 316 -8.67 -18.43 44.99
C GLY C 316 -7.25 -18.69 44.52
N PHE C 317 -6.62 -19.77 44.97
CA PHE C 317 -5.22 -20.04 44.67
C PHE C 317 -4.99 -20.31 43.17
N GLN C 318 -5.78 -21.23 42.61
CA GLN C 318 -5.57 -21.66 41.24
C GLN C 318 -5.80 -20.49 40.27
N VAL C 319 -6.79 -19.67 40.56
CA VAL C 319 -7.05 -18.50 39.74
C VAL C 319 -5.87 -17.53 39.81
N ARG C 320 -5.30 -17.32 41.00
CA ARG C 320 -4.12 -16.46 41.09
C ARG C 320 -2.89 -17.12 40.46
N MET C 321 -2.77 -18.43 40.57
CA MET C 321 -1.67 -19.15 39.97
C MET C 321 -1.64 -18.95 38.46
N PHE C 322 -2.82 -18.98 37.81
CA PHE C 322 -2.91 -18.79 36.37
C PHE C 322 -2.63 -17.34 35.95
N GLU C 323 -2.98 -16.35 36.78
CA GLU C 323 -2.69 -14.97 36.42
C GLU C 323 -1.18 -14.72 36.35
N PHE C 324 -0.43 -15.33 37.25
CA PHE C 324 1.00 -15.14 37.18
C PHE C 324 1.56 -15.73 35.89
N GLN C 325 1.14 -16.96 35.56
CA GLN C 325 1.62 -17.61 34.34
C GLN C 325 1.24 -16.81 33.11
N ASN C 326 0.02 -16.29 33.09
CA ASN C 326 -0.40 -15.41 32.02
C ASN C 326 0.48 -14.15 31.94
N PHE C 327 0.80 -13.53 33.08
CA PHE C 327 1.71 -12.38 33.02
C PHE C 327 3.04 -12.78 32.42
N GLU C 328 3.56 -13.94 32.84
CA GLU C 328 4.84 -14.40 32.32
C GLU C 328 4.77 -14.52 30.81
N ARG C 329 3.71 -15.12 30.32
CA ARG C 329 3.54 -15.37 28.89
C ARG C 329 3.42 -14.06 28.11
N ARG C 330 2.65 -13.12 28.63
CA ARG C 330 2.55 -11.85 27.95
C ARG C 330 3.84 -11.06 28.03
N PHE C 331 4.64 -11.32 29.05
CA PHE C 331 5.90 -10.60 29.21
C PHE C 331 6.92 -11.11 28.21
N GLU C 332 6.99 -12.43 28.03
CA GLU C 332 7.94 -12.99 27.08
C GLU C 332 7.60 -12.61 25.64
N GLU C 333 6.32 -12.44 25.32
CA GLU C 333 5.97 -11.92 24.00
C GLU C 333 6.49 -10.51 23.84
N CYS C 334 6.21 -9.66 24.82
CA CYS C 334 6.59 -8.26 24.74
C CYS C 334 8.10 -8.09 24.64
N ILE C 335 8.86 -8.73 25.54
CA ILE C 335 10.31 -8.47 25.51
C ILE C 335 10.98 -9.09 24.30
N SER C 336 10.52 -10.25 23.84
CA SER C 336 11.20 -10.86 22.70
C SER C 336 11.03 -10.00 21.46
N GLN C 337 9.82 -9.50 21.21
CA GLN C 337 9.54 -8.70 20.02
C GLN C 337 10.39 -7.44 19.96
N SER C 338 10.28 -6.57 20.96
CA SER C 338 10.90 -5.25 20.84
C SER C 338 12.40 -5.33 20.97
N ALA C 339 12.91 -6.28 21.76
CA ALA C 339 14.35 -6.45 21.88
C ALA C 339 14.96 -6.77 20.53
N VAL C 340 14.31 -7.63 19.74
CA VAL C 340 14.83 -7.95 18.40
C VAL C 340 14.93 -6.67 17.58
N LYS C 341 13.94 -5.80 17.70
CA LYS C 341 14.01 -4.54 16.98
C LYS C 341 15.17 -3.69 17.50
N THR C 342 15.12 -3.29 18.78
CA THR C 342 16.09 -2.32 19.27
C THR C 342 17.51 -2.83 19.21
N LYS C 343 17.74 -4.12 19.42
CA LYS C 343 19.14 -4.55 19.39
C LYS C 343 19.71 -4.72 17.99
N PHE C 344 18.88 -4.96 16.98
CA PHE C 344 19.44 -5.36 15.69
C PHE C 344 19.14 -4.43 14.52
N GLU C 345 18.22 -3.47 14.68
CA GLU C 345 17.87 -2.59 13.58
C GLU C 345 19.08 -1.80 13.08
N GLN C 346 19.77 -1.12 14.00
CA GLN C 346 20.84 -0.21 13.64
C GLN C 346 21.95 -0.94 12.89
N HIS C 347 22.34 -2.10 13.41
CA HIS C 347 23.29 -2.96 12.73
C HIS C 347 22.71 -3.61 11.48
N THR C 348 21.39 -3.77 11.38
CA THR C 348 20.88 -4.25 10.10
C THR C 348 21.08 -3.19 9.02
N VAL C 349 20.77 -1.92 9.34
CA VAL C 349 20.99 -0.84 8.39
C VAL C 349 22.47 -0.73 8.03
N ARG C 350 23.33 -0.93 9.02
CA ARG C 350 24.77 -0.86 8.76
C ARG C 350 25.22 -1.95 7.80
N ALA C 351 24.83 -3.19 8.05
CA ALA C 351 25.21 -4.24 7.12
C ALA C 351 24.76 -3.90 5.70
N LYS C 352 23.54 -3.37 5.55
CA LYS C 352 23.05 -3.00 4.23
C LYS C 352 23.91 -1.92 3.58
N GLN C 353 24.35 -0.94 4.36
CA GLN C 353 25.14 0.13 3.78
C GLN C 353 26.55 -0.34 3.44
N ILE C 354 27.07 -1.32 4.18
CA ILE C 354 28.38 -1.87 3.86
C ILE C 354 28.32 -2.72 2.61
N ALA C 355 27.26 -3.52 2.45
CA ALA C 355 27.17 -4.34 1.25
C ALA C 355 27.06 -3.46 0.01
N GLU C 356 26.41 -2.31 0.13
CA GLU C 356 26.23 -1.43 -1.02
C GLU C 356 27.55 -0.82 -1.47
N ALA C 357 28.35 -0.34 -0.51
CA ALA C 357 29.63 0.25 -0.84
C ALA C 357 30.53 -0.74 -1.55
N VAL C 358 30.63 -1.96 -1.01
CA VAL C 358 31.50 -2.95 -1.66
C VAL C 358 30.90 -3.34 -3.00
N ARG C 359 29.58 -3.34 -3.09
CA ARG C 359 28.90 -3.63 -4.35
CA ARG C 359 28.94 -3.65 -4.36
C ARG C 359 29.34 -2.65 -5.44
N LEU C 360 29.48 -1.37 -5.08
CA LEU C 360 29.76 -0.33 -6.05
C LEU C 360 31.22 -0.37 -6.49
N ILE C 361 32.10 -0.77 -5.57
CA ILE C 361 33.52 -0.88 -5.91
C ILE C 361 33.71 -2.01 -6.92
N MET C 362 33.03 -3.13 -6.70
CA MET C 362 33.08 -4.22 -7.66
C MET C 362 32.49 -3.80 -9.01
N ASP C 363 31.40 -3.02 -8.99
CA ASP C 363 30.85 -2.56 -10.26
C ASP C 363 31.80 -1.57 -10.94
N SER C 364 32.43 -0.69 -10.17
CA SER C 364 33.41 0.22 -10.77
C SER C 364 34.57 -0.58 -11.35
N LEU C 365 34.95 -1.67 -10.70
CA LEU C 365 35.99 -2.54 -11.22
C LEU C 365 35.56 -3.24 -12.50
N HIS C 366 34.32 -3.73 -12.53
CA HIS C 366 33.84 -4.44 -13.72
C HIS C 366 33.93 -3.54 -14.95
N MET C 367 33.53 -2.27 -14.81
CA MET C 367 33.49 -1.32 -15.92
C MET C 367 34.88 -0.79 -16.29
N ALA C 368 35.77 -0.66 -15.33
CA ALA C 368 37.14 -0.27 -15.64
C ALA C 368 37.86 -1.38 -16.42
N ALA C 369 37.64 -2.63 -16.04
CA ALA C 369 38.29 -3.73 -16.76
C ALA C 369 37.71 -3.87 -18.18
N ARG C 370 36.41 -3.62 -18.37
CA ARG C 370 35.83 -3.69 -19.70
C ARG C 370 36.42 -2.63 -20.60
N GLU C 371 36.61 -1.39 -20.10
CA GLU C 371 37.14 -0.32 -20.94
C GLU C 371 38.59 -0.61 -21.36
N GLN C 372 39.44 -1.04 -20.41
CA GLN C 372 40.79 -1.43 -20.77
C GLN C 372 40.80 -2.66 -21.69
N GLN C 373 39.81 -3.54 -21.59
CA GLN C 373 39.78 -4.66 -22.52
C GLN C 373 39.39 -4.21 -23.92
N VAL C 374 38.47 -3.25 -24.03
CA VAL C 374 38.12 -2.70 -25.35
C VAL C 374 39.33 -2.00 -25.96
N TYR C 375 39.99 -1.17 -25.18
CA TYR C 375 41.19 -0.49 -25.65
C TYR C 375 42.27 -1.52 -26.02
N CYS C 376 42.41 -2.59 -25.22
CA CYS C 376 43.42 -3.59 -25.51
C CYS C 376 43.09 -4.34 -26.78
N GLU C 377 41.80 -4.55 -27.06
CA GLU C 377 41.43 -5.17 -28.33
C GLU C 377 41.74 -4.26 -29.52
N GLU C 378 41.40 -2.96 -29.41
CA GLU C 378 41.71 -2.02 -30.49
C GLU C 378 43.22 -1.95 -30.76
N MET C 379 44.02 -1.84 -29.71
CA MET C 379 45.47 -1.71 -29.90
C MET C 379 46.06 -2.95 -30.56
N ARG C 380 45.40 -4.10 -30.42
CA ARG C 380 45.83 -5.30 -31.10
C ARG C 380 45.45 -5.28 -32.57
N GLU C 381 44.26 -4.78 -32.88
CA GLU C 381 43.83 -4.65 -34.27
C GLU C 381 44.80 -3.79 -35.06
N GLU C 382 45.23 -2.66 -34.49
CA GLU C 382 46.18 -1.78 -35.14
C GLU C 382 47.54 -2.44 -35.27
N ARG C 383 47.91 -3.26 -34.28
CA ARG C 383 49.21 -3.92 -34.33
C ARG C 383 49.32 -4.84 -35.54
N GLN C 384 48.19 -5.36 -36.03
CA GLN C 384 48.16 -6.16 -37.25
C GLN C 384 48.10 -5.32 -38.52
N ASP C 385 48.08 -3.99 -38.41
CA ASP C 385 48.16 -3.09 -39.55
C ASP C 385 49.58 -2.57 -39.82
N ARG C 386 50.55 -2.88 -38.95
CA ARG C 386 51.93 -2.41 -38.98
C ARG C 386 52.89 -3.52 -39.44
N THR C 387 54.19 -3.31 -39.21
CA THR C 387 55.23 -4.24 -39.62
C THR C 387 55.03 -5.63 -38.99
N ARG C 388 55.69 -6.64 -39.57
CA ARG C 388 55.56 -8.02 -39.10
C ARG C 388 56.60 -8.42 -38.05
N GLU C 389 57.75 -7.75 -37.98
CA GLU C 389 58.84 -8.31 -37.20
C GLU C 389 58.48 -8.38 -35.71
N ASN C 390 58.55 -9.60 -35.17
CA ASN C 390 58.20 -9.95 -33.79
C ASN C 390 56.72 -9.70 -33.50
N LEU C 391 55.90 -9.78 -34.54
CA LEU C 391 54.45 -9.69 -34.37
C LEU C 391 53.97 -10.74 -33.38
N GLU C 392 54.60 -11.93 -33.41
CA GLU C 392 54.19 -13.02 -32.53
C GLU C 392 54.38 -12.68 -31.06
N GLN C 393 55.62 -12.37 -30.67
CA GLN C 393 55.87 -11.95 -29.30
C GLN C 393 55.03 -10.75 -28.88
N GLU C 394 54.47 -10.00 -29.84
CA GLU C 394 53.58 -8.89 -29.52
C GLU C 394 52.10 -9.20 -29.72
N ILE C 395 51.73 -10.20 -30.54
CA ILE C 395 50.35 -10.67 -30.46
C ILE C 395 50.18 -11.61 -29.27
N ALA C 396 51.25 -12.30 -28.87
CA ALA C 396 51.19 -13.12 -27.66
C ALA C 396 51.05 -12.24 -26.43
N ALA C 397 51.88 -11.20 -26.33
CA ALA C 397 51.83 -10.31 -25.17
C ALA C 397 50.47 -9.64 -25.03
N MET C 398 49.89 -9.16 -26.13
CA MET C 398 48.61 -8.47 -26.05
C MET C 398 47.44 -9.41 -25.78
N ASN C 399 47.48 -10.64 -26.30
CA ASN C 399 46.38 -11.57 -26.06
C ASN C 399 46.39 -12.11 -24.64
N LYS C 400 47.56 -12.29 -24.02
CA LYS C 400 47.60 -12.71 -22.63
C LYS C 400 46.93 -11.67 -21.73
N LYS C 401 47.26 -10.40 -21.96
CA LYS C 401 46.71 -9.31 -21.16
C LYS C 401 45.19 -9.28 -21.20
N ILE C 402 44.61 -9.55 -22.37
CA ILE C 402 43.15 -9.48 -22.50
C ILE C 402 42.48 -10.59 -21.70
N GLU C 403 43.14 -11.75 -21.54
CA GLU C 403 42.55 -12.83 -20.74
C GLU C 403 42.45 -12.41 -19.29
N VAL C 404 43.52 -11.81 -18.78
CA VAL C 404 43.53 -11.31 -17.41
C VAL C 404 42.33 -10.39 -17.21
N LEU C 405 42.15 -9.44 -18.13
CA LEU C 405 41.01 -8.54 -18.03
C LEU C 405 39.68 -9.28 -18.15
N ASP C 406 39.62 -10.31 -18.98
CA ASP C 406 38.37 -11.05 -19.11
C ASP C 406 38.05 -11.75 -17.79
N SER C 407 39.07 -12.38 -17.19
CA SER C 407 38.91 -13.05 -15.91
C SER C 407 38.52 -12.08 -14.79
N LEU C 408 39.10 -10.88 -14.79
CA LEU C 408 38.71 -9.89 -13.79
C LEU C 408 37.24 -9.49 -13.92
N GLN C 409 36.74 -9.34 -15.13
CA GLN C 409 35.35 -8.94 -15.28
C GLN C 409 34.41 -10.01 -14.73
N SER C 410 34.72 -11.30 -14.95
CA SER C 410 33.84 -12.35 -14.48
C SER C 410 33.83 -12.41 -12.96
N LYS C 411 35.01 -12.51 -12.34
CA LYS C 411 35.07 -12.54 -10.88
C LYS C 411 34.41 -11.30 -10.27
N ALA C 412 34.63 -10.13 -10.87
CA ALA C 412 33.99 -8.91 -10.37
C ALA C 412 32.48 -8.95 -10.56
N LYS C 413 31.99 -9.53 -11.66
CA LYS C 413 30.55 -9.66 -11.83
C LYS C 413 29.94 -10.55 -10.75
N LEU C 414 30.62 -11.65 -10.45
CA LEU C 414 30.15 -12.56 -9.43
C LEU C 414 30.12 -11.88 -8.07
N LEU C 415 31.24 -11.27 -7.67
CA LEU C 415 31.32 -10.65 -6.35
C LEU C 415 30.29 -9.55 -6.19
N ARG C 416 30.02 -8.81 -7.27
CA ARG C 416 28.93 -7.85 -7.25
C ARG C 416 27.57 -8.55 -7.05
N ASN C 417 27.35 -9.74 -7.65
CA ASN C 417 26.04 -10.37 -7.43
C ASN C 417 25.92 -10.96 -6.02
N LYS C 418 27.00 -11.50 -5.49
CA LYS C 418 26.94 -12.02 -4.13
C LYS C 418 26.59 -10.92 -3.13
N ALA C 419 26.97 -9.68 -3.43
CA ALA C 419 26.56 -8.56 -2.59
C ALA C 419 25.08 -8.31 -2.69
N GLY C 420 24.46 -8.64 -3.83
CA GLY C 420 23.02 -8.49 -3.96
C GLY C 420 22.25 -9.51 -3.15
N TRP C 421 22.80 -10.71 -3.00
CA TRP C 421 22.22 -11.73 -2.13
C TRP C 421 22.14 -11.22 -0.68
N LEU C 422 23.28 -10.82 -0.13
CA LEU C 422 23.33 -10.21 1.18
C LEU C 422 22.28 -9.11 1.34
N ASP C 423 22.14 -8.23 0.33
CA ASP C 423 21.13 -7.20 0.42
C ASP C 423 19.74 -7.80 0.54
N SER C 424 19.44 -8.82 -0.27
CA SER C 424 18.12 -9.45 -0.19
C SER C 424 17.90 -10.15 1.16
N GLU C 425 18.96 -10.78 1.70
CA GLU C 425 18.85 -11.42 3.00
C GLU C 425 18.55 -10.40 4.09
N LEU C 426 19.24 -9.26 4.07
CA LEU C 426 18.97 -8.27 5.10
C LEU C 426 17.57 -7.70 4.94
N ASN C 427 17.06 -7.67 3.71
CA ASN C 427 15.71 -7.18 3.50
C ASN C 427 14.66 -8.14 4.06
N MET C 428 14.85 -9.45 3.87
CA MET C 428 13.93 -10.38 4.49
C MET C 428 13.96 -10.23 6.01
N PHE C 429 15.19 -10.22 6.58
CA PHE C 429 15.31 -10.04 8.02
C PHE C 429 14.63 -8.78 8.49
N THR C 430 14.80 -7.67 7.76
CA THR C 430 14.04 -6.48 8.10
C THR C 430 12.57 -6.75 8.05
N HIS C 431 12.11 -7.45 7.01
CA HIS C 431 10.69 -7.68 6.82
C HIS C 431 10.11 -8.56 7.94
N GLN C 432 10.85 -9.60 8.35
CA GLN C 432 10.36 -10.52 9.36
C GLN C 432 10.41 -9.94 10.77
N TYR C 433 11.49 -9.27 11.15
CA TYR C 433 11.67 -8.90 12.55
C TYR C 433 11.70 -7.40 12.85
N LEU C 434 11.63 -6.51 11.85
CA LEU C 434 11.80 -5.07 12.08
C LEU C 434 10.65 -4.22 11.60
N GLN C 435 9.34 -4.81 11.50
CA GLN C 435 8.47 -3.73 11.06
C GLN C 435 7.87 -2.98 12.25
N PRO C 436 7.69 -1.68 12.14
CA PRO C 436 7.38 -0.88 13.34
C PRO C 436 5.90 -0.60 13.62
N SER C 437 5.51 -0.73 14.89
CA SER C 437 4.21 -0.27 15.40
C SER C 437 4.24 -0.20 16.92
N ASN D 11 -13.93 5.55 -1.89
CA ASN D 11 -13.93 6.94 -1.44
C ASN D 11 -12.52 7.50 -1.21
N ALA D 12 -11.78 7.68 -2.30
CA ALA D 12 -10.51 8.40 -2.23
C ALA D 12 -10.76 9.85 -1.86
N SER D 13 -9.78 10.44 -1.17
CA SER D 13 -9.87 11.82 -0.72
C SER D 13 -9.86 12.80 -1.89
N PRO D 14 -10.60 13.91 -1.79
CA PRO D 14 -10.54 14.92 -2.86
C PRO D 14 -9.15 15.50 -3.00
N LEU D 15 -8.34 15.42 -1.94
CA LEU D 15 -6.96 15.89 -1.97
C LEU D 15 -6.14 15.19 -3.03
N LYS D 16 -6.61 14.07 -3.59
CA LYS D 16 -5.84 13.46 -4.67
C LYS D 16 -6.04 14.21 -5.96
N HIS D 17 -6.95 15.17 -5.99
CA HIS D 17 -6.96 16.11 -7.10
C HIS D 17 -5.71 16.97 -7.08
N PHE D 18 -5.25 17.37 -5.88
CA PHE D 18 -4.01 18.13 -5.81
C PHE D 18 -2.80 17.25 -6.06
N VAL D 19 -2.82 16.03 -5.54
CA VAL D 19 -1.66 15.17 -5.74
C VAL D 19 -1.48 14.86 -7.22
N THR D 20 -2.58 14.67 -7.93
CA THR D 20 -2.49 14.34 -9.35
C THR D 20 -1.98 15.53 -10.17
N ALA D 21 -2.57 16.71 -9.96
CA ALA D 21 -2.12 17.91 -10.68
C ALA D 21 -0.63 18.18 -10.45
N LYS D 22 -0.16 17.98 -9.23
CA LYS D 22 1.25 18.19 -8.94
C LYS D 22 2.12 17.22 -9.71
N LYS D 23 1.66 15.98 -9.89
CA LYS D 23 2.45 15.05 -10.69
C LYS D 23 2.48 15.45 -12.16
N LYS D 24 1.39 16.02 -12.70
CA LYS D 24 1.36 16.46 -14.09
C LYS D 24 2.27 17.68 -14.31
N ILE D 25 2.06 18.74 -13.54
CA ILE D 25 2.87 19.94 -13.72
C ILE D 25 4.34 19.64 -13.51
N ASN D 26 4.68 18.74 -12.58
CA ASN D 26 6.07 18.34 -12.43
C ASN D 26 6.54 17.56 -13.64
N GLY D 27 5.66 16.73 -14.20
CA GLY D 27 6.03 15.96 -15.39
C GLY D 27 6.32 16.85 -16.58
N ILE D 28 5.41 17.79 -16.84
CA ILE D 28 5.59 18.74 -17.93
C ILE D 28 6.92 19.44 -17.77
N PHE D 29 7.24 19.87 -16.54
CA PHE D 29 8.48 20.61 -16.33
C PHE D 29 9.72 19.76 -16.52
N GLU D 30 9.63 18.45 -16.33
CA GLU D 30 10.75 17.57 -16.67
C GLU D 30 10.92 17.49 -18.19
N GLN D 31 9.81 17.34 -18.92
CA GLN D 31 9.88 17.32 -20.37
C GLN D 31 10.29 18.68 -20.94
N LEU D 32 9.71 19.77 -20.42
CA LEU D 32 10.11 21.08 -20.89
C LEU D 32 11.60 21.33 -20.63
N GLY D 33 12.10 20.83 -19.51
CA GLY D 33 13.51 20.95 -19.23
C GLY D 33 14.35 20.11 -20.19
N ALA D 34 13.86 18.92 -20.53
CA ALA D 34 14.56 18.05 -21.47
C ALA D 34 14.65 18.67 -22.86
N TYR D 35 13.58 19.33 -23.29
CA TYR D 35 13.57 19.99 -24.58
C TYR D 35 14.63 21.08 -24.67
N ILE D 36 14.74 21.91 -23.64
CA ILE D 36 15.63 23.06 -23.72
C ILE D 36 17.10 22.63 -23.70
N GLN D 37 17.43 21.59 -22.92
CA GLN D 37 18.79 21.06 -22.95
C GLN D 37 19.14 20.60 -24.36
N GLU D 38 18.26 19.82 -24.97
CA GLU D 38 18.49 19.31 -26.32
C GLU D 38 18.55 20.44 -27.32
N SER D 39 17.66 21.42 -27.22
CA SER D 39 17.77 22.63 -28.04
C SER D 39 19.09 23.34 -27.75
N ALA D 40 19.43 23.51 -26.47
CA ALA D 40 20.66 24.21 -26.10
C ALA D 40 21.88 23.50 -26.67
N THR D 41 21.91 22.17 -26.62
CA THR D 41 23.00 21.44 -27.25
C THR D 41 23.06 21.73 -28.75
N PHE D 42 21.91 21.61 -29.42
CA PHE D 42 21.87 21.77 -30.87
C PHE D 42 22.26 23.18 -31.29
N LEU D 43 21.84 24.18 -30.51
CA LEU D 43 22.22 25.56 -30.83
C LEU D 43 23.73 25.78 -30.67
N GLU D 44 24.32 25.31 -29.56
CA GLU D 44 25.73 25.58 -29.36
C GLU D 44 26.60 24.78 -30.34
N ASP D 45 26.17 23.59 -30.75
CA ASP D 45 26.96 22.85 -31.74
C ASP D 45 26.86 23.48 -33.13
N THR D 46 25.77 24.17 -33.38
CA THR D 46 25.61 24.88 -34.64
C THR D 46 26.40 26.18 -34.62
N TYR D 47 26.34 26.93 -33.51
CA TYR D 47 27.08 28.18 -33.41
C TYR D 47 28.58 27.95 -33.55
N ARG D 48 29.10 26.85 -32.98
CA ARG D 48 30.51 26.46 -33.12
C ARG D 48 30.86 25.97 -34.52
N ASN D 49 30.08 26.10 -35.61
CA ASN D 49 30.46 25.56 -36.90
C ASN D 49 30.88 26.71 -37.81
N ALA D 50 32.17 26.75 -38.16
CA ALA D 50 32.74 27.83 -38.94
C ALA D 50 32.86 27.46 -40.41
N GLU D 51 32.27 26.34 -40.81
CA GLU D 51 32.14 26.02 -42.22
C GLU D 51 30.98 26.77 -42.86
N LEU D 52 30.14 27.41 -42.05
CA LEU D 52 28.87 27.98 -42.48
C LEU D 52 28.82 29.47 -42.11
N ASP D 53 28.20 30.28 -42.98
CA ASP D 53 27.86 31.64 -42.59
C ASP D 53 26.78 31.58 -41.50
N PRO D 54 26.88 32.42 -40.46
CA PRO D 54 26.07 32.22 -39.23
C PRO D 54 24.56 32.15 -39.42
N VAL D 55 23.96 31.14 -38.78
CA VAL D 55 22.50 31.03 -38.70
C VAL D 55 21.96 31.38 -37.33
N THR D 56 22.81 31.47 -36.31
CA THR D 56 22.36 31.82 -34.97
C THR D 56 23.42 32.68 -34.29
N THR D 57 23.01 33.39 -33.25
CA THR D 57 23.90 34.28 -32.52
C THR D 57 24.19 33.75 -31.12
N GLU D 58 25.23 34.30 -30.51
CA GLU D 58 25.56 33.93 -29.13
C GLU D 58 24.43 34.31 -28.18
N GLU D 59 23.80 35.47 -28.41
CA GLU D 59 22.63 35.85 -27.63
C GLU D 59 21.61 34.72 -27.58
N GLN D 60 21.33 34.12 -28.74
CA GLN D 60 20.36 33.04 -28.79
C GLN D 60 20.87 31.81 -28.04
N VAL D 61 22.16 31.49 -28.20
CA VAL D 61 22.73 30.37 -27.46
C VAL D 61 22.68 30.66 -25.96
N LEU D 62 23.00 31.91 -25.58
CA LEU D 62 22.99 32.31 -24.18
C LEU D 62 21.56 32.37 -23.65
N ASP D 63 20.61 32.87 -24.46
CA ASP D 63 19.21 32.91 -24.05
C ASP D 63 18.67 31.53 -23.75
N VAL D 64 18.97 30.54 -24.60
CA VAL D 64 18.43 29.21 -24.39
C VAL D 64 19.06 28.58 -23.15
N LYS D 65 20.36 28.82 -22.94
CA LYS D 65 21.00 28.32 -21.73
C LYS D 65 20.49 29.01 -20.46
N GLY D 66 20.15 30.29 -20.55
CA GLY D 66 19.52 30.96 -19.42
C GLY D 66 18.14 30.42 -19.13
N TYR D 67 17.35 30.14 -20.17
CA TYR D 67 16.09 29.47 -19.98
C TYR D 67 16.26 28.07 -19.39
N LEU D 68 17.35 27.39 -19.73
CA LEU D 68 17.56 26.06 -19.19
C LEU D 68 17.69 26.12 -17.67
N SER D 69 18.49 27.06 -17.19
CA SER D 69 18.71 27.24 -15.76
C SER D 69 17.43 27.67 -15.05
N LYS D 70 16.67 28.59 -15.64
CA LYS D 70 15.44 29.04 -15.02
C LYS D 70 14.45 27.89 -14.78
N VAL D 71 14.21 27.05 -15.78
CA VAL D 71 13.21 26.00 -15.57
C VAL D 71 13.69 24.99 -14.54
N ARG D 72 14.99 24.68 -14.52
CA ARG D 72 15.45 23.78 -13.48
C ARG D 72 15.28 24.43 -12.11
N GLY D 73 15.34 25.76 -12.05
CA GLY D 73 15.04 26.42 -10.79
C GLY D 73 13.56 26.29 -10.45
N ILE D 74 12.69 26.56 -11.41
CA ILE D 74 11.26 26.51 -11.15
C ILE D 74 10.81 25.10 -10.78
N SER D 75 11.35 24.09 -11.46
CA SER D 75 10.97 22.72 -11.14
C SER D 75 11.35 22.35 -9.72
N GLU D 76 12.27 23.09 -9.09
CA GLU D 76 12.60 22.82 -7.70
C GLU D 76 11.53 23.38 -6.76
N VAL D 77 11.06 24.61 -7.02
CA VAL D 77 9.91 25.16 -6.29
C VAL D 77 8.69 24.25 -6.43
N LEU D 78 8.39 23.84 -7.68
CA LEU D 78 7.16 23.09 -7.96
C LEU D 78 7.08 21.82 -7.13
N ALA D 79 8.20 21.13 -6.98
CA ALA D 79 8.20 19.84 -6.30
C ALA D 79 7.92 19.96 -4.80
N ARG D 80 8.03 21.15 -4.21
CA ARG D 80 7.73 21.29 -2.78
C ARG D 80 6.46 22.08 -2.53
N ARG D 81 5.54 22.14 -3.48
CA ARG D 81 4.32 22.86 -3.26
C ARG D 81 3.30 21.93 -2.62
N HIS D 82 2.54 22.49 -1.69
CA HIS D 82 1.68 21.72 -0.80
C HIS D 82 0.51 22.60 -0.37
N MET D 83 -0.50 21.94 0.20
CA MET D 83 -1.69 22.62 0.69
C MET D 83 -1.49 23.02 2.14
N LYS D 84 -2.02 24.19 2.49
CA LYS D 84 -1.88 24.70 3.85
C LYS D 84 -3.25 25.16 4.37
N VAL D 85 -3.63 24.75 5.57
CA VAL D 85 -4.83 25.27 6.25
C VAL D 85 -4.40 25.89 7.58
N ALA D 86 -4.93 27.09 7.86
CA ALA D 86 -4.72 27.76 9.12
C ALA D 86 -6.02 27.87 9.93
N PHE D 87 -5.92 27.63 11.25
CA PHE D 87 -7.02 27.76 12.22
C PHE D 87 -6.78 28.91 13.19
N PHE D 88 -7.81 29.72 13.42
CA PHE D 88 -7.75 30.85 14.34
C PHE D 88 -8.94 30.83 15.29
N GLY D 89 -8.83 31.59 16.38
CA GLY D 89 -9.93 31.87 17.29
C GLY D 89 -9.43 31.89 18.72
N ARG D 90 -10.36 32.02 19.67
CA ARG D 90 -10.01 31.91 21.09
C ARG D 90 -9.68 30.47 21.45
N THR D 91 -8.68 30.31 22.33
CA THR D 91 -8.22 28.98 22.70
C THR D 91 -9.34 28.15 23.31
N SER D 92 -10.17 28.78 24.12
CA SER D 92 -11.27 28.10 24.80
C SER D 92 -12.29 27.55 23.82
N ASN D 93 -12.35 28.04 22.58
CA ASN D 93 -13.29 27.46 21.62
C ASN D 93 -12.79 26.15 21.00
N GLY D 94 -11.58 25.70 21.33
CA GLY D 94 -11.17 24.36 21.01
C GLY D 94 -10.60 24.14 19.62
N LYS D 95 -10.04 25.17 18.99
CA LYS D 95 -9.46 25.03 17.66
C LYS D 95 -8.45 23.90 17.61
N SER D 96 -7.68 23.72 18.68
CA SER D 96 -6.65 22.71 18.64
C SER D 96 -7.26 21.31 18.70
N THR D 97 -8.36 21.13 19.45
CA THR D 97 -9.03 19.83 19.44
C THR D 97 -9.46 19.47 18.02
N VAL D 98 -9.89 20.49 17.25
CA VAL D 98 -10.36 20.28 15.89
C VAL D 98 -9.27 19.66 15.01
N ILE D 99 -8.07 20.27 15.01
CA ILE D 99 -6.97 19.72 14.21
C ILE D 99 -6.69 18.28 14.61
N ASN D 100 -6.70 18.00 15.90
CA ASN D 100 -6.49 16.64 16.40
C ASN D 100 -7.59 15.69 15.90
N ALA D 101 -8.83 16.14 15.90
CA ALA D 101 -9.90 15.33 15.34
C ALA D 101 -9.63 14.94 13.89
N MET D 102 -9.11 15.87 13.08
CA MET D 102 -8.82 15.59 11.67
C MET D 102 -7.63 14.67 11.46
N LEU D 103 -6.65 14.69 12.38
CA LEU D 103 -5.48 13.83 12.31
C LEU D 103 -5.70 12.49 13.03
N TRP D 104 -6.87 12.29 13.66
CA TRP D 104 -7.23 11.07 14.39
C TRP D 104 -6.28 10.78 15.56
N ASP D 105 -5.77 11.82 16.23
CA ASP D 105 -4.87 11.63 17.37
C ASP D 105 -4.66 12.95 18.11
N LYS D 106 -4.16 12.84 19.34
CA LYS D 106 -3.79 14.01 20.15
C LYS D 106 -2.39 14.44 19.75
N VAL D 107 -2.31 15.49 18.93
CA VAL D 107 -1.06 15.98 18.42
C VAL D 107 -0.67 17.32 19.04
N LEU D 108 -1.64 18.15 19.41
CA LEU D 108 -1.42 19.48 19.93
C LEU D 108 -1.98 19.60 21.35
N PRO D 109 -1.34 20.43 22.19
CA PRO D 109 -1.82 20.62 23.56
C PRO D 109 -3.20 21.27 23.66
N SER D 110 -3.92 20.94 24.73
CA SER D 110 -5.23 21.55 25.02
C SER D 110 -5.37 22.06 26.48
N THR D 115 -0.81 26.47 28.10
CA THR D 115 -0.65 26.04 26.71
C THR D 115 0.16 27.02 25.86
N THR D 116 0.03 26.80 24.55
CA THR D 116 0.99 27.30 23.57
C THR D 116 0.78 28.78 23.24
N ASN D 117 1.88 29.48 22.98
CA ASN D 117 1.83 30.91 22.68
C ASN D 117 2.32 31.24 21.28
N CYS D 118 2.61 30.25 20.45
CA CYS D 118 3.27 30.37 19.15
C CYS D 118 2.40 29.73 18.07
N PHE D 119 2.91 29.76 16.82
CA PHE D 119 2.33 29.05 15.68
C PHE D 119 2.82 27.61 15.63
N LEU D 120 1.91 26.67 15.47
CA LEU D 120 2.27 25.26 15.31
C LEU D 120 1.88 24.80 13.91
N ARG D 121 2.87 24.39 13.13
CA ARG D 121 2.67 23.88 11.78
C ARG D 121 2.77 22.35 11.80
N VAL D 122 1.68 21.66 11.48
CA VAL D 122 1.67 20.20 11.50
C VAL D 122 2.04 19.72 10.10
N GLU D 123 3.12 18.95 10.00
CA GLU D 123 3.56 18.44 8.71
C GLU D 123 3.93 16.96 8.85
N GLY D 124 3.94 16.26 7.72
CA GLY D 124 4.28 14.86 7.72
C GLY D 124 5.75 14.55 7.45
N THR D 125 6.19 13.44 8.01
CA THR D 125 7.50 12.86 7.72
C THR D 125 7.30 11.37 7.52
N ASP D 126 8.26 10.73 6.85
CA ASP D 126 8.18 9.29 6.71
C ASP D 126 8.74 8.56 7.93
N GLY D 127 9.62 9.19 8.70
CA GLY D 127 10.10 8.57 9.93
C GLY D 127 8.99 8.43 10.94
N HIS D 128 9.17 7.50 11.88
CA HIS D 128 8.07 7.11 12.75
C HIS D 128 8.06 7.81 14.11
N GLU D 129 9.07 8.61 14.46
CA GLU D 129 9.09 9.33 15.72
C GLU D 129 8.63 10.76 15.48
N ALA D 130 7.58 11.18 16.19
CA ALA D 130 7.18 12.58 16.15
C ALA D 130 8.29 13.42 16.75
N PHE D 131 8.53 14.61 16.17
CA PHE D 131 9.57 15.48 16.70
C PHE D 131 9.29 16.92 16.32
N LEU D 132 9.96 17.83 17.03
CA LEU D 132 9.84 19.26 16.75
C LEU D 132 11.03 19.79 15.97
N LEU D 133 10.81 20.95 15.36
CA LEU D 133 11.76 21.67 14.53
C LEU D 133 11.45 23.14 14.74
N THR D 134 12.47 23.97 14.63
CA THR D 134 12.24 25.41 14.69
C THR D 134 13.11 26.08 13.63
N GLU D 135 13.13 27.41 13.62
CA GLU D 135 13.89 28.17 12.61
C GLU D 135 15.31 27.66 12.40
N GLU D 139 17.34 23.34 15.49
CA GLU D 139 17.06 22.67 16.76
C GLU D 139 15.90 21.69 16.65
N LYS D 140 16.19 20.43 16.90
CA LYS D 140 15.21 19.36 16.93
C LYS D 140 14.91 18.98 18.38
N ARG D 141 13.61 18.92 18.73
CA ARG D 141 13.14 18.63 20.08
C ARG D 141 12.31 17.36 20.10
N SER D 142 12.51 16.55 21.12
CA SER D 142 11.78 15.29 21.24
C SER D 142 10.30 15.57 21.50
N ALA D 143 9.44 14.66 21.05
CA ALA D 143 8.00 14.78 21.30
C ALA D 143 7.31 13.41 21.36
N LYS D 144 7.76 12.52 22.25
CA LYS D 144 7.18 11.18 22.33
C LYS D 144 5.72 11.19 22.79
N THR D 145 5.38 12.05 23.76
CA THR D 145 4.03 12.12 24.31
C THR D 145 3.45 13.50 24.08
N VAL D 146 2.12 13.59 24.00
CA VAL D 146 1.51 14.90 23.76
C VAL D 146 1.71 15.85 24.94
N ASN D 147 1.71 15.33 26.17
CA ASN D 147 2.00 16.19 27.31
C ASN D 147 3.47 16.59 27.34
N GLN D 148 4.36 15.68 26.93
CA GLN D 148 5.77 15.98 26.76
C GLN D 148 6.02 17.04 25.70
N LEU D 149 5.26 17.01 24.60
CA LEU D 149 5.40 18.04 23.58
C LEU D 149 5.07 19.42 24.15
N ALA D 150 4.05 19.50 25.00
CA ALA D 150 3.69 20.77 25.64
C ALA D 150 4.81 21.31 26.55
N HIS D 151 5.58 20.43 27.20
CA HIS D 151 6.67 20.95 28.02
C HIS D 151 7.80 21.55 27.18
N ALA D 152 8.18 20.90 26.09
CA ALA D 152 9.22 21.46 25.22
C ALA D 152 8.86 22.88 24.79
N LEU D 153 7.59 23.12 24.45
CA LEU D 153 7.17 24.47 24.11
C LEU D 153 7.23 25.40 25.32
N HIS D 154 6.80 24.92 26.48
CA HIS D 154 6.84 25.74 27.69
C HIS D 154 8.25 25.95 28.20
N GLN D 155 9.00 24.86 28.40
CA GLN D 155 10.34 24.97 28.97
C GLN D 155 11.19 25.97 28.21
N ASP D 156 11.07 25.99 26.88
CA ASP D 156 11.81 26.94 26.06
C ASP D 156 11.43 28.37 26.41
N LYS D 157 12.42 29.15 26.81
CA LYS D 157 12.27 30.59 27.04
C LYS D 157 12.40 31.38 25.75
N GLN D 158 13.26 30.92 24.84
CA GLN D 158 13.53 31.67 23.60
C GLN D 158 12.30 31.83 22.72
N LEU D 159 11.27 31.00 22.88
CA LEU D 159 10.11 31.13 22.00
C LEU D 159 9.27 32.34 22.41
N HIS D 160 8.31 32.68 21.56
CA HIS D 160 7.50 33.88 21.70
C HIS D 160 6.45 33.92 20.58
N ALA D 161 5.49 34.84 20.73
CA ALA D 161 4.27 34.87 19.91
C ALA D 161 4.52 34.87 18.41
N GLY D 162 5.68 35.36 17.95
CA GLY D 162 6.10 35.35 16.56
C GLY D 162 6.83 34.11 16.08
N SER D 163 7.06 33.12 16.94
CA SER D 163 7.79 31.95 16.51
C SER D 163 6.91 30.97 15.72
N LEU D 164 7.58 30.10 14.96
CA LEU D 164 6.93 29.05 14.22
C LEU D 164 7.66 27.76 14.53
N VAL D 165 6.95 26.79 15.10
CA VAL D 165 7.46 25.45 15.33
C VAL D 165 6.76 24.52 14.35
N SER D 166 7.49 23.58 13.76
CA SER D 166 6.89 22.62 12.86
C SER D 166 6.85 21.28 13.57
N VAL D 167 5.63 20.80 13.82
CA VAL D 167 5.41 19.52 14.46
C VAL D 167 5.45 18.49 13.33
N MET D 168 6.47 17.64 13.33
CA MET D 168 6.70 16.69 12.25
C MET D 168 6.04 15.37 12.60
N TRP D 169 4.93 15.10 11.97
CA TRP D 169 4.18 13.94 12.39
C TRP D 169 4.36 12.81 11.39
N PRO D 170 4.47 11.57 11.87
CA PRO D 170 4.65 10.45 10.95
C PRO D 170 3.40 10.30 10.10
N ASN D 171 3.57 10.31 8.78
CA ASN D 171 2.42 10.10 7.91
C ASN D 171 2.13 8.62 7.69
N SER D 172 2.80 7.75 8.43
CA SER D 172 2.37 6.36 8.40
C SER D 172 0.98 6.22 9.02
N LYS D 173 0.61 7.14 9.92
CA LYS D 173 -0.66 7.10 10.64
C LYS D 173 -1.73 8.00 10.05
N CYS D 174 -1.37 9.21 9.55
CA CYS D 174 -2.44 10.11 9.16
C CYS D 174 -2.59 10.17 7.65
N PRO D 175 -3.80 10.08 7.09
CA PRO D 175 -3.94 10.09 5.63
C PRO D 175 -3.80 11.46 4.99
N LEU D 176 -4.23 12.52 5.70
CA LEU D 176 -4.05 13.88 5.19
C LEU D 176 -2.57 14.19 4.93
N LEU D 177 -1.71 13.94 5.92
CA LEU D 177 -0.38 14.50 5.90
C LEU D 177 0.48 13.95 4.77
N LYS D 178 0.17 12.74 4.30
CA LYS D 178 0.91 12.17 3.17
C LYS D 178 0.41 12.66 1.82
N ASP D 179 -0.54 13.59 1.79
CA ASP D 179 -1.02 14.17 0.55
C ASP D 179 -0.59 15.62 0.39
N ASP D 180 0.48 16.01 1.07
CA ASP D 180 1.02 17.36 0.99
C ASP D 180 0.05 18.37 1.61
N LEU D 181 -0.62 17.97 2.69
CA LEU D 181 -1.47 18.87 3.44
C LEU D 181 -0.74 19.28 4.70
N VAL D 182 -0.63 20.58 4.92
CA VAL D 182 0.03 21.12 6.11
C VAL D 182 -1.04 21.88 6.89
N LEU D 183 -1.21 21.52 8.15
CA LEU D 183 -2.16 22.17 9.04
C LEU D 183 -1.40 23.07 10.00
N MET D 184 -1.93 24.26 10.22
CA MET D 184 -1.23 25.26 11.01
C MET D 184 -2.17 25.79 12.08
N ASP D 185 -1.78 25.67 13.34
CA ASP D 185 -2.55 26.16 14.47
C ASP D 185 -2.00 27.53 14.87
N SER D 186 -2.90 28.51 14.98
CA SER D 186 -2.45 29.84 15.33
C SER D 186 -2.45 30.04 16.83
N PRO D 187 -1.75 31.08 17.31
CA PRO D 187 -1.82 31.40 18.74
C PRO D 187 -3.20 31.89 19.12
N GLY D 188 -3.58 31.57 20.35
CA GLY D 188 -4.87 31.94 20.87
C GLY D 188 -5.11 33.42 20.78
N ILE D 189 -6.26 33.80 20.23
CA ILE D 189 -6.65 35.20 20.14
C ILE D 189 -7.11 35.67 21.51
N ASP D 190 -6.75 36.91 21.85
CA ASP D 190 -7.24 37.63 23.03
C ASP D 190 -7.53 39.06 22.56
N VAL D 191 -7.80 39.96 23.51
CA VAL D 191 -8.22 41.30 23.09
C VAL D 191 -7.03 42.10 22.59
N THR D 192 -5.87 41.99 23.24
CA THR D 192 -4.69 42.81 22.93
C THR D 192 -3.66 42.13 22.03
N THR D 193 -3.94 40.95 21.49
CA THR D 193 -2.92 40.23 20.72
C THR D 193 -2.48 41.04 19.50
N GLU D 194 -1.19 40.98 19.23
CA GLU D 194 -0.57 41.75 18.16
C GLU D 194 -0.37 40.79 16.98
N LEU D 195 -1.29 40.86 16.01
CA LEU D 195 -1.28 39.92 14.92
C LEU D 195 -1.37 40.58 13.54
N ASP D 196 -1.35 41.92 13.43
CA ASP D 196 -1.52 42.51 12.10
C ASP D 196 -0.36 42.07 11.22
N SER D 197 0.74 41.66 11.86
CA SER D 197 1.87 40.98 11.26
C SER D 197 1.59 39.51 10.90
N TRP D 198 0.47 38.92 11.34
CA TRP D 198 0.29 37.48 11.14
C TRP D 198 0.14 37.09 9.68
N ILE D 199 -0.61 37.88 8.90
CA ILE D 199 -0.94 37.45 7.54
C ILE D 199 0.31 37.34 6.70
N ASP D 200 1.14 38.38 6.70
CA ASP D 200 2.32 38.38 5.85
C ASP D 200 3.40 37.43 6.36
N LYS D 201 3.53 37.32 7.68
CA LYS D 201 4.56 36.46 8.27
C LYS D 201 4.26 34.97 8.04
N PHE D 202 2.97 34.58 8.08
CA PHE D 202 2.60 33.16 8.07
C PHE D 202 1.51 32.75 7.10
N CYS D 203 0.58 33.64 6.72
CA CYS D 203 -0.66 33.19 6.11
C CYS D 203 -0.77 33.43 4.62
N LEU D 204 0.29 33.94 3.97
CA LEU D 204 0.13 34.29 2.57
C LEU D 204 -0.06 33.08 1.68
N ASP D 205 0.58 31.95 1.99
CA ASP D 205 0.47 30.73 1.20
C ASP D 205 -0.56 29.75 1.75
N ALA D 206 -1.45 30.21 2.63
CA ALA D 206 -2.53 29.38 3.17
C ALA D 206 -3.72 29.39 2.21
N ASP D 207 -4.18 28.20 1.87
CA ASP D 207 -5.26 28.05 0.93
C ASP D 207 -6.63 28.10 1.60
N VAL D 208 -6.73 27.68 2.86
CA VAL D 208 -7.99 27.77 3.61
C VAL D 208 -7.71 28.26 5.03
N PHE D 209 -8.56 29.17 5.50
CA PHE D 209 -8.58 29.73 6.85
C PHE D 209 -9.80 29.20 7.56
N VAL D 210 -9.64 28.69 8.78
CA VAL D 210 -10.77 28.22 9.59
C VAL D 210 -10.90 29.09 10.86
N LEU D 211 -12.03 29.77 11.00
CA LEU D 211 -12.36 30.39 12.28
C LEU D 211 -13.13 29.36 13.11
N VAL D 212 -12.54 28.95 14.23
CA VAL D 212 -13.21 28.07 15.19
C VAL D 212 -13.85 28.96 16.26
N ALA D 213 -15.17 29.01 16.26
CA ALA D 213 -15.88 29.94 17.09
C ALA D 213 -16.70 29.17 18.14
N ASN D 214 -17.65 29.84 18.74
CA ASN D 214 -18.57 29.17 19.63
C ASN D 214 -19.97 29.48 19.15
N SER D 215 -20.81 28.45 19.18
CA SER D 215 -22.15 28.54 18.62
C SER D 215 -22.97 29.63 19.31
N GLU D 216 -22.88 29.72 20.65
CA GLU D 216 -23.63 30.65 21.49
C GLU D 216 -22.87 31.92 21.86
N SER D 217 -21.63 32.10 21.42
CA SER D 217 -20.92 33.34 21.72
C SER D 217 -20.87 34.26 20.51
N THR D 218 -20.80 35.56 20.80
CA THR D 218 -20.52 36.58 19.79
C THR D 218 -19.01 36.72 19.64
N LEU D 219 -18.57 36.93 18.40
CA LEU D 219 -17.15 36.98 18.07
C LEU D 219 -16.44 38.15 18.76
N MET D 220 -15.19 37.92 19.19
CA MET D 220 -14.40 39.03 19.70
C MET D 220 -14.08 40.05 18.60
N GLN D 221 -13.81 41.28 19.04
CA GLN D 221 -13.52 42.37 18.09
C GLN D 221 -12.19 42.17 17.38
N THR D 222 -11.23 41.51 18.03
CA THR D 222 -9.96 41.18 17.39
C THR D 222 -10.12 40.02 16.42
N GLU D 223 -10.95 39.03 16.76
CA GLU D 223 -11.22 37.94 15.83
C GLU D 223 -11.82 38.50 14.55
N LYS D 224 -12.89 39.28 14.68
CA LYS D 224 -13.52 39.87 13.50
C LYS D 224 -12.53 40.75 12.73
N HIS D 225 -11.63 41.45 13.44
CA HIS D 225 -10.69 42.31 12.74
C HIS D 225 -9.74 41.50 11.87
N PHE D 226 -9.24 40.38 12.37
CA PHE D 226 -8.29 39.57 11.62
C PHE D 226 -8.91 39.06 10.33
N PHE D 227 -10.18 38.64 10.36
CA PHE D 227 -10.82 38.06 9.17
C PHE D 227 -11.28 39.08 8.15
N HIS D 228 -11.66 40.29 8.58
CA HIS D 228 -11.70 41.41 7.65
C HIS D 228 -10.37 41.54 6.90
N LYS D 229 -9.29 41.66 7.68
CA LYS D 229 -7.99 41.91 7.10
C LYS D 229 -7.58 40.79 6.14
N VAL D 230 -7.79 39.53 6.54
CA VAL D 230 -7.49 38.43 5.62
C VAL D 230 -8.29 38.59 4.34
N SER D 231 -9.57 38.95 4.46
CA SER D 231 -10.42 39.06 3.28
C SER D 231 -9.96 40.21 2.39
N GLU D 232 -9.48 41.29 2.98
CA GLU D 232 -8.96 42.39 2.18
C GLU D 232 -7.59 42.05 1.61
N ARG D 233 -6.70 41.46 2.41
CA ARG D 233 -5.30 41.30 2.01
C ARG D 233 -5.09 40.19 0.99
N LEU D 234 -5.97 39.19 0.93
CA LEU D 234 -5.78 38.05 0.05
C LEU D 234 -6.92 37.98 -0.97
N SER D 235 -6.64 37.38 -2.13
CA SER D 235 -7.59 37.33 -3.24
C SER D 235 -8.21 35.96 -3.39
N ARG D 236 -9.55 35.91 -3.32
CA ARG D 236 -10.34 34.70 -3.29
C ARG D 236 -9.95 33.85 -2.08
N PRO D 237 -10.17 34.34 -0.87
CA PRO D 237 -9.88 33.52 0.32
C PRO D 237 -11.03 32.59 0.66
N ASN D 238 -10.66 31.38 1.07
CA ASN D 238 -11.60 30.35 1.46
C ASN D 238 -11.68 30.33 2.98
N ILE D 239 -12.85 30.69 3.50
CA ILE D 239 -13.08 30.76 4.93
C ILE D 239 -14.15 29.75 5.34
N PHE D 240 -13.80 28.88 6.27
CA PHE D 240 -14.74 28.01 6.94
C PHE D 240 -14.96 28.54 8.35
N ILE D 241 -16.19 28.50 8.82
CA ILE D 241 -16.52 28.73 10.23
C ILE D 241 -16.96 27.41 10.83
N LEU D 242 -16.22 26.92 11.81
CA LEU D 242 -16.59 25.75 12.60
C LEU D 242 -17.17 26.28 13.90
N ASN D 243 -18.41 25.91 14.19
CA ASN D 243 -19.02 26.22 15.48
C ASN D 243 -18.87 24.98 16.32
N ASN D 244 -17.97 25.04 17.31
CA ASN D 244 -17.74 23.90 18.17
C ASN D 244 -18.69 23.94 19.38
N ARG D 245 -18.47 23.02 20.33
CA ARG D 245 -19.35 22.81 21.50
C ARG D 245 -20.82 22.72 21.10
N TRP D 246 -21.08 21.85 20.12
CA TRP D 246 -22.43 21.56 19.70
C TRP D 246 -22.97 20.35 20.45
N ASP D 247 -22.18 19.86 21.42
CA ASP D 247 -22.58 18.76 22.27
C ASP D 247 -23.66 19.15 23.26
N ALA D 248 -23.85 20.46 23.48
CA ALA D 248 -24.93 20.93 24.35
C ALA D 248 -26.31 20.58 23.78
N SER D 249 -26.41 20.45 22.45
CA SER D 249 -27.67 20.11 21.80
C SER D 249 -28.14 18.67 22.08
N ALA D 250 -27.32 17.84 22.72
CA ALA D 250 -27.80 16.53 23.17
C ALA D 250 -28.86 16.70 24.25
N SER D 251 -28.63 17.63 25.18
CA SER D 251 -29.52 17.85 26.31
C SER D 251 -30.46 19.04 26.14
N GLU D 252 -30.19 19.97 25.22
CA GLU D 252 -31.13 21.06 24.94
C GLU D 252 -31.39 21.18 23.45
N PRO D 253 -31.78 20.09 22.79
CA PRO D 253 -31.88 20.14 21.32
C PRO D 253 -32.90 21.15 20.86
N GLU D 254 -33.95 21.37 21.62
CA GLU D 254 -34.95 22.35 21.19
C GLU D 254 -34.37 23.76 21.18
N TYR D 255 -33.70 24.17 22.25
CA TYR D 255 -33.09 25.49 22.24
C TYR D 255 -32.02 25.57 21.16
N MET D 256 -31.16 24.55 21.11
CA MET D 256 -30.11 24.52 20.11
C MET D 256 -30.67 24.49 18.68
N GLU D 257 -31.88 23.94 18.47
CA GLU D 257 -32.48 24.02 17.14
C GLU D 257 -32.81 25.45 16.78
N GLU D 258 -33.07 26.28 17.79
CA GLU D 258 -33.29 27.70 17.54
C GLU D 258 -31.97 28.43 17.41
N VAL D 259 -31.04 28.18 18.33
CA VAL D 259 -29.72 28.82 18.24
C VAL D 259 -29.13 28.57 16.87
N ARG D 260 -29.32 27.37 16.34
CA ARG D 260 -28.76 27.02 15.05
C ARG D 260 -29.30 27.93 13.95
N ARG D 261 -30.62 27.96 13.76
CA ARG D 261 -31.22 28.91 12.82
C ARG D 261 -30.60 30.29 12.92
N GLN D 262 -30.43 30.78 14.15
CA GLN D 262 -30.07 32.16 14.36
C GLN D 262 -28.57 32.38 14.14
N HIS D 263 -27.72 31.50 14.68
CA HIS D 263 -26.30 31.65 14.37
C HIS D 263 -26.02 31.32 12.92
N MET D 264 -26.81 30.44 12.31
CA MET D 264 -26.60 30.13 10.91
C MET D 264 -26.72 31.40 10.08
N GLU D 265 -27.67 32.27 10.40
CA GLU D 265 -27.78 33.53 9.67
C GLU D 265 -26.72 34.53 10.09
N ARG D 266 -26.29 34.51 11.35
CA ARG D 266 -25.19 35.38 11.76
C ARG D 266 -23.95 35.06 10.95
N CYS D 267 -23.68 33.77 10.74
CA CYS D 267 -22.47 33.35 10.07
C CYS D 267 -22.57 33.58 8.58
N THR D 268 -23.76 33.30 8.02
CA THR D 268 -24.00 33.55 6.61
C THR D 268 -23.95 35.03 6.28
N SER D 269 -24.46 35.89 7.18
CA SER D 269 -24.35 37.33 6.94
C SER D 269 -22.90 37.80 7.06
N PHE D 270 -22.14 37.25 8.01
CA PHE D 270 -20.74 37.61 8.15
C PHE D 270 -19.95 37.17 6.92
N LEU D 271 -20.25 35.98 6.43
CA LEU D 271 -19.52 35.43 5.30
C LEU D 271 -19.87 36.13 4.00
N VAL D 272 -21.14 36.42 3.79
CA VAL D 272 -21.57 36.94 2.50
C VAL D 272 -21.61 38.47 2.50
N ASP D 273 -21.98 39.09 3.62
CA ASP D 273 -22.20 40.52 3.59
C ASP D 273 -21.02 41.35 4.08
N GLU D 274 -20.67 41.31 5.37
CA GLU D 274 -19.59 42.16 5.83
C GLU D 274 -18.24 41.74 5.22
N LEU D 275 -18.06 40.45 4.88
CA LEU D 275 -16.80 39.97 4.31
C LEU D 275 -16.82 39.78 2.80
N GLY D 276 -17.94 39.38 2.22
CA GLY D 276 -17.99 39.24 0.78
C GLY D 276 -17.20 38.09 0.18
N VAL D 277 -16.81 37.08 0.95
CA VAL D 277 -15.98 36.00 0.41
C VAL D 277 -16.76 34.78 -0.06
N VAL D 278 -18.07 34.72 0.15
CA VAL D 278 -18.87 33.61 -0.37
C VAL D 278 -20.25 34.14 -0.75
N ASP D 279 -20.91 33.44 -1.66
CA ASP D 279 -22.29 33.78 -1.99
C ASP D 279 -23.23 32.76 -1.35
N ARG D 280 -24.43 33.24 -0.97
CA ARG D 280 -25.43 32.48 -0.22
C ARG D 280 -25.64 31.09 -0.77
N SER D 281 -25.41 30.92 -2.08
CA SER D 281 -25.59 29.62 -2.72
C SER D 281 -24.70 28.54 -2.10
N GLN D 282 -23.53 28.91 -1.58
CA GLN D 282 -22.56 27.93 -1.09
C GLN D 282 -22.10 28.21 0.35
N ALA D 283 -22.83 29.03 1.11
CA ALA D 283 -22.46 29.28 2.49
C ALA D 283 -22.79 28.10 3.38
N GLY D 284 -23.82 27.31 3.02
CA GLY D 284 -24.15 26.11 3.78
C GLY D 284 -23.07 25.05 3.71
N ASP D 285 -22.20 25.13 2.69
CA ASP D 285 -21.01 24.30 2.63
C ASP D 285 -19.81 24.97 3.32
N ARG D 286 -20.01 26.08 4.01
CA ARG D 286 -18.92 26.72 4.73
C ARG D 286 -19.12 26.84 6.23
N ILE D 287 -20.31 26.56 6.77
CA ILE D 287 -20.62 26.78 8.19
C ILE D 287 -21.09 25.46 8.81
N PHE D 288 -20.41 25.02 9.86
CA PHE D 288 -20.68 23.72 10.44
C PHE D 288 -20.78 23.79 11.95
N PHE D 289 -21.66 22.96 12.51
CA PHE D 289 -21.84 22.80 13.95
C PHE D 289 -21.30 21.43 14.31
N VAL D 290 -20.19 21.39 15.03
CA VAL D 290 -19.50 20.16 15.35
C VAL D 290 -19.13 20.20 16.82
N SER D 291 -18.76 19.02 17.34
CA SER D 291 -18.14 18.81 18.65
C SER D 291 -16.83 18.07 18.40
N ALA D 292 -15.73 18.82 18.30
CA ALA D 292 -14.45 18.18 18.03
C ALA D 292 -14.04 17.26 19.17
N LYS D 293 -14.39 17.60 20.41
CA LYS D 293 -14.02 16.76 21.55
C LYS D 293 -14.64 15.38 21.43
N GLU D 294 -15.94 15.31 21.12
CA GLU D 294 -16.60 14.04 20.92
C GLU D 294 -15.97 13.26 19.78
N VAL D 295 -15.81 13.90 18.62
CA VAL D 295 -15.25 13.23 17.44
C VAL D 295 -13.87 12.70 17.73
N LEU D 296 -13.05 13.47 18.47
CA LEU D 296 -11.70 13.03 18.81
C LEU D 296 -11.72 11.74 19.65
N ASN D 297 -12.53 11.73 20.72
CA ASN D 297 -12.64 10.52 21.54
C ASN D 297 -13.04 9.34 20.67
N ALA D 298 -14.10 9.49 19.89
CA ALA D 298 -14.59 8.40 19.07
C ALA D 298 -13.49 7.85 18.16
N ARG D 299 -12.71 8.75 17.53
CA ARG D 299 -11.71 8.28 16.59
C ARG D 299 -10.51 7.64 17.26
N ILE D 300 -10.15 8.07 18.48
CA ILE D 300 -9.11 7.38 19.21
C ILE D 300 -9.55 5.95 19.56
N GLN D 301 -10.78 5.79 20.07
CA GLN D 301 -11.31 4.46 20.36
C GLN D 301 -11.33 3.58 19.12
N LYS D 302 -12.10 4.01 18.11
CA LYS D 302 -12.28 3.32 16.83
C LYS D 302 -10.97 2.77 16.27
N ALA D 303 -9.89 3.55 16.35
CA ALA D 303 -8.65 3.21 15.66
C ALA D 303 -7.85 2.13 16.35
N GLN D 304 -8.17 1.80 17.61
CA GLN D 304 -7.49 0.75 18.35
C GLN D 304 -8.31 -0.52 18.43
N GLY D 305 -9.59 -0.40 18.77
CA GLY D 305 -10.46 -1.56 18.90
C GLY D 305 -11.75 -1.31 19.65
N MET D 306 -11.78 -0.32 20.55
CA MET D 306 -12.94 -0.06 21.37
C MET D 306 -14.14 0.36 20.53
N PRO D 307 -15.37 0.28 21.07
CA PRO D 307 -16.57 0.77 20.36
C PRO D 307 -16.42 2.20 19.83
N LEU D 313 -24.25 6.19 22.46
CA LEU D 313 -23.62 7.25 23.25
C LEU D 313 -24.66 8.29 23.68
N ALA D 314 -24.37 9.56 23.41
CA ALA D 314 -25.26 10.65 23.76
C ALA D 314 -26.29 10.88 22.68
N GLU D 315 -27.24 11.76 22.98
CA GLU D 315 -28.32 12.08 22.06
C GLU D 315 -27.77 12.88 20.87
N GLY D 316 -28.20 12.51 19.67
CA GLY D 316 -27.75 13.24 18.51
C GLY D 316 -26.30 13.05 18.15
N PHE D 317 -25.65 12.03 18.71
CA PHE D 317 -24.22 11.81 18.53
C PHE D 317 -23.88 11.52 17.07
N GLN D 318 -24.61 10.58 16.46
CA GLN D 318 -24.33 10.22 15.07
C GLN D 318 -24.59 11.40 14.12
N VAL D 319 -25.59 12.22 14.40
CA VAL D 319 -25.80 13.40 13.55
C VAL D 319 -24.60 14.36 13.66
N ARG D 320 -24.09 14.58 14.87
CA ARG D 320 -22.91 15.43 15.02
C ARG D 320 -21.67 14.75 14.46
N MET D 321 -21.57 13.44 14.61
CA MET D 321 -20.45 12.74 14.01
C MET D 321 -20.47 12.89 12.48
N PHE D 322 -21.64 12.78 11.87
CA PHE D 322 -21.72 12.90 10.44
C PHE D 322 -21.45 14.33 9.99
N GLU D 323 -21.88 15.31 10.78
CA GLU D 323 -21.61 16.68 10.37
C GLU D 323 -20.12 16.97 10.30
N PHE D 324 -19.34 16.38 11.20
CA PHE D 324 -17.90 16.59 11.12
C PHE D 324 -17.32 15.94 9.88
N GLN D 325 -17.76 14.71 9.55
CA GLN D 325 -17.27 14.07 8.33
C GLN D 325 -17.63 14.89 7.12
N ASN D 326 -18.83 15.46 7.12
CA ASN D 326 -19.24 16.33 6.03
C ASN D 326 -18.32 17.55 5.92
N PHE D 327 -18.02 18.20 7.03
CA PHE D 327 -17.07 19.32 7.00
C PHE D 327 -15.70 18.88 6.52
N GLU D 328 -15.23 17.71 6.96
CA GLU D 328 -13.94 17.24 6.50
C GLU D 328 -13.90 17.21 4.98
N ARG D 329 -14.93 16.63 4.35
CA ARG D 329 -14.99 16.52 2.90
C ARG D 329 -15.18 17.86 2.22
N ARG D 330 -16.10 18.70 2.72
CA ARG D 330 -16.28 19.97 2.02
C ARG D 330 -15.02 20.83 2.14
N PHE D 331 -14.23 20.62 3.20
CA PHE D 331 -12.98 21.34 3.30
C PHE D 331 -11.96 20.77 2.32
N GLU D 332 -11.85 19.45 2.23
CA GLU D 332 -10.88 18.90 1.32
C GLU D 332 -11.25 19.15 -0.14
N GLU D 333 -12.54 19.19 -0.49
CA GLU D 333 -12.87 19.57 -1.86
C GLU D 333 -12.38 20.98 -2.11
N CYS D 334 -12.71 21.90 -1.20
CA CYS D 334 -12.33 23.30 -1.36
C CYS D 334 -10.82 23.50 -1.47
N ILE D 335 -10.03 22.98 -0.53
CA ILE D 335 -8.59 23.24 -0.53
C ILE D 335 -7.88 22.57 -1.70
N SER D 336 -8.28 21.36 -2.09
CA SER D 336 -7.61 20.71 -3.20
C SER D 336 -7.79 21.51 -4.50
N GLN D 337 -9.01 22.02 -4.74
CA GLN D 337 -9.28 22.82 -5.93
C GLN D 337 -8.52 24.14 -5.91
N SER D 338 -8.64 24.89 -4.82
CA SER D 338 -8.11 26.25 -4.78
C SER D 338 -6.58 26.27 -4.72
N ALA D 339 -5.97 25.31 -4.02
CA ALA D 339 -4.52 25.26 -3.94
C ALA D 339 -3.90 25.03 -5.31
N VAL D 340 -4.47 24.13 -6.10
CA VAL D 340 -3.89 23.83 -7.41
C VAL D 340 -3.81 25.10 -8.24
N LYS D 341 -4.92 25.83 -8.29
CA LYS D 341 -4.95 27.13 -8.95
C LYS D 341 -3.81 28.03 -8.49
N THR D 342 -3.82 28.46 -7.22
CA THR D 342 -2.91 29.52 -6.78
C THR D 342 -1.44 29.09 -6.76
N LYS D 343 -1.15 27.81 -6.51
CA LYS D 343 0.22 27.32 -6.47
C LYS D 343 0.83 27.02 -7.84
N PHE D 344 0.00 26.84 -8.87
CA PHE D 344 0.51 26.45 -10.17
C PHE D 344 0.20 27.42 -11.30
N GLU D 345 -0.68 28.39 -11.12
CA GLU D 345 -1.07 29.30 -12.20
C GLU D 345 0.13 30.05 -12.76
N GLN D 346 0.91 30.68 -11.88
CA GLN D 346 2.02 31.54 -12.29
C GLN D 346 3.07 30.77 -13.06
N HIS D 347 3.41 29.57 -12.60
CA HIS D 347 4.41 28.76 -13.29
C HIS D 347 3.93 28.20 -14.62
N THR D 348 2.64 27.88 -14.79
CA THR D 348 2.20 27.41 -16.11
C THR D 348 2.31 28.54 -17.11
N VAL D 349 1.97 29.77 -16.69
CA VAL D 349 2.14 30.92 -17.56
C VAL D 349 3.61 31.03 -17.98
N ARG D 350 4.51 30.83 -17.02
CA ARG D 350 5.94 30.93 -17.31
C ARG D 350 6.41 29.87 -18.29
N ALA D 351 6.07 28.61 -18.06
CA ALA D 351 6.44 27.56 -19.01
C ALA D 351 5.91 27.87 -20.42
N LYS D 352 4.69 28.38 -20.53
CA LYS D 352 4.16 28.78 -21.82
C LYS D 352 5.00 29.87 -22.47
N GLN D 353 5.42 30.85 -21.69
CA GLN D 353 6.18 31.97 -22.22
C GLN D 353 7.58 31.55 -22.60
N ILE D 354 8.14 30.56 -21.89
CA ILE D 354 9.46 30.02 -22.20
C ILE D 354 9.42 29.12 -23.44
N ALA D 355 8.40 28.29 -23.58
CA ALA D 355 8.32 27.45 -24.78
C ALA D 355 8.17 28.33 -26.03
N GLU D 356 7.42 29.43 -25.91
CA GLU D 356 7.29 30.38 -27.01
C GLU D 356 8.64 30.98 -27.40
N ALA D 357 9.45 31.33 -26.40
CA ALA D 357 10.74 31.91 -26.71
C ALA D 357 11.59 30.92 -27.50
N VAL D 358 11.65 29.68 -27.01
CA VAL D 358 12.49 28.68 -27.70
C VAL D 358 11.88 28.28 -29.04
N ARG D 359 10.58 28.47 -29.25
CA ARG D 359 9.97 28.12 -30.52
C ARG D 359 10.36 29.11 -31.60
N LEU D 360 10.47 30.39 -31.24
CA LEU D 360 10.84 31.39 -32.24
C LEU D 360 12.33 31.30 -32.57
N ILE D 361 13.15 30.94 -31.58
CA ILE D 361 14.58 30.84 -31.85
C ILE D 361 14.84 29.71 -32.83
N MET D 362 14.18 28.57 -32.62
CA MET D 362 14.26 27.48 -33.60
C MET D 362 13.65 27.90 -34.94
N ASP D 363 12.58 28.70 -34.91
CA ASP D 363 11.98 29.18 -36.14
C ASP D 363 12.95 30.09 -36.90
N SER D 364 13.62 31.00 -36.18
CA SER D 364 14.61 31.88 -36.81
C SER D 364 15.79 31.09 -37.35
N LEU D 365 16.15 29.99 -36.70
CA LEU D 365 17.23 29.15 -37.19
C LEU D 365 16.82 28.46 -38.49
N HIS D 366 15.57 28.00 -38.54
CA HIS D 366 15.06 27.33 -39.74
C HIS D 366 15.14 28.24 -40.96
N MET D 367 14.65 29.49 -40.85
CA MET D 367 14.63 30.36 -42.02
CA MET D 367 14.63 30.39 -42.01
C MET D 367 16.04 30.77 -42.43
N ALA D 368 16.89 31.12 -41.46
CA ALA D 368 18.26 31.50 -41.80
C ALA D 368 18.96 30.39 -42.58
N ALA D 369 18.76 29.13 -42.18
CA ALA D 369 19.36 28.02 -42.93
C ALA D 369 18.71 27.84 -44.29
N ARG D 370 17.40 28.12 -44.41
CA ARG D 370 16.76 28.10 -45.71
C ARG D 370 17.31 29.21 -46.61
N GLU D 371 17.37 30.43 -46.09
CA GLU D 371 17.79 31.54 -46.94
C GLU D 371 19.25 31.37 -47.37
N GLN D 372 20.09 30.80 -46.51
CA GLN D 372 21.48 30.54 -46.89
C GLN D 372 21.60 29.39 -47.88
N GLN D 373 20.68 28.44 -47.87
CA GLN D 373 20.74 27.36 -48.84
C GLN D 373 20.40 27.85 -50.25
N VAL D 374 19.51 28.82 -50.36
CA VAL D 374 19.24 29.40 -51.67
C VAL D 374 20.50 30.08 -52.20
N TYR D 375 21.20 30.85 -51.34
CA TYR D 375 22.44 31.48 -51.75
C TYR D 375 23.48 30.45 -52.17
N CYS D 376 23.61 29.37 -51.39
CA CYS D 376 24.62 28.36 -51.69
C CYS D 376 24.30 27.59 -52.97
N GLU D 377 23.02 27.35 -53.26
CA GLU D 377 22.67 26.70 -54.51
C GLU D 377 23.02 27.59 -55.70
N GLU D 378 22.70 28.88 -55.59
CA GLU D 378 23.00 29.83 -56.67
C GLU D 378 24.50 29.90 -56.96
N MET D 379 25.32 29.95 -55.90
CA MET D 379 26.76 30.01 -56.12
C MET D 379 27.26 28.76 -56.81
N ARG D 380 26.57 27.65 -56.60
CA ARG D 380 26.93 26.42 -57.29
C ARG D 380 26.49 26.47 -58.74
N GLU D 381 25.30 27.01 -59.01
CA GLU D 381 24.89 27.25 -60.38
C GLU D 381 25.87 28.19 -61.06
N GLU D 382 26.31 29.22 -60.34
CA GLU D 382 27.32 30.15 -60.89
C GLU D 382 28.67 29.47 -61.01
N ARG D 383 29.04 28.59 -60.08
CA ARG D 383 30.33 27.90 -60.24
C ARG D 383 30.34 27.08 -61.52
N GLN D 384 29.18 26.51 -61.88
CA GLN D 384 29.09 25.66 -63.07
C GLN D 384 29.39 26.44 -64.35
N ASP D 385 29.03 27.72 -64.38
CA ASP D 385 29.14 28.54 -65.58
C ASP D 385 30.57 28.99 -65.86
N ARG D 386 31.49 28.72 -64.96
CA ARG D 386 32.87 29.18 -65.04
C ARG D 386 33.75 28.01 -65.48
N THR D 387 35.07 28.17 -65.35
CA THR D 387 36.04 27.23 -65.92
C THR D 387 35.87 25.79 -65.45
N ARG D 388 36.15 24.86 -66.37
CA ARG D 388 36.09 23.41 -66.09
C ARG D 388 37.08 22.98 -65.02
N GLU D 389 38.18 23.72 -64.85
CA GLU D 389 39.26 23.24 -64.00
C GLU D 389 38.84 23.39 -62.54
N ASN D 390 39.08 22.34 -61.77
CA ASN D 390 38.73 22.19 -60.36
C ASN D 390 37.23 22.05 -60.17
N LEU D 391 36.47 21.85 -61.24
CA LEU D 391 35.03 21.68 -61.14
C LEU D 391 34.63 20.39 -60.42
N GLU D 392 35.59 19.52 -60.08
CA GLU D 392 35.26 18.28 -59.39
C GLU D 392 35.08 18.53 -57.90
N GLN D 393 36.05 19.17 -57.25
CA GLN D 393 35.93 19.49 -55.83
C GLN D 393 34.98 20.66 -55.62
N GLU D 394 35.08 21.69 -56.47
CA GLU D 394 34.48 22.96 -56.11
C GLU D 394 32.96 22.85 -55.98
N ILE D 395 32.34 21.90 -56.66
CA ILE D 395 30.93 21.60 -56.38
C ILE D 395 30.82 20.59 -55.24
N ALA D 396 31.76 19.65 -55.15
CA ALA D 396 31.75 18.67 -54.07
C ALA D 396 31.70 19.35 -52.72
N ALA D 397 32.56 20.34 -52.50
CA ALA D 397 32.48 21.09 -51.25
C ALA D 397 31.14 21.78 -51.11
N MET D 398 30.66 22.40 -52.20
CA MET D 398 29.45 23.21 -52.11
C MET D 398 28.20 22.35 -51.94
N ASN D 399 28.15 21.17 -52.56
CA ASN D 399 27.01 20.31 -52.31
C ASN D 399 27.03 19.75 -50.90
N LYS D 400 28.22 19.52 -50.35
CA LYS D 400 28.33 19.03 -48.98
C LYS D 400 27.77 20.08 -48.02
N LYS D 401 28.17 21.34 -48.20
CA LYS D 401 27.65 22.43 -47.38
C LYS D 401 26.14 22.55 -47.53
N ILE D 402 25.63 22.36 -48.76
CA ILE D 402 24.19 22.45 -48.99
C ILE D 402 23.44 21.35 -48.23
N GLU D 403 24.07 20.18 -48.05
CA GLU D 403 23.35 19.13 -47.32
C GLU D 403 23.30 19.42 -45.82
N VAL D 404 24.39 19.92 -45.23
CA VAL D 404 24.33 20.35 -43.83
C VAL D 404 23.21 21.35 -43.62
N LEU D 405 23.08 22.35 -44.50
CA LEU D 405 22.02 23.32 -44.32
C LEU D 405 20.64 22.65 -44.34
N ASP D 406 20.47 21.61 -45.17
CA ASP D 406 19.19 20.89 -45.15
C ASP D 406 18.96 20.15 -43.85
N SER D 407 19.97 19.46 -43.32
CA SER D 407 19.82 18.75 -42.06
C SER D 407 19.58 19.72 -40.90
N LEU D 408 20.29 20.83 -40.89
CA LEU D 408 20.04 21.86 -39.90
C LEU D 408 18.62 22.39 -40.01
N GLN D 409 18.08 22.48 -41.22
CA GLN D 409 16.69 22.90 -41.38
C GLN D 409 15.73 21.88 -40.79
N SER D 410 16.02 20.60 -41.00
CA SER D 410 15.12 19.55 -40.52
C SER D 410 15.11 19.51 -39.01
N LYS D 411 16.30 19.48 -38.40
CA LYS D 411 16.40 19.52 -36.95
C LYS D 411 15.69 20.73 -36.35
N ALA D 412 15.80 21.90 -36.99
CA ALA D 412 15.14 23.08 -36.45
C ALA D 412 13.64 22.97 -36.55
N LYS D 413 13.13 22.42 -37.66
CA LYS D 413 11.70 22.24 -37.81
C LYS D 413 11.17 21.28 -36.75
N LEU D 414 11.91 20.20 -36.50
CA LEU D 414 11.49 19.25 -35.50
C LEU D 414 11.42 19.89 -34.13
N LEU D 415 12.51 20.56 -33.74
CA LEU D 415 12.55 21.15 -32.40
C LEU D 415 11.50 22.24 -32.27
N ARG D 416 11.25 22.98 -33.34
CA ARG D 416 10.17 23.95 -33.32
C ARG D 416 8.82 23.26 -33.05
N ASN D 417 8.60 22.08 -33.64
CA ASN D 417 7.31 21.40 -33.45
C ASN D 417 7.18 20.83 -32.05
N LYS D 418 8.30 20.37 -31.46
CA LYS D 418 8.26 19.89 -30.08
C LYS D 418 7.93 21.00 -29.08
N ALA D 419 8.24 22.25 -29.40
CA ALA D 419 7.80 23.32 -28.51
C ALA D 419 6.30 23.53 -28.58
N GLY D 420 5.69 23.31 -29.76
CA GLY D 420 4.26 23.51 -29.90
C GLY D 420 3.48 22.48 -29.12
N TRP D 421 4.06 21.29 -28.96
CA TRP D 421 3.45 20.18 -28.26
C TRP D 421 3.45 20.43 -26.75
N LEU D 422 4.60 20.84 -26.22
CA LEU D 422 4.69 21.35 -24.85
C LEU D 422 3.70 22.48 -24.62
N ASP D 423 3.54 23.38 -25.60
CA ASP D 423 2.52 24.42 -25.47
C ASP D 423 1.14 23.83 -25.28
N SER D 424 0.77 22.82 -26.07
CA SER D 424 -0.55 22.22 -25.90
C SER D 424 -0.70 21.53 -24.55
N GLU D 425 0.34 20.86 -24.05
CA GLU D 425 0.19 20.21 -22.75
C GLU D 425 -0.16 21.24 -21.66
N LEU D 426 0.51 22.40 -21.68
CA LEU D 426 0.19 23.44 -20.71
C LEU D 426 -1.20 24.01 -20.96
N ASN D 427 -1.61 24.09 -22.22
CA ASN D 427 -2.96 24.58 -22.51
C ASN D 427 -4.00 23.60 -21.98
N MET D 428 -3.76 22.32 -22.16
CA MET D 428 -4.64 21.29 -21.64
C MET D 428 -4.64 21.30 -20.12
N PHE D 429 -3.44 21.43 -19.53
CA PHE D 429 -3.34 21.57 -18.07
C PHE D 429 -4.08 22.80 -17.57
N THR D 430 -3.95 23.94 -18.25
CA THR D 430 -4.76 25.09 -17.86
C THR D 430 -6.25 24.76 -17.95
N HIS D 431 -6.68 24.04 -18.99
CA HIS D 431 -8.10 23.76 -19.14
C HIS D 431 -8.62 22.90 -17.99
N GLN D 432 -7.85 21.90 -17.55
CA GLN D 432 -8.36 21.01 -16.50
C GLN D 432 -8.30 21.63 -15.10
N TYR D 433 -7.18 22.24 -14.72
CA TYR D 433 -6.94 22.57 -13.32
C TYR D 433 -6.85 24.05 -13.01
N LEU D 434 -6.88 24.94 -13.99
CA LEU D 434 -6.63 26.36 -13.70
C LEU D 434 -7.72 27.26 -14.24
N GLN D 435 -8.84 26.76 -14.52
CA GLN D 435 -9.69 27.83 -15.02
C GLN D 435 -10.47 28.46 -13.88
N PRO D 436 -10.92 29.71 -14.06
CA PRO D 436 -11.55 30.43 -12.95
C PRO D 436 -12.77 29.71 -12.40
N SER D 437 -13.07 28.53 -12.94
CA SER D 437 -13.96 27.56 -12.32
C SER D 437 -13.58 27.36 -10.86
C1 GOL E . -18.26 -13.11 42.69
O1 GOL E . -19.52 -12.51 42.49
C2 GOL E . -18.31 -14.21 43.77
O2 GOL E . -17.53 -15.32 43.37
C3 GOL E . -17.80 -13.67 45.11
O3 GOL E . -18.19 -14.55 46.15
CA CA F . 37.83 6.77 0.48
#